data_7OGL
#
_entry.id   7OGL
#
_cell.length_a   1.00
_cell.length_b   1.00
_cell.length_c   1.00
_cell.angle_alpha   90.00
_cell.angle_beta   90.00
_cell.angle_gamma   90.00
#
_symmetry.space_group_name_H-M   'P 1'
#
loop_
_entity.id
_entity.type
_entity.pdbx_description
1 polymer 'Polyribonucleotide nucleotidyltransferase'
2 water water
#
_entity_poly.entity_id   1
_entity_poly.type   'polypeptide(L)'
_entity_poly.pdbx_seq_one_letter_code
;MLNPIVRKFQYGQHTVTLETGMMARQATAAVMVSMDDTAVFVTVVGQKKAKPGQDFFPLTVNYQERTYAAGRIPGSFFRR
EGRPSEGETLIARLIDRPIRPLFPEGFVNEVQVIATVVSVNPQVNPDIVAMIGASAALSLSGIPFNGPIGAARVGYINDQ
YVLNPTQDELKESKLDLVVAGTEAAVLMVESEAQLLSEDQMLGAVVFGHEQQQVVIQNINELVKEAGKPRWDWQPEPVNE
ALNARVAALAEARLSDAYRITDKQERYAQVDVIKSETIATLLAEDETLDENELGEILHAIEKNVVRSRVLAGEPRIDGRE
KDMIRGLDVRTGVLPRTHGSALFTRGETQALVTATLGTARDAQVLDELMGERTDTFLFHYNFPPYSVGETGMVGSPKRRE
IGHGRLAKRGVLAVMPDMDKFPYTVRVVSEITESNGSSSMASVCGASLALMDAGVPIKAAVAGIAMGLVKEGDNYVVLSD
ILGDEDHLGDMDFKVAGSRDGISALQMDIKIEGITKEIMQVALNQAKGARLHILGVMEQAINAPRGDISEFAPRIHTIKI
NPDKIKDVIGKGGSVIRALTEETGTTIEIEDDGTVKIAATDGEKAKHAIRRIEEITAEIEVGRVYTGKVTRIVDFGAFVA
IGGGKEGLVHISQIADKRVEKVTDYLQMGQEVPVKVLEVDRQGRIRLSIKEATEQSQPAAAPEAPAAEQGE
;
_entity_poly.pdbx_strand_id   A,B,C
#
# COMPACT_ATOMS: atom_id res chain seq x y z
N MET A 1 22.07 39.35 -4.87
CA MET A 1 20.67 39.60 -4.46
C MET A 1 20.32 38.62 -3.37
N LEU A 2 20.01 37.41 -3.74
CA LEU A 2 19.75 36.47 -2.65
C LEU A 2 21.06 36.43 -1.87
N ASN A 3 20.98 36.50 -0.53
CA ASN A 3 22.21 36.52 0.30
C ASN A 3 22.02 35.62 1.53
N PRO A 4 22.72 34.45 1.64
CA PRO A 4 22.62 33.61 2.83
C PRO A 4 23.50 34.07 4.00
N ILE A 5 22.94 34.08 5.20
CA ILE A 5 23.68 34.45 6.44
C ILE A 5 24.11 33.17 7.12
N VAL A 6 25.39 32.83 7.19
CA VAL A 6 25.85 31.52 7.71
C VAL A 6 26.68 31.65 8.97
N ARG A 7 26.44 30.77 9.95
CA ARG A 7 27.21 30.76 11.22
C ARG A 7 27.66 29.32 11.42
N LYS A 8 28.97 29.04 11.32
CA LYS A 8 29.36 27.66 11.38
C LYS A 8 30.10 27.50 12.65
N PHE A 9 29.62 26.62 13.53
CA PHE A 9 30.34 26.36 14.80
C PHE A 9 30.96 24.98 14.73
N GLN A 10 31.26 24.42 15.90
CA GLN A 10 31.82 23.05 15.90
C GLN A 10 31.07 22.26 16.94
N TYR A 11 31.05 20.92 16.96
CA TYR A 11 30.16 20.18 17.87
C TYR A 11 30.54 18.70 17.82
N GLY A 12 31.27 18.24 18.83
CA GLY A 12 31.61 16.81 19.01
C GLY A 12 32.30 16.18 17.81
N GLN A 13 33.37 16.82 17.32
CA GLN A 13 34.21 16.36 16.17
C GLN A 13 33.49 16.59 14.83
N HIS A 14 32.33 17.20 14.75
CA HIS A 14 31.74 17.47 13.43
C HIS A 14 31.48 18.94 13.38
N THR A 15 31.07 19.50 12.28
CA THR A 15 30.98 20.96 12.23
C THR A 15 29.66 21.44 11.69
N VAL A 16 28.75 21.82 12.52
CA VAL A 16 27.41 22.19 12.09
C VAL A 16 27.53 23.50 11.43
N THR A 17 26.64 23.73 10.46
CA THR A 17 26.56 24.99 9.68
C THR A 17 25.08 25.35 9.51
N LEU A 18 24.68 26.59 9.80
CA LEU A 18 23.31 27.14 9.75
C LEU A 18 23.25 28.18 8.63
N GLU A 19 22.27 28.06 7.73
CA GLU A 19 22.07 28.99 6.61
C GLU A 19 20.60 29.46 6.60
N THR A 20 20.37 30.73 6.24
CA THR A 20 19.04 31.38 6.31
C THR A 20 18.87 32.34 5.12
N GLY A 21 17.65 32.81 4.87
CA GLY A 21 17.38 33.93 3.96
C GLY A 21 17.35 33.49 2.50
N MET A 22 18.12 32.48 2.11
CA MET A 22 18.38 32.12 0.69
C MET A 22 17.13 31.53 0.03
N MET A 23 16.37 30.70 0.74
CA MET A 23 15.33 29.84 0.13
C MET A 23 14.12 29.64 1.06
N ALA A 24 12.96 29.37 0.47
CA ALA A 24 11.62 29.39 1.11
C ALA A 24 11.41 30.69 1.88
N ARG A 25 11.85 31.82 1.32
CA ARG A 25 11.80 33.18 1.92
C ARG A 25 10.35 33.61 2.22
N GLN A 26 9.34 32.91 1.69
CA GLN A 26 7.89 33.24 1.90
C GLN A 26 7.32 32.47 3.09
N ALA A 27 8.02 31.48 3.64
CA ALA A 27 7.68 30.83 4.93
C ALA A 27 8.03 31.79 6.07
N THR A 28 7.44 31.59 7.25
CA THR A 28 7.64 32.48 8.44
C THR A 28 9.13 32.47 8.81
N ALA A 29 9.78 31.29 8.78
CA ALA A 29 11.26 31.16 8.85
C ALA A 29 11.68 29.81 8.25
N ALA A 30 12.87 29.75 7.67
CA ALA A 30 13.41 28.55 6.98
C ALA A 30 14.91 28.46 7.21
N VAL A 31 15.41 27.28 7.55
CA VAL A 31 16.84 27.06 7.92
C VAL A 31 17.34 25.78 7.23
N MET A 32 18.49 25.87 6.59
CA MET A 32 19.20 24.68 6.08
C MET A 32 20.31 24.35 7.08
N VAL A 33 20.07 23.32 7.92
CA VAL A 33 21.05 22.95 8.97
C VAL A 33 21.84 21.76 8.42
N SER A 34 23.14 21.68 8.69
CA SER A 34 23.96 20.60 8.08
C SER A 34 25.15 20.23 8.97
N MET A 35 25.19 18.99 9.47
CA MET A 35 26.35 18.52 10.27
C MET A 35 27.11 17.53 9.39
N ASP A 36 28.40 17.78 9.12
CA ASP A 36 29.17 16.93 8.18
C ASP A 36 28.43 17.01 6.88
N ASP A 37 28.00 15.87 6.34
CA ASP A 37 27.31 15.85 5.02
C ASP A 37 25.81 15.66 5.23
N THR A 38 25.38 15.41 6.46
CA THR A 38 23.93 15.13 6.69
C THR A 38 23.21 16.49 6.76
N ALA A 39 22.41 16.81 5.74
CA ALA A 39 21.75 18.13 5.64
C ALA A 39 20.23 17.98 5.66
N VAL A 40 19.55 18.88 6.34
CA VAL A 40 18.08 18.82 6.52
C VAL A 40 17.53 20.23 6.44
N PHE A 41 16.49 20.42 5.65
CA PHE A 41 15.88 21.74 5.40
C PHE A 41 14.61 21.83 6.25
N VAL A 42 14.56 22.79 7.18
CA VAL A 42 13.48 22.85 8.20
C VAL A 42 12.80 24.21 8.11
N THR A 43 11.48 24.23 8.08
CA THR A 43 10.67 25.46 7.79
C THR A 43 9.49 25.50 8.75
N VAL A 44 9.15 26.69 9.23
CA VAL A 44 7.99 26.94 10.13
C VAL A 44 7.01 27.85 9.39
N VAL A 45 5.71 27.53 9.51
CA VAL A 45 4.60 28.45 9.16
C VAL A 45 3.65 28.47 10.35
N GLY A 46 3.25 29.67 10.79
CA GLY A 46 2.22 29.87 11.82
C GLY A 46 1.32 31.02 11.42
N GLN A 47 0.00 30.87 11.52
CA GLN A 47 -0.97 31.90 11.06
C GLN A 47 -1.23 32.89 12.21
N LYS A 48 -1.23 34.19 11.91
CA LYS A 48 -1.26 35.27 12.93
C LYS A 48 -2.67 35.38 13.52
N LYS A 49 -3.72 35.14 12.74
CA LYS A 49 -5.13 35.27 13.19
C LYS A 49 -5.60 33.95 13.84
N ALA A 50 -5.70 33.92 15.16
CA ALA A 50 -6.16 32.76 15.96
C ALA A 50 -7.64 32.52 15.67
N LYS A 51 -8.02 31.30 15.27
CA LYS A 51 -9.43 30.91 14.95
C LYS A 51 -10.32 31.25 16.14
N PRO A 52 -11.43 32.03 15.96
CA PRO A 52 -12.22 32.54 17.09
C PRO A 52 -12.83 31.47 18.01
N GLY A 53 -13.16 30.28 17.47
CA GLY A 53 -13.77 29.17 18.22
C GLY A 53 -12.75 28.40 19.02
N GLN A 54 -11.45 28.48 18.69
CA GLN A 54 -10.43 27.47 19.06
C GLN A 54 -10.08 27.54 20.55
N ASP A 55 -9.74 26.37 21.13
CA ASP A 55 -9.55 26.21 22.60
C ASP A 55 -8.43 25.21 22.92
N PHE A 56 -7.65 24.74 21.95
CA PHE A 56 -6.43 23.92 22.18
C PHE A 56 -5.34 24.43 21.25
N PHE A 57 -4.10 23.95 21.35
CA PHE A 57 -2.97 24.33 20.45
C PHE A 57 -2.79 23.31 19.33
N PRO A 58 -3.13 23.63 18.06
CA PRO A 58 -2.90 22.71 16.94
C PRO A 58 -1.49 22.86 16.32
N LEU A 59 -0.52 22.23 16.99
CA LEU A 59 0.87 22.05 16.48
C LEU A 59 0.96 20.75 15.68
N THR A 60 1.48 20.82 14.46
CA THR A 60 1.77 19.66 13.59
C THR A 60 3.25 19.66 13.20
N VAL A 61 3.93 18.53 13.34
CA VAL A 61 5.35 18.36 12.91
C VAL A 61 5.43 17.20 11.92
N ASN A 62 6.03 17.43 10.76
CA ASN A 62 6.17 16.43 9.67
C ASN A 62 7.67 16.28 9.38
N TYR A 63 8.18 15.05 9.44
CA TYR A 63 9.58 14.73 9.11
C TYR A 63 9.58 13.75 7.93
N GLN A 64 10.24 14.10 6.83
CA GLN A 64 10.22 13.26 5.59
C GLN A 64 11.63 13.04 5.08
N GLU A 65 11.92 11.82 4.63
CA GLU A 65 13.25 11.40 4.14
C GLU A 65 13.19 11.15 2.62
N ARG A 66 13.64 12.14 1.84
CA ARG A 66 13.76 12.03 0.36
C ARG A 66 14.84 11.00 0.02
N THR A 67 14.58 10.06 -0.87
CA THR A 67 15.55 8.98 -1.22
C THR A 67 16.71 9.53 -2.05
N TYR A 68 16.53 10.68 -2.72
CA TYR A 68 17.60 11.30 -3.54
C TYR A 68 18.72 11.79 -2.61
N ALA A 69 18.43 11.99 -1.33
CA ALA A 69 19.41 12.37 -0.28
C ALA A 69 20.49 11.29 -0.08
N ALA A 70 20.30 10.05 -0.53
CA ALA A 70 21.30 8.98 -0.49
C ALA A 70 21.72 8.53 -1.89
N GLY A 71 21.28 9.25 -2.94
CA GLY A 71 21.52 8.89 -4.36
C GLY A 71 21.01 7.50 -4.73
N ARG A 72 19.79 7.17 -4.33
CA ARG A 72 19.07 5.93 -4.74
C ARG A 72 17.70 6.28 -5.32
N ILE A 73 17.32 5.57 -6.38
CA ILE A 73 15.97 5.56 -7.01
C ILE A 73 15.02 4.86 -6.03
N PRO A 74 13.73 5.27 -5.88
CA PRO A 74 12.81 4.64 -4.93
C PRO A 74 12.61 3.12 -5.08
N GLY A 75 12.28 2.63 -6.28
CA GLY A 75 11.99 1.21 -6.54
C GLY A 75 10.94 0.61 -5.59
N SER A 76 9.76 1.26 -5.48
CA SER A 76 8.67 0.83 -4.58
C SER A 76 7.28 1.11 -5.19
N PHE A 77 6.27 0.43 -4.63
CA PHE A 77 4.88 0.35 -5.18
C PHE A 77 4.08 1.57 -4.70
N PHE A 78 4.08 1.85 -3.39
CA PHE A 78 3.16 2.81 -2.73
C PHE A 78 3.65 4.27 -2.87
N ARG A 79 3.20 4.95 -3.93
CA ARG A 79 3.40 6.42 -4.19
C ARG A 79 4.87 6.83 -3.99
N ARG A 80 5.82 5.97 -4.37
CA ARG A 80 7.30 6.12 -4.23
C ARG A 80 7.67 6.49 -2.78
N GLU A 81 7.12 5.74 -1.82
CA GLU A 81 7.17 6.00 -0.35
C GLU A 81 6.50 7.37 -0.06
N GLY A 82 5.23 7.49 -0.43
CA GLY A 82 4.40 8.71 -0.23
C GLY A 82 3.99 8.86 1.23
N ARG A 83 3.37 7.83 1.81
CA ARG A 83 2.91 7.84 3.23
C ARG A 83 4.14 7.83 4.13
N PRO A 84 4.09 8.48 5.32
CA PRO A 84 5.20 8.41 6.27
C PRO A 84 5.23 7.02 6.92
N SER A 85 6.41 6.39 6.92
CA SER A 85 6.63 5.08 7.59
C SER A 85 6.66 5.26 9.11
N GLU A 86 6.74 4.15 9.85
CA GLU A 86 7.14 4.16 11.30
C GLU A 86 8.43 4.95 11.50
N GLY A 87 9.47 4.64 10.71
CA GLY A 87 10.81 5.24 10.82
C GLY A 87 10.81 6.75 10.75
N GLU A 88 9.81 7.37 10.12
CA GLU A 88 9.65 8.84 10.00
C GLU A 88 8.78 9.36 11.14
N THR A 89 7.66 8.70 11.43
CA THR A 89 6.65 9.14 12.42
C THR A 89 7.30 9.27 13.80
N LEU A 90 8.14 8.30 14.20
CA LEU A 90 8.88 8.31 15.48
C LEU A 90 9.79 9.54 15.56
N ILE A 91 10.51 9.90 14.48
CA ILE A 91 11.42 11.07 14.49
C ILE A 91 10.59 12.35 14.63
N ALA A 92 9.40 12.40 14.04
CA ALA A 92 8.47 13.56 14.19
C ALA A 92 8.09 13.69 15.67
N ARG A 93 7.81 12.59 16.36
CA ARG A 93 7.49 12.57 17.82
C ARG A 93 8.69 13.06 18.64
N LEU A 94 9.92 12.67 18.26
CA LEU A 94 11.17 13.09 18.94
C LEU A 94 11.34 14.62 18.81
N ILE A 95 10.83 15.24 17.75
CA ILE A 95 10.87 16.72 17.58
C ILE A 95 9.71 17.36 18.35
N ASP A 96 8.52 16.74 18.31
CA ASP A 96 7.26 17.28 18.91
C ASP A 96 7.41 17.36 20.44
N ARG A 97 7.84 16.28 21.09
CA ARG A 97 7.82 16.11 22.57
C ARG A 97 8.53 17.26 23.29
N PRO A 98 9.79 17.64 22.95
CA PRO A 98 10.45 18.75 23.63
C PRO A 98 9.89 20.14 23.27
N ILE A 99 9.33 20.30 22.06
CA ILE A 99 8.84 21.61 21.52
C ILE A 99 7.51 21.98 22.17
N ARG A 100 6.54 21.05 22.20
CA ARG A 100 5.09 21.31 22.47
C ARG A 100 4.87 22.05 23.80
N PRO A 101 5.49 21.69 24.95
CA PRO A 101 5.24 22.41 26.19
C PRO A 101 5.95 23.77 26.31
N LEU A 102 6.83 24.10 25.36
CA LEU A 102 7.71 25.30 25.41
C LEU A 102 7.03 26.52 24.78
N PHE A 103 5.88 26.34 24.12
CA PHE A 103 5.00 27.46 23.71
C PHE A 103 4.31 28.03 24.94
N PRO A 104 3.98 29.35 24.97
CA PRO A 104 3.42 29.96 26.17
C PRO A 104 1.98 29.52 26.43
N GLU A 105 1.55 29.56 27.69
CA GLU A 105 0.15 29.21 28.12
C GLU A 105 -0.83 30.14 27.40
N GLY A 106 -1.89 29.56 26.81
CA GLY A 106 -2.99 30.30 26.16
C GLY A 106 -2.74 30.57 24.68
N PHE A 107 -1.58 30.17 24.15
CA PHE A 107 -1.29 30.20 22.68
C PHE A 107 -2.13 29.12 22.00
N VAL A 108 -2.86 29.48 20.95
CA VAL A 108 -3.81 28.58 20.22
C VAL A 108 -3.71 28.76 18.70
N ASN A 109 -2.72 29.51 18.20
CA ASN A 109 -2.49 29.69 16.74
C ASN A 109 -2.03 28.36 16.16
N GLU A 110 -2.47 28.02 14.94
CA GLU A 110 -1.98 26.83 14.20
C GLU A 110 -0.53 27.07 13.76
N VAL A 111 0.34 26.10 14.04
CA VAL A 111 1.78 26.12 13.64
C VAL A 111 2.11 24.79 12.97
N GLN A 112 2.88 24.80 11.88
CA GLN A 112 3.31 23.58 11.17
C GLN A 112 4.82 23.62 10.93
N VAL A 113 5.54 22.60 11.39
CA VAL A 113 7.01 22.44 11.19
C VAL A 113 7.24 21.31 10.20
N ILE A 114 7.90 21.58 9.06
CA ILE A 114 8.27 20.51 8.09
C ILE A 114 9.80 20.41 8.04
N ALA A 115 10.33 19.23 8.34
CA ALA A 115 11.76 18.88 8.19
C ALA A 115 11.93 17.90 7.02
N THR A 116 12.67 18.27 5.98
CA THR A 116 12.93 17.38 4.81
C THR A 116 14.43 17.08 4.74
N VAL A 117 14.82 15.81 4.82
CA VAL A 117 16.27 15.41 4.72
C VAL A 117 16.70 15.51 3.25
N VAL A 118 17.69 16.34 2.93
CA VAL A 118 18.11 16.59 1.51
C VAL A 118 19.48 15.98 1.18
N SER A 119 20.31 15.64 2.18
CA SER A 119 21.59 14.90 2.01
C SER A 119 21.88 14.02 3.23
N VAL A 120 22.54 12.88 3.08
CA VAL A 120 22.98 12.04 4.24
C VAL A 120 24.35 11.42 3.95
N ASN A 121 25.36 11.73 4.77
CA ASN A 121 26.54 10.85 5.00
C ASN A 121 26.05 9.65 5.81
N PRO A 122 26.24 8.38 5.39
CA PRO A 122 25.68 7.23 6.11
C PRO A 122 26.10 7.09 7.59
N GLN A 123 27.23 7.68 8.00
CA GLN A 123 27.75 7.57 9.40
C GLN A 123 27.06 8.60 10.32
N VAL A 124 26.44 9.68 9.84
CA VAL A 124 25.84 10.71 10.73
C VAL A 124 24.34 10.85 10.62
N ASN A 125 23.51 10.34 11.53
CA ASN A 125 22.03 10.22 11.56
C ASN A 125 21.42 11.61 11.45
N PRO A 126 20.44 11.85 10.55
CA PRO A 126 19.81 13.17 10.43
C PRO A 126 18.83 13.58 11.54
N ASP A 127 18.44 12.69 12.45
CA ASP A 127 17.35 12.98 13.45
C ASP A 127 17.75 14.16 14.37
N ILE A 128 18.92 14.07 15.01
CA ILE A 128 19.34 15.12 15.98
C ILE A 128 19.83 16.33 15.18
N VAL A 129 19.90 16.24 13.85
CA VAL A 129 20.25 17.46 13.05
C VAL A 129 18.91 18.15 12.81
N ALA A 130 17.88 17.37 12.54
CA ALA A 130 16.49 17.87 12.38
C ALA A 130 16.06 18.56 13.68
N MET A 131 16.43 18.02 14.84
CA MET A 131 16.03 18.58 16.17
C MET A 131 16.65 19.98 16.37
N ILE A 132 17.92 20.19 16.05
CA ILE A 132 18.57 21.52 16.19
C ILE A 132 18.06 22.45 15.07
N GLY A 133 17.67 21.92 13.91
CA GLY A 133 17.03 22.68 12.83
C GLY A 133 15.67 23.22 13.23
N ALA A 134 14.83 22.41 13.88
CA ALA A 134 13.50 22.83 14.36
C ALA A 134 13.69 23.95 15.39
N SER A 135 14.64 23.79 16.30
CA SER A 135 15.02 24.80 17.32
C SER A 135 15.35 26.13 16.64
N ALA A 136 16.23 26.11 15.62
CA ALA A 136 16.63 27.30 14.83
C ALA A 136 15.40 27.92 14.16
N ALA A 137 14.60 27.13 13.46
CA ALA A 137 13.48 27.61 12.61
C ALA A 137 12.41 28.27 13.47
N LEU A 138 12.05 27.71 14.64
CA LEU A 138 11.12 28.37 15.60
C LEU A 138 11.75 29.68 16.11
N SER A 139 13.04 29.67 16.50
CA SER A 139 13.67 30.79 17.25
C SER A 139 13.96 31.97 16.31
N LEU A 140 14.19 31.72 15.02
CA LEU A 140 14.39 32.74 13.95
C LEU A 140 13.07 33.46 13.65
N SER A 141 11.94 32.75 13.72
CA SER A 141 10.59 33.31 13.44
C SER A 141 10.20 34.30 14.55
N GLY A 142 9.15 35.10 14.32
CA GLY A 142 8.58 35.99 15.33
C GLY A 142 7.78 35.26 16.42
N ILE A 143 7.59 33.95 16.28
CA ILE A 143 6.55 33.19 17.04
C ILE A 143 6.94 33.17 18.52
N PRO A 144 5.99 33.42 19.46
CA PRO A 144 6.31 33.47 20.88
C PRO A 144 6.63 32.07 21.45
N PHE A 145 7.91 31.85 21.80
CA PHE A 145 8.50 30.52 22.07
C PHE A 145 9.59 30.68 23.14
N ASN A 146 9.58 29.86 24.19
CA ASN A 146 10.40 30.11 25.42
C ASN A 146 11.82 29.59 25.21
N GLY A 147 12.56 30.24 24.31
CA GLY A 147 14.02 30.07 24.14
C GLY A 147 14.37 28.83 23.32
N PRO A 148 15.59 28.79 22.74
CA PRO A 148 16.00 27.67 21.92
C PRO A 148 16.25 26.37 22.71
N ILE A 149 16.13 25.26 22.04
CA ILE A 149 16.43 23.88 22.56
C ILE A 149 17.70 23.37 21.86
N GLY A 150 18.56 22.68 22.60
CA GLY A 150 19.64 21.87 22.02
C GLY A 150 19.16 20.47 21.73
N ALA A 151 20.00 19.64 21.13
CA ALA A 151 19.83 18.17 21.13
C ALA A 151 21.19 17.50 21.05
N ALA A 152 21.33 16.34 21.70
CA ALA A 152 22.58 15.56 21.79
C ALA A 152 22.24 14.07 21.88
N ARG A 153 23.07 13.22 21.27
CA ARG A 153 23.00 11.76 21.47
C ARG A 153 24.26 11.32 22.21
N VAL A 154 24.15 10.58 23.30
CA VAL A 154 25.32 10.10 24.07
C VAL A 154 25.41 8.58 23.92
N GLY A 155 26.61 8.08 23.68
CA GLY A 155 26.97 6.65 23.73
C GLY A 155 27.87 6.35 24.91
N TYR A 156 28.05 5.06 25.22
CA TYR A 156 28.92 4.58 26.32
C TYR A 156 29.85 3.51 25.75
N ILE A 157 31.16 3.76 25.76
CA ILE A 157 32.20 2.86 25.16
C ILE A 157 33.40 2.81 26.11
N ASN A 158 33.88 1.61 26.44
CA ASN A 158 35.07 1.37 27.31
C ASN A 158 34.99 2.24 28.57
N ASP A 159 33.79 2.36 29.17
CA ASP A 159 33.49 3.12 30.41
C ASP A 159 33.77 4.63 30.26
N GLN A 160 33.68 5.17 29.05
CA GLN A 160 33.66 6.65 28.82
C GLN A 160 32.41 7.04 28.02
N TYR A 161 31.80 8.15 28.38
CA TYR A 161 30.72 8.77 27.57
C TYR A 161 31.31 9.33 26.28
N VAL A 162 30.55 9.24 25.19
CA VAL A 162 30.92 9.77 23.85
C VAL A 162 29.77 10.60 23.32
N LEU A 163 30.04 11.85 22.92
CA LEU A 163 29.03 12.73 22.27
C LEU A 163 28.85 12.37 20.80
N ASN A 164 27.61 12.43 20.31
CA ASN A 164 27.29 12.19 18.87
C ASN A 164 28.11 11.04 18.29
N PRO A 165 27.96 9.75 18.71
CA PRO A 165 28.73 8.69 18.07
C PRO A 165 28.27 8.47 16.63
N THR A 166 29.21 8.12 15.75
CA THR A 166 28.90 7.72 14.35
C THR A 166 28.26 6.33 14.33
N GLN A 167 27.54 6.03 13.26
CA GLN A 167 26.66 4.85 13.15
C GLN A 167 27.45 3.53 13.30
N ASP A 168 28.78 3.57 13.14
CA ASP A 168 29.70 2.43 13.38
C ASP A 168 30.10 2.33 14.86
N GLU A 169 30.49 3.44 15.49
CA GLU A 169 30.79 3.50 16.94
C GLU A 169 29.58 3.03 17.76
N LEU A 170 28.36 3.34 17.29
CA LEU A 170 27.11 3.02 18.02
C LEU A 170 27.00 1.50 18.24
N LYS A 171 27.44 0.68 17.29
CA LYS A 171 27.29 -0.81 17.37
C LYS A 171 28.23 -1.38 18.44
N GLU A 172 29.34 -0.70 18.75
CA GLU A 172 30.28 -1.09 19.83
C GLU A 172 29.76 -0.63 21.19
N SER A 173 28.93 0.41 21.23
CA SER A 173 28.47 1.07 22.47
C SER A 173 27.41 0.23 23.20
N LYS A 174 27.36 0.34 24.54
CA LYS A 174 26.33 -0.38 25.35
C LYS A 174 25.24 0.60 25.81
N LEU A 175 25.09 1.74 25.12
CA LEU A 175 24.04 2.77 25.41
C LEU A 175 23.75 3.59 24.15
N ASP A 176 22.49 4.00 23.98
CA ASP A 176 22.03 4.94 22.94
C ASP A 176 20.97 5.86 23.56
N LEU A 177 21.30 7.10 23.88
CA LEU A 177 20.45 8.00 24.69
C LEU A 177 20.43 9.40 24.06
N VAL A 178 19.25 9.91 23.74
CA VAL A 178 19.05 11.30 23.22
C VAL A 178 18.59 12.18 24.39
N VAL A 179 19.13 13.40 24.46
CA VAL A 179 18.72 14.47 25.41
C VAL A 179 18.34 15.70 24.61
N ALA A 180 17.33 16.43 25.07
CA ALA A 180 16.97 17.78 24.58
C ALA A 180 16.68 18.67 25.79
N GLY A 181 17.17 19.91 25.77
CA GLY A 181 17.05 20.83 26.92
C GLY A 181 17.41 22.26 26.56
N THR A 182 17.25 23.17 27.53
CA THR A 182 17.42 24.64 27.37
C THR A 182 18.74 25.05 28.06
N GLU A 183 18.94 26.35 28.29
CA GLU A 183 20.01 26.85 29.21
C GLU A 183 19.74 26.38 30.64
N ALA A 184 18.46 26.30 31.04
CA ALA A 184 18.03 26.13 32.46
C ALA A 184 18.01 24.65 32.86
N ALA A 185 17.41 23.78 32.02
CA ALA A 185 16.96 22.42 32.44
C ALA A 185 16.80 21.47 31.25
N VAL A 186 16.91 20.16 31.51
CA VAL A 186 16.55 19.06 30.57
C VAL A 186 15.04 19.12 30.34
N LEU A 187 14.59 18.80 29.12
CA LEU A 187 13.14 18.67 28.78
C LEU A 187 12.78 17.23 28.44
N MET A 188 13.63 16.49 27.74
CA MET A 188 13.25 15.14 27.19
C MET A 188 14.48 14.22 27.18
N VAL A 189 14.28 12.95 27.57
CA VAL A 189 15.29 11.87 27.47
C VAL A 189 14.61 10.63 26.88
N GLU A 190 15.25 9.96 25.93
CA GLU A 190 14.82 8.65 25.38
C GLU A 190 16.06 7.76 25.19
N SER A 191 16.01 6.48 25.57
CA SER A 191 17.22 5.63 25.62
C SER A 191 16.94 4.13 25.41
N GLU A 192 17.95 3.46 24.85
CA GLU A 192 18.20 1.99 24.89
C GLU A 192 19.50 1.74 25.67
N ALA A 193 19.55 0.74 26.53
CA ALA A 193 20.76 0.39 27.32
C ALA A 193 20.91 -1.12 27.44
N GLN A 194 22.15 -1.62 27.45
CA GLN A 194 22.44 -3.06 27.66
C GLN A 194 22.58 -3.32 29.17
N LEU A 195 21.50 -3.18 29.94
CA LEU A 195 21.42 -3.42 31.41
C LEU A 195 22.49 -2.58 32.14
N LEU A 196 22.46 -1.27 31.95
CA LEU A 196 23.26 -0.30 32.75
C LEU A 196 22.54 0.02 34.07
N SER A 197 23.30 0.41 35.10
CA SER A 197 22.78 0.89 36.42
C SER A 197 22.15 2.28 36.26
N GLU A 198 21.23 2.63 37.15
CA GLU A 198 20.49 3.92 37.16
C GLU A 198 21.46 5.11 37.30
N ASP A 199 22.59 4.93 37.99
CA ASP A 199 23.65 5.96 38.17
C ASP A 199 24.30 6.27 36.81
N GLN A 200 24.67 5.24 36.04
CA GLN A 200 25.30 5.37 34.71
C GLN A 200 24.35 6.10 33.74
N MET A 201 23.04 5.86 33.85
CA MET A 201 22.03 6.49 32.96
C MET A 201 21.98 8.00 33.23
N LEU A 202 21.92 8.42 34.50
CA LEU A 202 21.84 9.87 34.84
C LEU A 202 23.16 10.57 34.53
N GLY A 203 24.30 9.88 34.68
CA GLY A 203 25.61 10.38 34.21
C GLY A 203 25.56 10.76 32.75
N ALA A 204 24.94 9.92 31.91
CA ALA A 204 24.76 10.17 30.45
C ALA A 204 23.91 11.42 30.24
N VAL A 205 22.78 11.54 30.97
CA VAL A 205 21.82 12.69 30.82
C VAL A 205 22.54 13.99 31.17
N VAL A 206 23.29 14.02 32.28
CA VAL A 206 24.06 15.22 32.75
C VAL A 206 25.11 15.58 31.69
N PHE A 207 25.91 14.61 31.26
CA PHE A 207 27.02 14.78 30.27
C PHE A 207 26.46 15.36 28.97
N GLY A 208 25.34 14.81 28.47
CA GLY A 208 24.65 15.30 27.26
C GLY A 208 24.25 16.78 27.40
N HIS A 209 23.65 17.13 28.54
CA HIS A 209 23.06 18.46 28.80
C HIS A 209 24.15 19.52 28.99
N GLU A 210 25.30 19.12 29.54
CA GLU A 210 26.46 20.00 29.83
C GLU A 210 27.09 20.51 28.53
N GLN A 211 26.93 19.83 27.39
CA GLN A 211 27.65 20.18 26.14
C GLN A 211 26.73 20.39 24.94
N GLN A 212 25.42 20.12 25.04
CA GLN A 212 24.40 20.66 24.09
C GLN A 212 24.31 22.19 24.23
N GLN A 213 24.90 22.78 25.27
CA GLN A 213 24.94 24.25 25.49
C GLN A 213 25.64 24.96 24.31
N VAL A 214 26.61 24.33 23.63
CA VAL A 214 27.38 25.01 22.53
C VAL A 214 26.42 25.28 21.35
N VAL A 215 25.41 24.44 21.16
CA VAL A 215 24.33 24.66 20.14
C VAL A 215 23.55 25.91 20.53
N ILE A 216 23.14 26.04 21.79
CA ILE A 216 22.36 27.20 22.31
C ILE A 216 23.16 28.50 22.11
N GLN A 217 24.48 28.51 22.37
CA GLN A 217 25.33 29.72 22.18
C GLN A 217 25.23 30.19 20.71
N ASN A 218 25.40 29.28 19.76
CA ASN A 218 25.48 29.60 18.32
C ASN A 218 24.09 29.98 17.78
N ILE A 219 23.03 29.30 18.23
CA ILE A 219 21.64 29.60 17.78
C ILE A 219 21.33 31.05 18.17
N ASN A 220 21.70 31.47 19.39
CA ASN A 220 21.40 32.86 19.88
C ASN A 220 22.19 33.90 19.08
N GLU A 221 23.40 33.56 18.59
CA GLU A 221 24.20 34.48 17.74
C GLU A 221 23.50 34.69 16.38
N LEU A 222 23.00 33.61 15.77
CA LEU A 222 22.24 33.68 14.49
C LEU A 222 20.95 34.49 14.72
N VAL A 223 20.22 34.25 15.81
CA VAL A 223 18.89 34.88 16.06
C VAL A 223 18.99 36.42 16.09
N LYS A 224 19.97 37.01 16.77
CA LYS A 224 20.13 38.50 16.85
C LYS A 224 20.81 39.07 15.61
N GLU A 225 21.36 38.23 14.73
CA GLU A 225 22.04 38.69 13.48
C GLU A 225 21.06 38.61 12.31
N ALA A 226 20.07 37.70 12.31
CA ALA A 226 19.21 37.40 11.15
C ALA A 226 17.75 37.11 11.53
N GLY A 227 17.33 37.30 12.77
CA GLY A 227 15.99 36.91 13.26
C GLY A 227 14.94 37.96 12.91
N LYS A 228 13.70 37.53 12.67
CA LYS A 228 12.53 38.43 12.42
C LYS A 228 12.12 39.04 13.77
N PRO A 229 11.39 40.19 13.78
CA PRO A 229 10.87 40.75 15.02
C PRO A 229 9.77 39.89 15.66
N ARG A 230 9.73 39.84 17.00
CA ARG A 230 8.72 39.09 17.80
C ARG A 230 7.31 39.60 17.48
N TRP A 231 6.35 38.67 17.32
CA TRP A 231 4.88 38.94 17.20
C TRP A 231 4.39 39.73 18.41
N ASP A 232 3.47 40.67 18.20
CA ASP A 232 2.82 41.44 19.31
C ASP A 232 1.63 40.63 19.86
N TRP A 233 1.94 39.45 20.38
CA TRP A 233 0.93 38.49 20.90
C TRP A 233 0.89 38.59 22.42
N GLN A 234 -0.32 38.73 23.00
CA GLN A 234 -0.53 38.83 24.46
C GLN A 234 -1.42 37.69 24.99
N PRO A 235 -1.21 37.21 26.23
CA PRO A 235 -2.06 36.18 26.83
C PRO A 235 -3.51 36.68 26.94
N GLU A 236 -4.47 35.79 26.68
CA GLU A 236 -5.92 35.96 26.97
C GLU A 236 -6.10 36.30 28.45
N PRO A 237 -6.81 37.40 28.76
CA PRO A 237 -6.95 37.89 30.14
C PRO A 237 -7.76 36.92 31.03
N VAL A 238 -7.77 37.15 32.35
CA VAL A 238 -8.03 36.08 33.37
C VAL A 238 -9.53 35.76 33.40
N ASN A 239 -10.41 36.77 33.29
CA ASN A 239 -11.87 36.67 33.55
C ASN A 239 -12.12 36.13 34.98
N GLU A 240 -11.45 36.72 35.96
CA GLU A 240 -11.37 36.20 37.35
C GLU A 240 -12.74 36.27 38.08
N ALA A 241 -13.62 37.23 37.80
CA ALA A 241 -14.88 37.42 38.56
C ALA A 241 -15.74 36.14 38.45
N LEU A 242 -15.82 35.57 37.26
CA LEU A 242 -16.56 34.29 37.03
C LEU A 242 -15.77 33.15 37.69
N ASN A 243 -14.44 33.23 37.63
CA ASN A 243 -13.51 32.23 38.24
C ASN A 243 -13.76 32.18 39.75
N ALA A 244 -13.73 33.35 40.41
CA ALA A 244 -13.91 33.51 41.86
C ALA A 244 -15.28 32.97 42.30
N ARG A 245 -16.36 33.36 41.62
CA ARG A 245 -17.75 33.02 42.03
C ARG A 245 -17.92 31.49 41.98
N VAL A 246 -17.48 30.87 40.89
CA VAL A 246 -17.65 29.39 40.69
C VAL A 246 -16.76 28.66 41.70
N ALA A 247 -15.55 29.18 42.00
CA ALA A 247 -14.61 28.58 42.97
C ALA A 247 -15.28 28.56 44.35
N ALA A 248 -15.87 29.69 44.77
CA ALA A 248 -16.57 29.84 46.08
C ALA A 248 -17.72 28.82 46.17
N LEU A 249 -18.46 28.59 45.07
CA LEU A 249 -19.62 27.67 45.05
C LEU A 249 -19.18 26.20 45.19
N ALA A 250 -18.01 25.82 44.67
CA ALA A 250 -17.65 24.40 44.42
C ALA A 250 -16.52 23.90 45.31
N GLU A 251 -15.46 24.70 45.56
CA GLU A 251 -14.19 24.22 46.15
C GLU A 251 -14.46 23.49 47.48
N ALA A 252 -15.23 24.12 48.37
CA ALA A 252 -15.60 23.63 49.71
C ALA A 252 -16.31 22.27 49.64
N ARG A 253 -17.01 21.98 48.54
CA ARG A 253 -17.84 20.75 48.38
C ARG A 253 -17.03 19.67 47.64
N LEU A 254 -16.23 20.06 46.64
CA LEU A 254 -15.28 19.16 45.92
C LEU A 254 -14.28 18.62 46.92
N SER A 255 -13.70 19.46 47.79
CA SER A 255 -12.69 19.07 48.82
C SER A 255 -13.33 18.11 49.85
N ASP A 256 -14.64 18.15 50.04
CA ASP A 256 -15.40 17.15 50.84
C ASP A 256 -15.50 15.84 50.04
N ALA A 257 -16.03 15.89 48.82
CA ALA A 257 -16.30 14.70 47.96
C ALA A 257 -15.03 13.85 47.79
N TYR A 258 -13.85 14.47 47.65
CA TYR A 258 -12.63 13.65 47.36
C TYR A 258 -12.19 12.82 48.58
N ARG A 259 -12.75 13.07 49.77
CA ARG A 259 -12.44 12.23 50.97
C ARG A 259 -13.19 10.89 50.94
N ILE A 260 -14.22 10.76 50.11
CA ILE A 260 -15.11 9.56 50.02
C ILE A 260 -14.30 8.37 49.50
N THR A 261 -14.46 7.19 50.13
CA THR A 261 -13.60 5.99 49.88
C THR A 261 -14.06 5.26 48.60
N ASP A 262 -15.38 5.23 48.34
CA ASP A 262 -15.96 4.53 47.16
C ASP A 262 -15.73 5.38 45.91
N LYS A 263 -15.03 4.83 44.90
CA LYS A 263 -14.88 5.37 43.53
C LYS A 263 -16.22 5.87 42.96
N GLN A 264 -17.27 5.06 43.06
CA GLN A 264 -18.57 5.32 42.39
C GLN A 264 -19.34 6.43 43.10
N GLU A 265 -19.48 6.37 44.44
CA GLU A 265 -20.20 7.43 45.22
C GLU A 265 -19.47 8.78 45.06
N ARG A 266 -18.16 8.73 45.09
CA ARG A 266 -17.43 9.98 44.83
C ARG A 266 -17.92 10.48 43.48
N TYR A 267 -17.69 9.74 42.42
CA TYR A 267 -18.04 10.18 41.04
C TYR A 267 -19.44 10.79 41.02
N ALA A 268 -20.43 10.07 41.58
CA ALA A 268 -21.86 10.47 41.65
C ALA A 268 -21.99 11.81 42.36
N GLN A 269 -21.43 11.96 43.56
CA GLN A 269 -21.51 13.19 44.39
C GLN A 269 -20.86 14.37 43.65
N VAL A 270 -19.69 14.15 43.04
CA VAL A 270 -18.94 15.19 42.27
C VAL A 270 -19.82 15.64 41.08
N ASP A 271 -20.38 14.69 40.31
CA ASP A 271 -21.20 14.99 39.12
C ASP A 271 -22.47 15.75 39.54
N VAL A 272 -22.93 15.55 40.76
CA VAL A 272 -24.08 16.39 41.21
C VAL A 272 -23.59 17.76 41.60
N ILE A 273 -22.53 17.86 42.37
CA ILE A 273 -22.15 19.21 42.83
C ILE A 273 -21.90 19.89 41.53
N LYS A 274 -21.30 19.15 40.65
CA LYS A 274 -20.89 19.89 39.49
C LYS A 274 -22.11 20.48 38.82
N SER A 275 -23.06 19.66 38.45
CA SER A 275 -24.14 20.29 37.64
C SER A 275 -24.88 21.34 38.45
N GLU A 276 -24.86 21.27 39.76
CA GLU A 276 -25.71 22.26 40.46
C GLU A 276 -25.12 23.62 40.24
N THR A 277 -23.94 23.84 40.77
CA THR A 277 -23.44 25.21 40.65
C THR A 277 -23.26 25.43 39.18
N ILE A 278 -23.34 24.36 38.43
CA ILE A 278 -23.27 24.68 37.01
C ILE A 278 -24.52 25.49 36.76
N ALA A 279 -25.67 24.92 37.06
CA ALA A 279 -26.94 25.59 36.75
C ALA A 279 -27.19 26.80 37.62
N THR A 280 -26.82 26.73 38.88
CA THR A 280 -27.23 27.82 39.77
C THR A 280 -26.70 29.14 39.25
N LEU A 281 -25.49 29.18 38.73
CA LEU A 281 -25.02 30.50 38.27
C LEU A 281 -25.57 30.71 36.89
N LEU A 282 -26.12 29.65 36.30
CA LEU A 282 -26.77 29.91 35.00
C LEU A 282 -27.97 30.79 35.32
N ALA A 283 -28.45 30.73 36.56
CA ALA A 283 -29.56 31.63 36.92
C ALA A 283 -29.11 33.07 36.85
N GLU A 284 -27.93 33.36 37.38
CA GLU A 284 -27.54 34.80 37.48
C GLU A 284 -27.55 35.40 36.10
N ASP A 285 -27.13 34.67 35.07
CA ASP A 285 -27.24 35.29 33.75
C ASP A 285 -27.14 34.20 32.70
N GLU A 286 -27.37 34.56 31.44
CA GLU A 286 -27.10 33.55 30.39
C GLU A 286 -25.59 33.59 30.19
N THR A 287 -24.85 33.05 31.16
CA THR A 287 -23.37 33.01 31.05
C THR A 287 -23.02 31.81 30.18
N LEU A 288 -21.75 31.45 30.13
CA LEU A 288 -21.38 30.42 29.15
C LEU A 288 -21.87 29.06 29.58
N ASP A 289 -21.79 28.11 28.66
CA ASP A 289 -22.16 26.72 28.99
C ASP A 289 -20.89 25.95 29.29
N GLU A 290 -20.80 24.75 28.76
CA GLU A 290 -19.63 23.90 29.03
C GLU A 290 -18.43 24.64 28.53
N ASN A 291 -18.66 25.55 27.62
CA ASN A 291 -17.53 26.23 27.01
C ASN A 291 -16.77 26.90 28.14
N GLU A 292 -17.46 27.44 29.12
CA GLU A 292 -16.59 28.05 30.13
C GLU A 292 -16.80 27.33 31.44
N LEU A 293 -18.04 27.03 31.75
CA LEU A 293 -18.23 26.43 33.08
C LEU A 293 -17.33 25.21 33.23
N GLY A 294 -17.48 24.25 32.34
CA GLY A 294 -16.74 23.02 32.59
C GLY A 294 -15.33 23.41 32.85
N GLU A 295 -14.86 24.27 31.99
CA GLU A 295 -13.46 24.47 32.23
C GLU A 295 -13.25 25.02 33.61
N ILE A 296 -13.96 26.05 33.96
CA ILE A 296 -13.56 26.63 35.24
C ILE A 296 -13.75 25.53 36.22
N LEU A 297 -14.67 24.64 35.95
CA LEU A 297 -14.75 23.65 37.01
C LEU A 297 -13.61 22.64 37.02
N HIS A 298 -13.33 21.98 35.89
CA HIS A 298 -12.34 20.90 35.91
C HIS A 298 -11.13 21.46 36.57
N ALA A 299 -10.92 22.70 36.38
CA ALA A 299 -9.67 23.12 36.99
C ALA A 299 -9.84 23.03 38.47
N ILE A 300 -10.97 23.37 38.99
CA ILE A 300 -11.00 23.35 40.46
C ILE A 300 -10.75 21.92 40.80
N GLU A 301 -11.27 21.01 40.04
CA GLU A 301 -11.00 19.64 40.48
C GLU A 301 -9.53 19.30 40.45
N LYS A 302 -8.88 19.67 39.38
CA LYS A 302 -7.51 19.21 39.37
C LYS A 302 -6.79 19.90 40.48
N ASN A 303 -7.08 21.14 40.73
CA ASN A 303 -6.27 21.70 41.80
C ASN A 303 -6.59 20.94 43.05
N VAL A 304 -7.77 20.35 43.14
CA VAL A 304 -8.02 19.74 44.46
C VAL A 304 -7.20 18.50 44.67
N VAL A 305 -7.13 17.67 43.67
CA VAL A 305 -6.37 16.41 43.78
C VAL A 305 -4.94 16.87 43.99
N ARG A 306 -4.52 17.90 43.25
CA ARG A 306 -3.10 18.35 43.33
C ARG A 306 -2.71 18.59 44.80
N SER A 307 -3.45 19.46 45.49
CA SER A 307 -3.12 19.81 46.90
C SER A 307 -3.17 18.55 47.79
N ARG A 308 -4.19 17.70 47.62
CA ARG A 308 -4.36 16.50 48.48
C ARG A 308 -3.12 15.61 48.37
N VAL A 309 -2.65 15.32 47.15
CA VAL A 309 -1.49 14.40 46.96
C VAL A 309 -0.24 15.04 47.60
N LEU A 310 -0.01 16.33 47.37
CA LEU A 310 1.21 17.00 47.90
C LEU A 310 1.20 16.98 49.43
N ALA A 311 0.03 17.23 50.04
CA ALA A 311 -0.09 17.27 51.52
C ALA A 311 0.25 15.91 52.11
N GLY A 312 -0.10 14.82 51.40
CA GLY A 312 0.15 13.46 51.92
C GLY A 312 -1.09 12.64 52.23
N GLU A 313 -2.09 12.66 51.39
CA GLU A 313 -3.25 11.84 51.77
C GLU A 313 -3.49 10.86 50.66
N PRO A 314 -4.37 9.87 50.81
CA PRO A 314 -4.46 8.89 49.81
C PRO A 314 -4.77 9.47 48.46
N ARG A 315 -4.19 8.88 47.43
CA ARG A 315 -4.43 9.37 46.08
C ARG A 315 -5.85 9.04 45.68
N ILE A 316 -6.23 9.45 44.50
CA ILE A 316 -7.62 9.27 44.12
C ILE A 316 -8.03 7.82 44.18
N ASP A 317 -7.14 6.84 44.18
CA ASP A 317 -7.67 5.45 44.13
C ASP A 317 -7.43 4.69 45.40
N GLY A 318 -6.97 5.36 46.42
CA GLY A 318 -6.84 4.71 47.71
C GLY A 318 -5.44 4.33 47.98
N ARG A 319 -4.66 4.08 46.94
CA ARG A 319 -3.25 3.65 47.14
C ARG A 319 -2.45 4.84 47.68
N GLU A 320 -1.36 4.57 48.38
CA GLU A 320 -0.46 5.63 48.84
C GLU A 320 0.49 6.10 47.75
N LYS A 321 1.69 6.50 48.09
CA LYS A 321 2.54 7.07 47.06
C LYS A 321 3.55 6.04 46.76
N ASP A 322 3.29 4.83 47.11
CA ASP A 322 4.18 3.73 46.68
C ASP A 322 3.44 2.42 46.81
N MET A 323 2.63 2.07 45.84
CA MET A 323 2.02 0.77 45.87
C MET A 323 1.60 0.48 44.46
N ILE A 324 2.25 -0.41 43.75
CA ILE A 324 1.77 -0.72 42.41
C ILE A 324 0.48 -1.43 42.62
N ARG A 325 -0.47 -1.42 41.70
CA ARG A 325 -1.81 -1.97 41.99
C ARG A 325 -1.74 -3.46 42.05
N GLY A 326 -2.82 -4.18 42.22
CA GLY A 326 -2.87 -5.64 42.31
C GLY A 326 -2.52 -6.30 40.99
N LEU A 327 -1.74 -7.39 41.04
CA LEU A 327 -1.24 -8.10 39.83
C LEU A 327 -1.84 -9.50 39.72
N ASP A 328 -2.27 -9.87 38.52
CA ASP A 328 -2.56 -11.29 38.17
C ASP A 328 -1.97 -11.60 36.80
N VAL A 329 -1.39 -12.79 36.68
CA VAL A 329 -0.55 -13.22 35.52
C VAL A 329 -0.89 -14.67 35.17
N ARG A 330 -1.35 -14.93 33.96
CA ARG A 330 -1.58 -16.33 33.49
C ARG A 330 -0.96 -16.50 32.12
N THR A 331 -0.41 -17.70 31.89
CA THR A 331 0.41 -18.03 30.71
C THR A 331 -0.17 -19.28 30.03
N GLY A 332 0.10 -19.44 28.73
CA GLY A 332 -0.54 -20.45 27.88
C GLY A 332 -2.03 -20.21 27.71
N VAL A 333 -2.46 -18.96 27.75
CA VAL A 333 -3.89 -18.54 27.77
C VAL A 333 -4.56 -18.85 26.41
N LEU A 334 -3.83 -18.85 25.30
CA LEU A 334 -4.40 -19.23 23.97
C LEU A 334 -3.90 -20.60 23.53
N PRO A 335 -4.77 -21.49 23.00
CA PRO A 335 -4.30 -22.73 22.38
C PRO A 335 -3.67 -22.45 21.01
N ARG A 336 -2.69 -23.28 20.63
CA ARG A 336 -2.09 -23.32 19.26
C ARG A 336 -1.52 -21.95 18.82
N THR A 337 -0.87 -21.23 19.74
CA THR A 337 0.08 -20.13 19.47
C THR A 337 1.43 -20.50 20.08
N HIS A 338 2.53 -20.02 19.52
CA HIS A 338 3.89 -20.48 19.91
C HIS A 338 4.21 -20.15 21.36
N GLY A 339 3.70 -19.03 21.90
CA GLY A 339 3.66 -18.80 23.36
C GLY A 339 2.92 -17.50 23.68
N SER A 340 2.17 -17.47 24.78
CA SER A 340 1.14 -16.41 24.99
C SER A 340 0.87 -16.18 26.47
N ALA A 341 0.52 -14.95 26.84
CA ALA A 341 0.33 -14.57 28.27
C ALA A 341 -0.62 -13.40 28.39
N LEU A 342 -1.38 -13.36 29.49
CA LEU A 342 -2.19 -12.19 29.89
C LEU A 342 -1.56 -11.57 31.13
N PHE A 343 -1.13 -10.32 31.05
CA PHE A 343 -0.60 -9.55 32.20
C PHE A 343 -1.66 -8.52 32.61
N THR A 344 -1.95 -8.43 33.91
CA THR A 344 -2.97 -7.50 34.45
C THR A 344 -2.39 -6.71 35.62
N ARG A 345 -2.58 -5.40 35.60
CA ARG A 345 -2.22 -4.49 36.71
C ARG A 345 -3.42 -3.60 36.98
N GLY A 346 -4.23 -3.94 37.98
CA GLY A 346 -5.52 -3.27 38.26
C GLY A 346 -6.43 -3.23 37.04
N GLU A 347 -6.71 -2.04 36.50
CA GLU A 347 -7.60 -1.87 35.33
C GLU A 347 -6.87 -2.08 33.99
N THR A 348 -5.54 -2.15 33.95
CA THR A 348 -4.78 -2.29 32.69
C THR A 348 -4.57 -3.78 32.38
N GLN A 349 -4.76 -4.17 31.12
CA GLN A 349 -4.41 -5.52 30.65
C GLN A 349 -3.71 -5.48 29.29
N ALA A 350 -2.76 -6.39 29.11
CA ALA A 350 -2.20 -6.69 27.78
C ALA A 350 -2.28 -8.19 27.55
N LEU A 351 -2.86 -8.62 26.43
CA LEU A 351 -2.74 -10.02 25.93
C LEU A 351 -1.59 -10.03 24.94
N VAL A 352 -0.56 -10.84 25.16
CA VAL A 352 0.69 -10.81 24.35
C VAL A 352 0.98 -12.21 23.82
N THR A 353 1.43 -12.31 22.58
CA THR A 353 1.75 -13.60 21.91
C THR A 353 3.06 -13.49 21.13
N ALA A 354 3.83 -14.57 21.12
CA ALA A 354 5.11 -14.70 20.39
C ALA A 354 4.92 -15.69 19.23
N THR A 355 5.64 -15.48 18.14
CA THR A 355 5.60 -16.35 16.93
C THR A 355 7.03 -16.50 16.41
N LEU A 356 7.39 -17.72 16.01
CA LEU A 356 8.74 -18.06 15.50
C LEU A 356 8.66 -18.22 13.98
N GLY A 357 9.56 -17.55 13.26
CA GLY A 357 9.74 -17.70 11.81
C GLY A 357 11.11 -18.25 11.48
N THR A 358 11.27 -18.75 10.26
CA THR A 358 12.59 -19.16 9.69
C THR A 358 13.36 -17.87 9.37
N ALA A 359 14.66 -17.96 9.07
CA ALA A 359 15.51 -16.82 8.64
C ALA A 359 14.88 -16.09 7.45
N ARG A 360 14.09 -16.79 6.62
CA ARG A 360 13.45 -16.25 5.39
C ARG A 360 12.38 -15.20 5.75
N ASP A 361 11.81 -15.23 6.96
CA ASP A 361 10.64 -14.39 7.36
C ASP A 361 11.10 -13.02 7.92
N ALA A 362 12.41 -12.79 8.09
CA ALA A 362 13.01 -11.54 8.61
C ALA A 362 12.59 -10.36 7.73
N GLN A 363 12.30 -9.21 8.37
CA GLN A 363 11.95 -7.98 7.62
C GLN A 363 13.23 -7.28 7.18
N VAL A 364 13.31 -6.89 5.90
CA VAL A 364 14.50 -6.19 5.33
C VAL A 364 14.03 -4.84 4.77
N LEU A 365 14.75 -3.77 5.12
CA LEU A 365 14.22 -2.38 5.03
C LEU A 365 15.29 -1.42 4.53
N ASP A 366 14.87 -0.50 3.65
CA ASP A 366 15.71 0.59 3.09
C ASP A 366 15.60 1.84 3.97
N GLU A 367 16.73 2.34 4.48
CA GLU A 367 16.77 3.65 5.20
C GLU A 367 18.00 4.43 4.78
N LEU A 368 17.93 5.76 4.87
CA LEU A 368 18.97 6.68 4.34
C LEU A 368 20.30 6.43 5.07
N MET A 369 20.25 6.14 6.37
CA MET A 369 21.47 5.92 7.21
C MET A 369 22.05 4.52 6.98
N GLY A 370 21.33 3.64 6.24
CA GLY A 370 21.85 2.32 5.82
C GLY A 370 20.80 1.23 5.97
N GLU A 371 20.67 0.36 4.97
CA GLU A 371 19.59 -0.67 4.89
C GLU A 371 19.82 -1.69 6.00
N ARG A 372 18.76 -2.31 6.51
CA ARG A 372 18.84 -3.14 7.73
C ARG A 372 17.90 -4.36 7.64
N THR A 373 18.25 -5.40 8.38
CA THR A 373 17.46 -6.65 8.53
C THR A 373 17.15 -6.85 10.01
N ASP A 374 15.87 -6.89 10.36
CA ASP A 374 15.41 -7.08 11.76
C ASP A 374 14.88 -8.50 11.96
N THR A 375 15.49 -9.24 12.88
CA THR A 375 15.09 -10.61 13.26
C THR A 375 14.16 -10.57 14.47
N PHE A 376 14.05 -9.43 15.17
CA PHE A 376 13.07 -9.21 16.25
C PHE A 376 12.06 -8.13 15.80
N LEU A 377 10.77 -8.45 15.90
CA LEU A 377 9.65 -7.62 15.39
C LEU A 377 8.62 -7.45 16.52
N PHE A 378 8.16 -6.22 16.74
CA PHE A 378 7.17 -5.89 17.81
C PHE A 378 6.00 -5.12 17.21
N HIS A 379 4.78 -5.52 17.53
CA HIS A 379 3.53 -4.86 17.07
C HIS A 379 2.58 -4.61 18.25
N TYR A 380 1.93 -3.46 18.25
CA TYR A 380 1.13 -2.94 19.38
C TYR A 380 -0.24 -2.54 18.84
N ASN A 381 -1.32 -3.11 19.38
CA ASN A 381 -2.70 -2.84 18.89
C ASN A 381 -3.57 -2.33 20.05
N PHE A 382 -4.34 -1.27 19.81
CA PHE A 382 -5.06 -0.51 20.86
C PHE A 382 -6.51 -0.30 20.42
N PRO A 383 -7.35 -1.36 20.42
CA PRO A 383 -8.70 -1.26 19.86
C PRO A 383 -9.60 -0.41 20.75
N PRO A 384 -10.65 0.25 20.20
CA PRO A 384 -11.36 1.28 20.95
C PRO A 384 -12.09 0.79 22.22
N TYR A 385 -12.52 -0.47 22.25
CA TYR A 385 -13.25 -1.07 23.41
C TYR A 385 -12.34 -1.07 24.65
N SER A 386 -11.02 -1.10 24.47
CA SER A 386 -10.04 -1.06 25.58
C SER A 386 -10.29 0.12 26.52
N VAL A 387 -10.72 1.27 26.00
CA VAL A 387 -10.96 2.49 26.83
C VAL A 387 -12.46 2.69 27.09
N GLY A 388 -13.31 1.79 26.60
CA GLY A 388 -14.75 1.78 26.88
C GLY A 388 -15.50 2.70 25.94
N GLU A 389 -14.94 2.95 24.75
CA GLU A 389 -15.55 3.86 23.74
C GLU A 389 -15.72 3.14 22.40
N THR A 390 -16.65 3.63 21.59
CA THR A 390 -16.86 3.23 20.17
C THR A 390 -15.89 4.02 19.28
N GLY A 391 -15.67 3.55 18.06
CA GLY A 391 -14.97 4.31 17.01
C GLY A 391 -14.31 3.42 15.95
N MET A 392 -13.27 3.82 15.27
CA MET A 392 -12.79 2.99 14.13
C MET A 392 -11.67 2.11 14.56
N VAL A 393 -11.50 0.96 13.90
CA VAL A 393 -10.43 0.00 14.29
C VAL A 393 -9.09 0.73 14.27
N GLY A 394 -9.05 1.90 13.61
CA GLY A 394 -7.81 2.71 13.62
C GLY A 394 -7.83 3.73 14.74
N SER A 395 -7.15 3.44 15.84
CA SER A 395 -7.02 4.41 16.97
C SER A 395 -5.88 5.37 16.61
N PRO A 396 -5.65 6.49 17.34
CA PRO A 396 -4.51 7.35 16.99
C PRO A 396 -3.29 6.43 16.97
N LYS A 397 -2.50 6.49 15.89
CA LYS A 397 -1.39 5.52 15.74
C LYS A 397 -0.08 6.10 16.26
N ARG A 398 -0.09 7.30 16.86
CA ARG A 398 1.20 7.79 17.42
C ARG A 398 1.37 7.30 18.86
N ARG A 399 0.25 7.11 19.57
CA ARG A 399 0.37 6.47 20.90
C ARG A 399 0.78 5.03 20.56
N GLU A 400 0.30 4.53 19.43
CA GLU A 400 0.65 3.15 18.98
C GLU A 400 2.13 3.06 18.61
N ILE A 401 2.70 4.04 17.90
CA ILE A 401 4.12 3.84 17.54
C ILE A 401 5.02 4.22 18.71
N GLY A 402 4.57 5.08 19.56
CA GLY A 402 5.36 5.30 20.75
C GLY A 402 5.40 3.99 21.45
N HIS A 403 4.24 3.46 21.83
CA HIS A 403 4.24 2.24 22.68
C HIS A 403 4.83 1.05 21.94
N GLY A 404 4.77 1.06 20.60
CA GLY A 404 5.41 -0.02 19.82
C GLY A 404 6.93 0.06 19.92
N ARG A 405 7.47 1.28 19.93
CA ARG A 405 8.94 1.47 20.00
C ARG A 405 9.44 1.27 21.43
N LEU A 406 8.82 1.95 22.42
CA LEU A 406 9.30 1.84 23.79
C LEU A 406 9.36 0.41 24.16
N ALA A 407 8.29 -0.34 23.91
CA ALA A 407 8.26 -1.76 24.36
C ALA A 407 9.39 -2.57 23.72
N LYS A 408 9.63 -2.38 22.42
CA LYS A 408 10.69 -3.12 21.66
C LYS A 408 12.05 -2.84 22.30
N ARG A 409 12.37 -1.56 22.61
CA ARG A 409 13.67 -1.16 23.23
C ARG A 409 13.83 -1.86 24.59
N GLY A 410 12.73 -2.01 25.33
CA GLY A 410 12.70 -2.64 26.67
C GLY A 410 13.15 -4.09 26.64
N VAL A 411 12.72 -4.85 25.64
CA VAL A 411 12.94 -6.33 25.53
C VAL A 411 14.21 -6.60 24.71
N LEU A 412 14.53 -5.76 23.71
CA LEU A 412 15.64 -6.02 22.73
C LEU A 412 16.97 -6.29 23.47
N ALA A 413 17.17 -5.64 24.63
CA ALA A 413 18.43 -5.71 25.41
C ALA A 413 18.69 -7.12 25.94
N VAL A 414 17.64 -7.94 26.14
CA VAL A 414 17.72 -9.24 26.86
C VAL A 414 17.51 -10.42 25.89
N MET A 415 17.32 -10.15 24.59
CA MET A 415 17.06 -11.19 23.55
C MET A 415 18.32 -12.04 23.34
N PRO A 416 18.16 -13.33 22.97
CA PRO A 416 19.30 -14.17 22.61
C PRO A 416 19.92 -13.72 21.27
N ASP A 417 21.23 -13.93 21.13
CA ASP A 417 22.00 -13.69 19.88
C ASP A 417 21.66 -14.78 18.85
N MET A 418 21.72 -14.42 17.56
CA MET A 418 21.26 -15.26 16.41
C MET A 418 22.01 -16.60 16.34
N ASP A 419 23.25 -16.69 16.84
CA ASP A 419 24.05 -17.93 16.80
C ASP A 419 23.55 -18.91 17.87
N LYS A 420 22.94 -18.44 18.96
CA LYS A 420 22.33 -19.31 20.00
C LYS A 420 20.91 -19.70 19.56
N PHE A 421 20.17 -18.79 18.93
CA PHE A 421 18.75 -18.97 18.59
C PHE A 421 18.53 -18.58 17.13
N PRO A 422 18.40 -19.56 16.21
CA PRO A 422 18.38 -19.27 14.77
C PRO A 422 17.10 -18.58 14.24
N TYR A 423 15.98 -18.65 14.96
CA TYR A 423 14.65 -18.20 14.47
C TYR A 423 14.50 -16.68 14.51
N THR A 424 13.72 -16.14 13.59
CA THR A 424 13.14 -14.76 13.67
C THR A 424 11.99 -14.82 14.68
N VAL A 425 11.77 -13.76 15.45
CA VAL A 425 10.69 -13.76 16.49
C VAL A 425 9.85 -12.49 16.33
N ARG A 426 8.53 -12.66 16.26
CA ARG A 426 7.55 -11.55 16.27
C ARG A 426 6.76 -11.63 17.58
N VAL A 427 6.63 -10.53 18.31
CA VAL A 427 5.70 -10.44 19.47
C VAL A 427 4.63 -9.40 19.16
N VAL A 428 3.38 -9.74 19.43
CA VAL A 428 2.23 -8.81 19.26
C VAL A 428 1.50 -8.68 20.59
N SER A 429 1.23 -7.44 20.99
CA SER A 429 0.50 -7.14 22.25
C SER A 429 -0.79 -6.39 21.94
N GLU A 430 -1.95 -6.96 22.30
CA GLU A 430 -3.25 -6.27 22.13
C GLU A 430 -3.79 -5.86 23.51
N ILE A 431 -4.06 -4.57 23.65
CA ILE A 431 -4.47 -3.96 24.94
C ILE A 431 -5.97 -4.14 25.09
N THR A 432 -6.39 -5.22 25.77
CA THR A 432 -7.80 -5.61 25.96
C THR A 432 -8.50 -4.57 26.85
N GLU A 433 -7.81 -3.95 27.79
CA GLU A 433 -8.35 -2.76 28.51
C GLU A 433 -7.21 -1.88 29.01
N SER A 434 -7.49 -0.59 29.13
CA SER A 434 -6.44 0.42 29.43
C SER A 434 -6.93 1.51 30.39
N ASN A 435 -6.08 1.86 31.34
CA ASN A 435 -6.20 3.10 32.13
C ASN A 435 -4.90 3.88 31.89
N GLY A 436 -4.64 4.21 30.63
CA GLY A 436 -3.58 5.15 30.20
C GLY A 436 -2.22 4.52 29.94
N SER A 437 -1.70 3.72 30.88
CA SER A 437 -0.23 3.49 31.06
C SER A 437 0.21 2.11 30.50
N SER A 438 -0.36 1.66 29.38
CA SER A 438 -0.41 0.23 28.98
C SER A 438 0.83 -0.23 28.19
N SER A 439 1.72 0.67 27.80
CA SER A 439 2.98 0.33 27.07
C SER A 439 3.84 -0.59 27.95
N MET A 440 3.96 -0.28 29.24
CA MET A 440 4.81 -1.05 30.19
C MET A 440 4.18 -2.43 30.46
N ALA A 441 2.85 -2.55 30.43
CA ALA A 441 2.16 -3.84 30.58
C ALA A 441 2.55 -4.75 29.41
N SER A 442 2.81 -4.20 28.21
CA SER A 442 3.25 -5.00 27.04
C SER A 442 4.69 -5.49 27.22
N VAL A 443 5.57 -4.72 27.86
CA VAL A 443 6.97 -5.18 28.15
C VAL A 443 6.90 -6.41 29.07
N CYS A 444 6.14 -6.32 30.16
CA CYS A 444 5.95 -7.41 31.14
C CYS A 444 5.34 -8.64 30.45
N GLY A 445 4.27 -8.45 29.68
CA GLY A 445 3.59 -9.50 28.91
C GLY A 445 4.50 -10.14 27.88
N ALA A 446 5.36 -9.37 27.21
CA ALA A 446 6.31 -9.87 26.21
C ALA A 446 7.31 -10.82 26.88
N SER A 447 7.87 -10.44 28.03
CA SER A 447 8.84 -11.28 28.78
C SER A 447 8.22 -12.63 29.13
N LEU A 448 6.95 -12.64 29.54
CA LEU A 448 6.18 -13.88 29.85
C LEU A 448 5.98 -14.70 28.57
N ALA A 449 5.50 -14.07 27.49
CA ALA A 449 5.17 -14.74 26.21
C ALA A 449 6.42 -15.42 25.64
N LEU A 450 7.58 -14.73 25.70
CA LEU A 450 8.86 -15.26 25.18
C LEU A 450 9.33 -16.46 26.02
N MET A 451 9.26 -16.39 27.35
CA MET A 451 9.62 -17.51 28.24
C MET A 451 8.70 -18.72 27.96
N ASP A 452 7.40 -18.49 27.75
CA ASP A 452 6.41 -19.56 27.47
C ASP A 452 6.75 -20.24 26.14
N ALA A 453 7.08 -19.46 25.10
CA ALA A 453 7.48 -19.96 23.76
C ALA A 453 8.79 -20.77 23.85
N GLY A 454 9.60 -20.52 24.88
CA GLY A 454 10.88 -21.21 25.10
C GLY A 454 12.02 -20.53 24.36
N VAL A 455 11.89 -19.23 24.06
CA VAL A 455 13.00 -18.38 23.54
C VAL A 455 13.98 -18.20 24.71
N PRO A 456 15.30 -18.46 24.56
CA PRO A 456 16.23 -18.33 25.67
C PRO A 456 16.63 -16.88 25.97
N ILE A 457 15.68 -16.07 26.43
CA ILE A 457 15.91 -14.66 26.89
C ILE A 457 16.82 -14.72 28.14
N LYS A 458 17.79 -13.83 28.25
CA LYS A 458 18.84 -13.82 29.29
C LYS A 458 18.37 -13.43 30.67
N ALA A 459 17.23 -12.85 30.84
CA ALA A 459 16.52 -12.57 32.11
C ALA A 459 15.12 -12.00 31.80
N ALA A 460 14.22 -12.05 32.79
CA ALA A 460 12.88 -11.44 32.70
C ALA A 460 13.00 -9.92 32.72
N VAL A 461 12.10 -9.21 32.01
CA VAL A 461 12.12 -7.71 31.96
C VAL A 461 10.71 -7.19 32.22
N ALA A 462 10.58 -6.21 33.11
CA ALA A 462 9.31 -5.57 33.50
C ALA A 462 9.51 -4.05 33.51
N GLY A 463 8.42 -3.29 33.52
CA GLY A 463 8.44 -1.81 33.37
C GLY A 463 7.47 -1.13 34.31
N ILE A 464 7.74 0.12 34.68
CA ILE A 464 6.90 0.90 35.63
C ILE A 464 6.68 2.30 35.07
N ALA A 465 5.47 2.83 35.22
CA ALA A 465 5.08 4.19 34.81
C ALA A 465 5.06 5.10 36.05
N MET A 466 5.90 6.12 36.06
CA MET A 466 6.16 6.96 37.25
C MET A 466 5.78 8.41 36.95
N GLY A 467 5.47 9.17 38.01
CA GLY A 467 5.18 10.61 37.95
C GLY A 467 5.76 11.31 39.16
N LEU A 468 6.03 12.60 39.02
CA LEU A 468 6.55 13.44 40.12
C LEU A 468 5.78 14.74 40.16
N VAL A 469 5.25 15.08 41.32
CA VAL A 469 4.47 16.32 41.59
C VAL A 469 5.38 17.25 42.39
N LYS A 470 5.55 18.49 41.94
CA LYS A 470 6.41 19.49 42.64
C LYS A 470 5.67 20.82 42.76
N GLU A 471 5.76 21.43 43.94
CA GLU A 471 5.14 22.74 44.26
C GLU A 471 6.03 23.48 45.27
N GLY A 472 6.55 24.65 44.86
CA GLY A 472 7.71 25.31 45.52
C GLY A 472 8.89 24.35 45.65
N ASP A 473 9.38 24.18 46.87
CA ASP A 473 10.55 23.27 47.17
C ASP A 473 10.05 21.84 47.44
N ASN A 474 8.75 21.67 47.71
CA ASN A 474 8.16 20.38 48.16
C ASN A 474 7.82 19.53 46.93
N TYR A 475 8.08 18.21 46.99
CA TYR A 475 7.77 17.27 45.90
C TYR A 475 7.39 15.89 46.45
N VAL A 476 6.68 15.08 45.64
CA VAL A 476 6.28 13.69 46.03
C VAL A 476 6.35 12.80 44.77
N VAL A 477 6.84 11.56 44.88
CA VAL A 477 6.99 10.70 43.65
C VAL A 477 5.99 9.56 43.61
N LEU A 478 5.19 9.36 42.59
CA LEU A 478 4.04 8.43 42.47
C LEU A 478 4.51 7.16 41.76
N SER A 479 4.44 5.99 42.42
CA SER A 479 5.08 4.74 41.88
C SER A 479 4.38 4.07 40.69
N ASP A 480 3.10 4.33 40.47
CA ASP A 480 2.31 3.63 39.41
C ASP A 480 1.07 4.49 39.18
N ILE A 481 0.87 5.00 37.97
CA ILE A 481 0.06 6.25 37.77
C ILE A 481 -1.07 6.01 36.76
N LEU A 482 -2.28 6.41 37.09
CA LEU A 482 -3.45 6.17 36.26
C LEU A 482 -3.61 7.12 35.08
N GLY A 483 -4.37 6.81 34.05
CA GLY A 483 -4.64 7.55 32.81
C GLY A 483 -5.33 8.89 33.06
N ASP A 484 -5.69 9.22 34.29
CA ASP A 484 -6.27 10.55 34.62
C ASP A 484 -5.61 11.16 35.87
N GLU A 485 -4.40 10.70 36.16
CA GLU A 485 -3.57 11.40 37.16
C GLU A 485 -2.51 12.09 36.29
N ASP A 486 -2.75 12.13 34.96
CA ASP A 486 -1.80 12.78 34.01
C ASP A 486 -1.53 14.23 34.47
N HIS A 487 -2.57 14.92 34.96
CA HIS A 487 -2.49 16.34 35.34
C HIS A 487 -1.49 16.50 36.49
N LEU A 488 -1.48 15.54 37.43
CA LEU A 488 -0.58 15.59 38.62
C LEU A 488 0.89 15.59 38.16
N GLY A 489 1.23 14.78 37.15
CA GLY A 489 2.65 14.60 36.76
C GLY A 489 3.25 15.87 36.18
N ASP A 490 4.35 16.36 36.75
CA ASP A 490 5.13 17.48 36.18
C ASP A 490 6.32 16.89 35.44
N MET A 491 6.91 15.84 35.99
CA MET A 491 7.89 14.99 35.29
C MET A 491 7.34 13.58 35.37
N ASP A 492 7.18 12.87 34.27
CA ASP A 492 6.74 11.45 34.29
C ASP A 492 7.80 10.68 33.50
N PHE A 493 8.26 9.56 34.02
CA PHE A 493 9.36 8.78 33.43
C PHE A 493 8.92 7.32 33.39
N LYS A 494 9.23 6.61 32.32
CA LYS A 494 8.92 5.18 32.19
C LYS A 494 10.25 4.44 32.20
N VAL A 495 10.44 3.45 33.06
CA VAL A 495 11.73 2.73 33.15
C VAL A 495 11.47 1.22 33.13
N ALA A 496 12.27 0.50 32.37
CA ALA A 496 12.10 -0.94 32.15
C ALA A 496 13.46 -1.60 32.27
N GLY A 497 13.51 -2.82 32.82
CA GLY A 497 14.75 -3.59 32.91
C GLY A 497 14.59 -4.89 33.68
N SER A 498 15.71 -5.58 33.88
CA SER A 498 15.80 -6.82 34.69
C SER A 498 16.02 -6.46 36.16
N ARG A 499 16.24 -7.47 37.01
CA ARG A 499 16.50 -7.28 38.45
C ARG A 499 17.83 -6.52 38.63
N ASP A 500 18.70 -6.45 37.60
CA ASP A 500 20.09 -5.95 37.77
C ASP A 500 20.53 -5.05 36.60
N GLY A 501 19.67 -4.12 36.18
CA GLY A 501 20.01 -3.05 35.21
C GLY A 501 18.81 -2.56 34.40
N ILE A 502 18.84 -1.30 33.98
CA ILE A 502 17.82 -0.66 33.10
C ILE A 502 18.10 -1.04 31.64
N SER A 503 17.06 -1.36 30.88
CA SER A 503 17.13 -1.67 29.44
C SER A 503 16.58 -0.51 28.61
N ALA A 504 15.58 0.23 29.09
CA ALA A 504 15.06 1.44 28.40
C ALA A 504 14.60 2.48 29.42
N LEU A 505 14.69 3.76 29.05
CA LEU A 505 14.33 4.91 29.92
C LEU A 505 13.74 6.02 29.04
N GLN A 506 12.59 6.54 29.43
CA GLN A 506 11.93 7.67 28.75
C GLN A 506 11.52 8.67 29.82
N MET A 507 11.71 9.96 29.60
CA MET A 507 11.37 11.03 30.57
C MET A 507 10.88 12.26 29.80
N ASP A 508 9.88 12.94 30.35
CA ASP A 508 9.39 14.26 29.87
C ASP A 508 9.21 15.19 31.07
N ILE A 509 9.86 16.36 31.04
CA ILE A 509 9.89 17.33 32.17
C ILE A 509 9.21 18.62 31.73
N LYS A 510 8.03 18.90 32.25
CA LYS A 510 7.17 20.03 31.76
C LYS A 510 7.40 21.29 32.60
N ILE A 511 8.03 21.16 33.77
CA ILE A 511 8.16 22.25 34.80
C ILE A 511 9.63 22.37 35.20
N GLU A 512 10.15 23.60 35.25
CA GLU A 512 11.61 23.88 35.48
C GLU A 512 11.97 23.66 36.95
N GLY A 513 13.26 23.45 37.23
CA GLY A 513 13.80 23.37 38.61
C GLY A 513 13.94 21.93 39.12
N ILE A 514 13.85 20.95 38.22
CA ILE A 514 14.33 19.56 38.46
C ILE A 514 15.87 19.63 38.53
N THR A 515 16.45 18.87 39.46
CA THR A 515 17.92 18.74 39.61
C THR A 515 18.31 17.26 39.68
N LYS A 516 19.61 16.99 39.56
CA LYS A 516 20.18 15.61 39.53
C LYS A 516 19.80 14.86 40.80
N GLU A 517 19.74 15.54 41.95
CA GLU A 517 19.36 14.95 43.27
C GLU A 517 17.92 14.40 43.19
N ILE A 518 17.00 15.16 42.59
CA ILE A 518 15.56 14.77 42.49
C ILE A 518 15.44 13.58 41.53
N MET A 519 16.16 13.60 40.41
CA MET A 519 16.12 12.50 39.41
C MET A 519 16.71 11.24 40.07
N GLN A 520 17.73 11.38 40.92
CA GLN A 520 18.40 10.24 41.61
C GLN A 520 17.38 9.52 42.49
N VAL A 521 16.62 10.24 43.33
CA VAL A 521 15.65 9.61 44.27
C VAL A 521 14.43 9.10 43.48
N ALA A 522 14.06 9.76 42.38
CA ALA A 522 12.92 9.35 41.51
C ALA A 522 13.19 7.96 40.93
N LEU A 523 14.36 7.74 40.32
CA LEU A 523 14.74 6.42 39.74
C LEU A 523 14.92 5.38 40.85
N ASN A 524 15.46 5.77 42.02
CA ASN A 524 15.65 4.84 43.17
C ASN A 524 14.29 4.31 43.65
N GLN A 525 13.23 5.13 43.61
CA GLN A 525 11.87 4.62 43.99
C GLN A 525 11.36 3.69 42.89
N ALA A 526 11.55 4.08 41.62
CA ALA A 526 11.08 3.26 40.46
C ALA A 526 11.67 1.84 40.55
N LYS A 527 12.95 1.73 40.92
CA LYS A 527 13.69 0.45 41.07
C LYS A 527 12.97 -0.46 42.07
N GLY A 528 12.53 0.07 43.21
CA GLY A 528 11.79 -0.68 44.25
C GLY A 528 10.53 -1.32 43.68
N ALA A 529 9.74 -0.53 42.94
CA ALA A 529 8.45 -0.97 42.34
C ALA A 529 8.72 -1.99 41.22
N ARG A 530 9.67 -1.72 40.33
CA ARG A 530 10.02 -2.62 39.20
C ARG A 530 10.47 -3.98 39.74
N LEU A 531 11.23 -3.99 40.83
CA LEU A 531 11.76 -5.22 41.47
C LEU A 531 10.61 -6.03 42.10
N HIS A 532 9.53 -5.38 42.55
CA HIS A 532 8.32 -6.06 43.10
C HIS A 532 7.61 -6.81 41.97
N ILE A 533 7.31 -6.15 40.85
CA ILE A 533 6.56 -6.72 39.70
C ILE A 533 7.31 -7.95 39.18
N LEU A 534 8.62 -7.81 38.97
CA LEU A 534 9.50 -8.86 38.43
C LEU A 534 9.50 -10.07 39.38
N GLY A 535 9.25 -9.88 40.68
CA GLY A 535 9.09 -10.96 41.67
C GLY A 535 7.85 -11.81 41.41
N VAL A 536 6.71 -11.16 41.14
CA VAL A 536 5.39 -11.83 40.92
C VAL A 536 5.46 -12.56 39.57
N MET A 537 6.05 -11.94 38.54
CA MET A 537 6.25 -12.56 37.21
C MET A 537 7.10 -13.83 37.33
N GLU A 538 8.16 -13.81 38.14
CA GLU A 538 9.10 -14.96 38.33
C GLU A 538 8.35 -16.10 39.02
N GLN A 539 7.45 -15.81 39.96
CA GLN A 539 6.61 -16.81 40.67
C GLN A 539 5.67 -17.51 39.68
N ALA A 540 5.15 -16.81 38.66
CA ALA A 540 4.25 -17.38 37.64
C ALA A 540 5.04 -18.31 36.70
N ILE A 541 6.23 -17.88 36.25
CA ILE A 541 7.12 -18.68 35.34
C ILE A 541 8.59 -18.38 35.66
N ASN A 542 9.33 -19.40 36.10
CA ASN A 542 10.69 -19.26 36.70
C ASN A 542 11.73 -19.00 35.59
N ALA A 543 11.63 -19.71 34.46
CA ALA A 543 12.66 -19.73 33.40
C ALA A 543 12.04 -20.17 32.07
N PRO A 544 12.66 -19.81 30.91
CA PRO A 544 12.18 -20.29 29.61
C PRO A 544 12.25 -21.83 29.53
N ARG A 545 11.23 -22.44 28.94
CA ARG A 545 11.11 -23.92 28.82
C ARG A 545 12.02 -24.45 27.70
N GLY A 546 12.41 -25.72 27.81
CA GLY A 546 13.35 -26.40 26.89
C GLY A 546 12.69 -26.74 25.56
N ASP A 547 11.43 -27.19 25.60
CA ASP A 547 10.65 -27.49 24.38
C ASP A 547 10.25 -26.18 23.67
N ILE A 548 10.66 -26.02 22.42
CA ILE A 548 9.98 -25.05 21.49
C ILE A 548 8.57 -25.62 21.25
N SER A 549 7.54 -24.79 21.40
CA SER A 549 6.11 -25.20 21.30
C SER A 549 5.83 -25.95 19.99
N GLU A 550 5.07 -27.05 20.06
CA GLU A 550 4.91 -28.06 18.99
C GLU A 550 4.59 -27.46 17.62
N PHE A 551 3.82 -26.36 17.54
CA PHE A 551 3.31 -25.80 16.27
C PHE A 551 4.32 -24.86 15.57
N ALA A 552 5.47 -24.58 16.18
CA ALA A 552 6.56 -23.80 15.56
C ALA A 552 7.40 -24.70 14.66
N PRO A 553 8.03 -24.10 13.61
CA PRO A 553 8.95 -24.84 12.78
C PRO A 553 10.12 -25.29 13.63
N ARG A 554 10.91 -26.19 13.09
CA ARG A 554 12.05 -26.80 13.76
C ARG A 554 13.02 -26.96 12.63
N ILE A 555 14.28 -27.23 12.88
CA ILE A 555 15.22 -27.51 11.75
C ILE A 555 15.87 -28.82 12.11
N HIS A 556 15.10 -29.89 11.98
CA HIS A 556 15.56 -31.18 12.53
C HIS A 556 16.82 -31.62 11.85
N THR A 557 17.64 -32.32 12.61
CA THR A 557 18.85 -32.89 12.01
C THR A 557 18.81 -34.39 12.34
N ILE A 558 19.22 -35.24 11.41
CA ILE A 558 19.29 -36.70 11.70
C ILE A 558 20.54 -37.20 11.00
N LYS A 559 21.06 -38.35 11.42
CA LYS A 559 22.36 -38.83 10.88
C LYS A 559 22.16 -40.15 10.15
N ILE A 560 22.88 -40.38 9.03
CA ILE A 560 22.72 -41.56 8.15
C ILE A 560 24.11 -41.92 7.58
N ASN A 561 24.31 -43.19 7.21
CA ASN A 561 25.59 -43.71 6.65
C ASN A 561 25.85 -43.05 5.28
N PRO A 562 27.08 -42.53 4.99
CA PRO A 562 27.36 -41.82 3.73
C PRO A 562 27.11 -42.62 2.42
N ASP A 563 27.34 -43.93 2.43
CA ASP A 563 27.02 -44.84 1.28
C ASP A 563 25.51 -44.89 1.04
N LYS A 564 24.71 -44.74 2.10
CA LYS A 564 23.22 -44.90 2.08
C LYS A 564 22.62 -43.50 1.84
N ILE A 565 23.03 -42.94 0.71
CA ILE A 565 22.48 -41.65 0.17
C ILE A 565 21.60 -41.98 -1.03
N LYS A 566 22.09 -42.75 -2.02
CA LYS A 566 21.42 -42.93 -3.33
C LYS A 566 20.05 -43.60 -3.16
N ASP A 567 19.92 -44.55 -2.25
CA ASP A 567 18.65 -45.20 -1.83
C ASP A 567 17.59 -44.20 -1.31
N VAL A 568 18.03 -43.07 -0.76
CA VAL A 568 17.14 -41.95 -0.28
C VAL A 568 16.92 -40.93 -1.40
N ILE A 569 17.70 -40.97 -2.48
CA ILE A 569 17.50 -40.10 -3.68
C ILE A 569 16.53 -40.80 -4.67
N GLY A 570 16.83 -42.04 -5.06
CA GLY A 570 16.17 -42.74 -6.20
C GLY A 570 16.66 -42.22 -7.56
N LYS A 571 16.46 -42.98 -8.64
CA LYS A 571 16.88 -42.57 -10.02
C LYS A 571 16.25 -41.21 -10.39
N GLY A 572 17.07 -40.25 -10.84
CA GLY A 572 16.68 -38.85 -11.16
C GLY A 572 15.92 -38.15 -10.03
N GLY A 573 16.25 -38.47 -8.77
CA GLY A 573 15.60 -37.91 -7.58
C GLY A 573 14.16 -38.37 -7.39
N SER A 574 13.76 -39.52 -7.96
CA SER A 574 12.36 -40.04 -7.91
C SER A 574 11.86 -40.17 -6.46
N VAL A 575 12.64 -40.75 -5.56
CA VAL A 575 12.13 -40.98 -4.17
C VAL A 575 12.25 -39.69 -3.35
N ILE A 576 13.14 -38.74 -3.68
CA ILE A 576 13.06 -37.36 -3.11
C ILE A 576 11.71 -36.75 -3.50
N ARG A 577 11.38 -36.77 -4.78
CA ARG A 577 10.11 -36.19 -5.30
C ARG A 577 8.92 -36.84 -4.60
N ALA A 578 8.88 -38.17 -4.55
CA ALA A 578 7.84 -38.94 -3.83
C ALA A 578 7.76 -38.52 -2.35
N LEU A 579 8.85 -38.65 -1.59
CA LEU A 579 8.88 -38.34 -0.12
C LEU A 579 8.47 -36.88 0.13
N THR A 580 9.04 -35.91 -0.59
CA THR A 580 8.75 -34.48 -0.37
C THR A 580 7.27 -34.19 -0.66
N GLU A 581 6.68 -34.82 -1.67
CA GLU A 581 5.24 -34.63 -2.00
C GLU A 581 4.33 -35.37 -1.02
N GLU A 582 4.60 -36.64 -0.71
CA GLU A 582 3.67 -37.54 0.03
C GLU A 582 3.86 -37.34 1.54
N THR A 583 5.09 -37.31 2.04
CA THR A 583 5.36 -37.10 3.50
C THR A 583 5.28 -35.61 3.83
N GLY A 584 5.31 -34.76 2.81
CA GLY A 584 4.99 -33.31 2.91
C GLY A 584 6.00 -32.53 3.71
N THR A 585 7.25 -32.97 3.82
CA THR A 585 8.34 -32.19 4.48
C THR A 585 9.49 -32.01 3.49
N THR A 586 10.37 -31.03 3.70
CA THR A 586 11.55 -30.80 2.84
C THR A 586 12.67 -31.73 3.32
N ILE A 587 13.29 -32.50 2.44
CA ILE A 587 14.44 -33.41 2.81
C ILE A 587 15.79 -33.04 2.17
N GLU A 588 16.80 -32.72 2.99
CA GLU A 588 18.14 -32.31 2.51
C GLU A 588 19.17 -33.08 3.35
N ILE A 589 19.53 -34.27 2.91
CA ILE A 589 20.56 -35.05 3.66
C ILE A 589 21.95 -34.60 3.23
N GLU A 590 22.92 -34.71 4.11
CA GLU A 590 24.29 -34.44 3.67
C GLU A 590 24.82 -35.78 3.22
N ASP A 591 26.07 -35.82 2.79
CA ASP A 591 26.61 -37.10 2.26
C ASP A 591 26.56 -38.12 3.40
N ASP A 592 26.91 -37.70 4.60
CA ASP A 592 26.93 -38.63 5.75
C ASP A 592 25.55 -38.60 6.39
N GLY A 593 24.54 -38.48 5.55
CA GLY A 593 23.16 -38.60 6.05
C GLY A 593 22.87 -37.66 7.17
N THR A 594 23.44 -36.46 7.15
CA THR A 594 23.02 -35.47 8.16
C THR A 594 21.78 -34.83 7.56
N VAL A 595 20.66 -35.54 7.63
CA VAL A 595 19.47 -34.98 6.96
C VAL A 595 18.89 -33.82 7.74
N LYS A 596 18.50 -32.75 7.07
CA LYS A 596 17.82 -31.62 7.75
C LYS A 596 16.37 -31.57 7.24
N ILE A 597 15.43 -32.20 7.93
CA ILE A 597 13.99 -32.39 7.56
C ILE A 597 13.14 -31.36 8.31
N ALA A 598 12.35 -30.56 7.60
CA ALA A 598 11.62 -29.40 8.15
C ALA A 598 10.24 -29.22 7.49
N ALA A 599 9.24 -28.87 8.31
CA ALA A 599 7.83 -28.57 7.94
C ALA A 599 7.06 -28.05 9.18
N THR A 600 5.74 -27.91 9.09
CA THR A 600 4.94 -27.37 10.21
C THR A 600 4.71 -28.48 11.23
N ASP A 601 4.23 -29.63 10.80
CA ASP A 601 3.75 -30.67 11.75
C ASP A 601 4.88 -31.59 12.18
N GLY A 602 4.83 -32.03 13.42
CA GLY A 602 5.71 -33.11 13.93
C GLY A 602 5.36 -34.42 13.27
N GLU A 603 4.07 -34.62 12.94
CA GLU A 603 3.58 -35.86 12.30
C GLU A 603 4.34 -36.10 10.99
N LYS A 604 4.45 -35.07 10.17
CA LYS A 604 5.09 -35.17 8.83
C LYS A 604 6.56 -35.51 9.02
N ALA A 605 7.22 -34.81 9.95
CA ALA A 605 8.66 -34.96 10.22
C ALA A 605 8.91 -36.41 10.65
N LYS A 606 8.11 -36.90 11.60
CA LYS A 606 8.30 -38.29 12.12
C LYS A 606 8.09 -39.24 10.97
N HIS A 607 7.07 -38.98 10.15
CA HIS A 607 6.75 -39.86 9.01
C HIS A 607 7.99 -39.97 8.13
N ALA A 608 8.57 -38.83 7.75
CA ALA A 608 9.75 -38.79 6.86
C ALA A 608 10.90 -39.52 7.53
N ILE A 609 11.19 -39.17 8.79
CA ILE A 609 12.36 -39.74 9.51
C ILE A 609 12.19 -41.25 9.53
N ARG A 610 11.00 -41.71 9.92
CA ARG A 610 10.67 -43.15 10.05
C ARG A 610 10.91 -43.81 8.69
N ARG A 611 10.45 -43.17 7.61
CA ARG A 611 10.54 -43.72 6.24
C ARG A 611 12.01 -43.83 5.84
N ILE A 612 12.83 -42.81 6.05
CA ILE A 612 14.27 -42.89 5.64
C ILE A 612 15.03 -43.85 6.56
N GLU A 613 14.61 -44.06 7.81
CA GLU A 613 15.24 -45.12 8.64
C GLU A 613 15.00 -46.50 8.03
N GLU A 614 13.80 -46.80 7.55
CA GLU A 614 13.51 -48.09 6.86
C GLU A 614 14.37 -48.20 5.59
N ILE A 615 14.61 -47.09 4.92
CA ILE A 615 15.37 -47.04 3.65
C ILE A 615 16.87 -47.27 3.97
N THR A 616 17.31 -46.98 5.20
CA THR A 616 18.75 -47.11 5.52
C THR A 616 18.97 -48.26 6.51
N ALA A 617 17.88 -48.88 7.00
CA ALA A 617 17.99 -49.98 7.99
C ALA A 617 18.72 -51.19 7.40
N GLU A 618 18.46 -51.53 6.14
CA GLU A 618 19.06 -52.77 5.56
C GLU A 618 20.45 -52.46 4.98
N ILE A 619 21.49 -53.13 5.48
CA ILE A 619 22.88 -52.83 5.02
C ILE A 619 23.27 -53.85 3.94
N GLU A 620 22.33 -54.71 3.53
CA GLU A 620 22.58 -55.75 2.50
C GLU A 620 23.37 -56.91 3.13
N VAL A 621 23.61 -56.85 4.44
CA VAL A 621 24.29 -57.96 5.16
C VAL A 621 23.26 -59.08 5.39
N GLY A 622 23.72 -60.30 5.65
CA GLY A 622 22.77 -61.41 5.83
C GLY A 622 21.82 -61.12 6.97
N ARG A 623 20.52 -61.33 6.75
CA ARG A 623 19.50 -61.01 7.79
C ARG A 623 18.23 -61.80 7.48
N VAL A 624 17.78 -62.64 8.43
CA VAL A 624 16.57 -63.48 8.19
C VAL A 624 15.34 -62.69 8.60
N TYR A 625 14.94 -61.70 7.79
CA TYR A 625 13.78 -60.84 8.15
C TYR A 625 12.49 -61.65 8.12
N THR A 626 11.57 -61.38 9.06
CA THR A 626 10.25 -62.07 9.07
C THR A 626 9.37 -61.43 7.99
N GLY A 627 9.65 -61.73 6.72
CA GLY A 627 8.91 -61.12 5.60
C GLY A 627 7.74 -61.99 5.18
N LYS A 628 7.04 -61.58 4.13
CA LYS A 628 5.94 -62.37 3.52
C LYS A 628 6.18 -62.48 2.02
N VAL A 629 5.76 -63.58 1.39
CA VAL A 629 5.77 -63.67 -0.09
C VAL A 629 4.58 -62.90 -0.66
N THR A 630 4.85 -61.93 -1.55
CA THR A 630 3.79 -61.17 -2.28
C THR A 630 3.44 -61.91 -3.59
N ARG A 631 4.43 -62.46 -4.30
CA ARG A 631 4.20 -63.22 -5.57
C ARG A 631 4.99 -64.53 -5.57
N ILE A 632 4.42 -65.57 -6.15
CA ILE A 632 5.09 -66.90 -6.31
C ILE A 632 4.84 -67.43 -7.72
N VAL A 633 5.91 -67.92 -8.37
CA VAL A 633 5.97 -68.32 -9.81
C VAL A 633 6.98 -69.46 -9.98
N ASP A 634 7.05 -70.09 -11.15
CA ASP A 634 8.07 -71.16 -11.43
C ASP A 634 9.49 -70.57 -11.54
N PHE A 635 9.64 -69.25 -11.58
CA PHE A 635 10.93 -68.53 -11.48
C PHE A 635 11.43 -68.46 -10.03
N GLY A 636 10.52 -68.49 -9.04
CA GLY A 636 10.84 -68.32 -7.60
C GLY A 636 9.71 -67.67 -6.79
N ALA A 637 10.02 -67.17 -5.60
CA ALA A 637 9.08 -66.39 -4.77
C ALA A 637 9.66 -65.03 -4.39
N PHE A 638 8.85 -63.98 -4.48
CA PHE A 638 9.25 -62.60 -4.12
C PHE A 638 8.82 -62.34 -2.67
N VAL A 639 9.75 -62.39 -1.72
CA VAL A 639 9.47 -61.93 -0.32
C VAL A 639 9.47 -60.39 -0.32
N ALA A 640 8.35 -59.81 0.07
CA ALA A 640 8.29 -58.45 0.67
C ALA A 640 8.90 -58.52 2.07
N ILE A 641 10.21 -58.25 2.19
CA ILE A 641 10.93 -58.41 3.49
C ILE A 641 10.47 -57.29 4.44
N GLY A 642 10.40 -56.08 3.93
CA GLY A 642 9.88 -54.92 4.70
C GLY A 642 9.56 -53.74 3.80
N GLY A 643 8.51 -52.98 4.11
CA GLY A 643 8.04 -51.83 3.31
C GLY A 643 7.67 -52.17 1.88
N GLY A 644 7.31 -53.43 1.59
CA GLY A 644 6.96 -53.91 0.24
C GLY A 644 8.16 -54.17 -0.66
N LYS A 645 9.39 -54.19 -0.14
CA LYS A 645 10.61 -54.37 -0.96
C LYS A 645 10.72 -55.84 -1.38
N GLU A 646 10.63 -56.12 -2.68
CA GLU A 646 10.75 -57.48 -3.25
C GLU A 646 12.19 -58.00 -3.17
N GLY A 647 12.37 -59.21 -2.65
CA GLY A 647 13.59 -60.01 -2.81
C GLY A 647 13.27 -61.38 -3.38
N LEU A 648 13.93 -61.81 -4.45
CA LEU A 648 13.57 -63.08 -5.14
C LEU A 648 14.36 -64.27 -4.54
N VAL A 649 13.65 -65.16 -3.83
CA VAL A 649 14.18 -66.53 -3.58
C VAL A 649 14.04 -67.30 -4.90
N HIS A 650 15.16 -67.63 -5.52
CA HIS A 650 15.19 -68.38 -6.81
C HIS A 650 14.62 -69.80 -6.59
N ILE A 651 14.02 -70.38 -7.61
CA ILE A 651 13.17 -71.61 -7.53
C ILE A 651 13.90 -72.74 -6.80
N SER A 652 15.16 -73.01 -7.13
CA SER A 652 15.97 -74.09 -6.52
C SER A 652 16.24 -73.83 -5.02
N GLN A 653 16.49 -72.57 -4.65
CA GLN A 653 16.96 -72.18 -3.29
C GLN A 653 15.79 -71.93 -2.31
N ILE A 654 14.59 -72.41 -2.61
CA ILE A 654 13.41 -72.36 -1.69
C ILE A 654 13.36 -73.65 -0.86
N ALA A 655 13.40 -74.84 -1.49
CA ALA A 655 13.00 -76.12 -0.87
C ALA A 655 14.23 -76.91 -0.36
N ASP A 656 15.40 -76.72 -0.97
CA ASP A 656 16.68 -77.46 -0.70
C ASP A 656 16.56 -78.94 -1.11
N LYS A 657 15.60 -79.30 -1.97
CA LYS A 657 15.34 -80.67 -2.46
C LYS A 657 14.42 -80.58 -3.69
N ARG A 658 13.98 -81.71 -4.23
CA ARG A 658 13.02 -81.75 -5.38
C ARG A 658 11.84 -80.81 -5.13
N VAL A 659 11.64 -79.81 -6.00
CA VAL A 659 10.91 -78.54 -5.69
C VAL A 659 9.45 -78.66 -6.12
N GLU A 660 9.20 -79.31 -7.27
CA GLU A 660 7.82 -79.42 -7.82
C GLU A 660 7.21 -78.02 -7.91
N LYS A 661 7.92 -77.09 -8.56
CA LYS A 661 7.45 -75.69 -8.72
C LYS A 661 7.22 -75.06 -7.34
N VAL A 662 8.09 -75.38 -6.36
CA VAL A 662 8.00 -74.78 -4.99
C VAL A 662 6.59 -75.00 -4.43
N THR A 663 6.02 -76.20 -4.61
CA THR A 663 4.63 -76.48 -4.14
C THR A 663 4.56 -76.34 -2.62
N ASP A 664 5.59 -76.84 -1.92
CA ASP A 664 5.61 -76.76 -0.43
C ASP A 664 5.65 -75.30 0.01
N TYR A 665 6.43 -74.46 -0.68
CA TYR A 665 6.56 -73.03 -0.30
C TYR A 665 5.72 -72.16 -1.24
N LEU A 666 4.41 -72.43 -1.32
CA LEU A 666 3.49 -71.63 -2.17
C LEU A 666 2.21 -71.27 -1.40
N GLN A 667 2.11 -70.01 -0.96
CA GLN A 667 0.91 -69.43 -0.33
C GLN A 667 1.08 -67.90 -0.24
N MET A 668 0.29 -67.10 -0.96
CA MET A 668 0.40 -65.62 -0.92
C MET A 668 0.19 -65.12 0.51
N GLY A 669 1.03 -64.17 0.95
CA GLY A 669 0.95 -63.57 2.30
C GLY A 669 1.54 -64.42 3.42
N GLN A 670 2.05 -65.63 3.14
CA GLN A 670 2.71 -66.47 4.16
C GLN A 670 4.02 -65.80 4.60
N GLU A 671 4.16 -65.54 5.90
CA GLU A 671 5.43 -64.97 6.43
C GLU A 671 6.44 -66.11 6.64
N VAL A 672 7.69 -65.86 6.28
CA VAL A 672 8.77 -66.89 6.41
C VAL A 672 10.12 -66.18 6.31
N PRO A 673 11.10 -66.46 7.19
CA PRO A 673 12.38 -65.74 7.17
C PRO A 673 13.17 -65.96 5.87
N VAL A 674 13.72 -64.89 5.30
CA VAL A 674 14.54 -65.00 4.06
C VAL A 674 15.89 -64.30 4.32
N LYS A 675 17.01 -64.94 3.96
CA LYS A 675 18.35 -64.37 4.27
C LYS A 675 19.04 -63.91 2.99
N VAL A 676 19.56 -62.68 2.98
CA VAL A 676 20.28 -62.14 1.78
C VAL A 676 21.68 -62.75 1.74
N LEU A 677 22.27 -62.88 0.55
CA LEU A 677 23.60 -63.51 0.42
C LEU A 677 24.62 -62.45 -0.02
N GLU A 678 24.44 -61.88 -1.23
CA GLU A 678 25.44 -60.90 -1.75
C GLU A 678 24.89 -60.15 -2.96
N VAL A 679 25.68 -59.25 -3.54
CA VAL A 679 25.24 -58.46 -4.74
C VAL A 679 25.18 -59.41 -5.95
N ASP A 680 24.28 -59.13 -6.89
CA ASP A 680 24.11 -59.99 -8.10
C ASP A 680 23.90 -59.09 -9.33
N ARG A 681 23.94 -59.67 -10.53
CA ARG A 681 23.83 -58.87 -11.78
C ARG A 681 22.53 -58.07 -11.78
N GLN A 682 22.56 -56.83 -12.28
CA GLN A 682 21.37 -55.92 -12.32
C GLN A 682 21.19 -55.27 -10.94
N GLY A 683 22.14 -55.50 -10.02
CA GLY A 683 22.07 -54.88 -8.68
C GLY A 683 21.13 -55.62 -7.75
N ARG A 684 20.58 -56.75 -8.20
CA ARG A 684 19.61 -57.52 -7.38
C ARG A 684 20.33 -58.22 -6.24
N ILE A 685 19.78 -58.17 -5.01
CA ILE A 685 20.39 -58.93 -3.89
C ILE A 685 20.00 -60.40 -4.07
N ARG A 686 20.88 -61.34 -3.68
CA ARG A 686 20.53 -62.78 -3.75
C ARG A 686 19.76 -63.19 -2.50
N LEU A 687 18.68 -63.96 -2.65
CA LEU A 687 17.83 -64.34 -1.47
C LEU A 687 17.64 -65.87 -1.40
N SER A 688 17.76 -66.48 -0.22
CA SER A 688 17.50 -67.94 -0.03
C SER A 688 17.01 -68.21 1.38
N ILE A 689 16.32 -69.32 1.59
CA ILE A 689 16.00 -69.75 2.99
C ILE A 689 16.87 -70.97 3.31
N MET B 1 -36.86 -3.98 -28.99
CA MET B 1 -37.16 -3.06 -27.87
C MET B 1 -35.99 -2.13 -27.67
N LEU B 2 -34.88 -2.63 -27.14
CA LEU B 2 -33.65 -1.80 -27.03
C LEU B 2 -33.23 -1.34 -28.43
N ASN B 3 -33.13 -0.03 -28.66
CA ASN B 3 -32.82 0.50 -30.02
C ASN B 3 -31.52 1.31 -29.99
N PRO B 4 -30.44 0.86 -30.68
CA PRO B 4 -29.20 1.63 -30.78
C PRO B 4 -29.17 2.54 -32.01
N ILE B 5 -29.12 3.86 -31.80
CA ILE B 5 -29.04 4.83 -32.94
C ILE B 5 -27.57 5.02 -33.30
N VAL B 6 -27.17 4.65 -34.52
CA VAL B 6 -25.72 4.72 -34.84
C VAL B 6 -25.43 5.61 -36.02
N ARG B 7 -24.37 6.42 -35.93
CA ARG B 7 -23.95 7.32 -37.04
C ARG B 7 -22.45 7.07 -37.24
N LYS B 8 -22.06 6.46 -38.36
CA LYS B 8 -20.65 6.11 -38.47
C LYS B 8 -20.09 6.99 -39.53
N PHE B 9 -19.09 7.79 -39.17
CA PHE B 9 -18.43 8.66 -40.18
C PHE B 9 -17.05 8.11 -40.46
N GLN B 10 -16.18 8.96 -40.99
CA GLN B 10 -14.80 8.51 -41.24
C GLN B 10 -13.87 9.57 -40.72
N TYR B 11 -12.59 9.34 -40.43
CA TYR B 11 -11.76 10.33 -39.73
C TYR B 11 -10.30 9.86 -39.77
N GLY B 12 -9.51 10.45 -40.68
CA GLY B 12 -8.06 10.22 -40.76
C GLY B 12 -7.68 8.75 -40.91
N GLN B 13 -8.26 8.06 -41.88
CA GLN B 13 -8.02 6.63 -42.21
C GLN B 13 -8.66 5.69 -41.17
N HIS B 14 -9.36 6.20 -40.16
CA HIS B 14 -10.12 5.33 -39.20
C HIS B 14 -11.62 5.53 -39.43
N THR B 15 -12.42 4.47 -39.40
CA THR B 15 -13.89 4.59 -39.23
C THR B 15 -14.23 4.85 -37.77
N VAL B 16 -15.16 5.72 -37.47
CA VAL B 16 -15.49 6.07 -36.07
C VAL B 16 -16.93 5.74 -36.05
N THR B 17 -17.46 5.40 -34.86
CA THR B 17 -18.87 4.96 -34.72
C THR B 17 -19.43 5.45 -33.39
N LEU B 18 -20.61 6.09 -33.42
CA LEU B 18 -21.31 6.63 -32.24
C LEU B 18 -22.60 5.83 -32.04
N GLU B 19 -22.83 5.32 -30.83
CA GLU B 19 -24.04 4.53 -30.48
C GLU B 19 -24.68 5.12 -29.21
N THR B 20 -26.00 5.12 -29.14
CA THR B 20 -26.77 5.78 -28.05
C THR B 20 -28.01 4.93 -27.72
N GLY B 21 -28.67 5.23 -26.60
CA GLY B 21 -30.01 4.70 -26.28
C GLY B 21 -29.97 3.30 -25.72
N MET B 22 -28.99 2.46 -26.11
CA MET B 22 -28.97 1.00 -25.85
C MET B 22 -28.73 0.72 -24.36
N MET B 23 -27.84 1.48 -23.71
CA MET B 23 -27.30 1.10 -22.36
C MET B 23 -27.02 2.34 -21.51
N ALA B 24 -27.05 2.16 -20.18
CA ALA B 24 -27.07 3.21 -19.14
C ALA B 24 -28.16 4.24 -19.44
N ARG B 25 -29.34 3.80 -19.91
CA ARG B 25 -30.49 4.64 -20.32
C ARG B 25 -31.02 5.50 -19.15
N GLN B 26 -30.59 5.23 -17.90
CA GLN B 26 -31.04 5.98 -16.70
C GLN B 26 -30.07 7.12 -16.37
N ALA B 27 -28.89 7.19 -17.01
CA ALA B 27 -27.99 8.37 -16.97
C ALA B 27 -28.59 9.48 -17.84
N THR B 28 -28.17 10.74 -17.61
CA THR B 28 -28.70 11.91 -18.34
C THR B 28 -28.41 11.74 -19.84
N ALA B 29 -27.22 11.26 -20.20
CA ALA B 29 -26.88 10.79 -21.57
C ALA B 29 -25.68 9.83 -21.50
N ALA B 30 -25.63 8.86 -22.42
CA ALA B 30 -24.58 7.81 -22.46
C ALA B 30 -24.25 7.48 -23.91
N VAL B 31 -22.97 7.39 -24.24
CA VAL B 31 -22.49 7.18 -25.64
C VAL B 31 -21.38 6.13 -25.63
N MET B 32 -21.48 5.16 -26.53
CA MET B 32 -20.38 4.21 -26.79
C MET B 32 -19.67 4.67 -28.06
N VAL B 33 -18.50 5.31 -27.90
CA VAL B 33 -17.74 5.86 -29.07
C VAL B 33 -16.62 4.88 -29.36
N SER B 34 -16.47 4.47 -30.62
CA SER B 34 -15.45 3.44 -30.98
C SER B 34 -14.73 3.86 -32.26
N MET B 35 -13.39 3.87 -32.21
CA MET B 35 -12.55 4.17 -33.40
C MET B 35 -11.75 2.88 -33.61
N ASP B 36 -11.76 2.30 -34.81
CA ASP B 36 -11.15 0.97 -34.98
C ASP B 36 -11.84 0.17 -33.95
N ASP B 37 -11.15 -0.42 -33.03
CA ASP B 37 -11.96 -1.12 -32.04
C ASP B 37 -11.55 -0.70 -30.66
N THR B 38 -11.00 0.51 -30.51
CA THR B 38 -10.69 1.06 -29.17
C THR B 38 -11.94 1.85 -28.74
N ALA B 39 -12.80 1.22 -27.95
CA ALA B 39 -14.08 1.85 -27.57
C ALA B 39 -14.05 2.32 -26.12
N VAL B 40 -14.57 3.52 -25.90
CA VAL B 40 -14.65 4.12 -24.54
C VAL B 40 -16.10 4.53 -24.29
N PHE B 41 -16.74 3.94 -23.28
CA PHE B 41 -18.14 4.18 -22.90
C PHE B 41 -18.17 5.41 -22.01
N VAL B 42 -18.85 6.47 -22.44
CA VAL B 42 -18.79 7.79 -21.77
C VAL B 42 -20.21 8.22 -21.39
N THR B 43 -20.40 8.65 -20.14
CA THR B 43 -21.74 8.91 -19.56
C THR B 43 -21.69 10.21 -18.76
N VAL B 44 -22.76 10.99 -18.84
CA VAL B 44 -22.91 12.28 -18.09
C VAL B 44 -24.09 12.12 -17.12
N VAL B 45 -23.92 12.62 -15.90
CA VAL B 45 -25.03 12.86 -14.93
C VAL B 45 -24.86 14.29 -14.43
N GLY B 46 -25.95 15.06 -14.43
CA GLY B 46 -26.02 16.41 -13.83
C GLY B 46 -27.34 16.57 -13.10
N GLN B 47 -27.32 17.10 -11.88
CA GLN B 47 -28.55 17.21 -11.04
C GLN B 47 -29.24 18.54 -11.35
N LYS B 48 -30.57 18.52 -11.52
CA LYS B 48 -31.36 19.68 -12.02
C LYS B 48 -31.48 20.75 -10.93
N LYS B 49 -31.57 20.35 -9.65
CA LYS B 49 -31.76 21.28 -8.50
C LYS B 49 -30.39 21.77 -8.01
N ALA B 50 -30.04 23.01 -8.32
CA ALA B 50 -28.79 23.68 -7.91
C ALA B 50 -28.81 23.88 -6.40
N LYS B 51 -27.79 23.42 -5.67
CA LYS B 51 -27.67 23.53 -4.19
C LYS B 51 -27.80 25.01 -3.79
N PRO B 52 -28.73 25.38 -2.88
CA PRO B 52 -29.03 26.79 -2.59
C PRO B 52 -27.86 27.64 -2.09
N GLY B 53 -26.89 27.03 -1.38
CA GLY B 53 -25.71 27.71 -0.83
C GLY B 53 -24.64 27.94 -1.87
N GLN B 54 -24.65 27.20 -2.99
CA GLN B 54 -23.46 26.99 -3.85
C GLN B 54 -23.11 28.24 -4.64
N ASP B 55 -21.80 28.43 -4.91
CA ASP B 55 -21.25 29.68 -5.51
C ASP B 55 -20.08 29.39 -6.46
N PHE B 56 -19.76 28.13 -6.79
CA PHE B 56 -18.77 27.76 -7.82
C PHE B 56 -19.37 26.63 -8.65
N PHE B 57 -18.72 26.19 -9.74
CA PHE B 57 -19.18 25.06 -10.58
C PHE B 57 -18.45 23.77 -10.20
N PRO B 58 -19.11 22.78 -9.55
CA PRO B 58 -18.49 21.49 -9.24
C PRO B 58 -18.61 20.47 -10.38
N LEU B 59 -17.73 20.62 -11.37
CA LEU B 59 -17.51 19.63 -12.47
C LEU B 59 -16.44 18.62 -12.04
N THR B 60 -16.76 17.32 -12.16
CA THR B 60 -15.82 16.20 -11.92
C THR B 60 -15.74 15.33 -13.19
N VAL B 61 -14.53 15.01 -13.63
CA VAL B 61 -14.31 14.08 -14.78
C VAL B 61 -13.42 12.92 -14.31
N ASN B 62 -13.87 11.69 -14.56
CA ASN B 62 -13.16 10.45 -14.16
C ASN B 62 -12.91 9.63 -15.42
N TYR B 63 -11.65 9.26 -15.66
CA TYR B 63 -11.24 8.41 -16.80
C TYR B 63 -10.61 7.15 -16.23
N GLN B 64 -11.14 5.97 -16.58
CA GLN B 64 -10.64 4.68 -15.99
C GLN B 64 -10.38 3.67 -17.12
N GLU B 65 -9.29 2.93 -17.00
CA GLU B 65 -8.83 1.93 -17.99
C GLU B 65 -8.99 0.51 -17.43
N ARG B 66 -10.08 -0.17 -17.79
CA ARG B 66 -10.33 -1.59 -17.42
C ARG B 66 -9.30 -2.48 -18.13
N THR B 67 -8.64 -3.39 -17.40
CA THR B 67 -7.58 -4.26 -17.98
C THR B 67 -8.18 -5.30 -18.92
N TYR B 68 -9.46 -5.64 -18.77
CA TYR B 68 -10.13 -6.65 -19.63
C TYR B 68 -10.24 -6.10 -21.06
N ALA B 69 -10.14 -4.77 -21.23
CA ALA B 69 -10.12 -4.08 -22.54
C ALA B 69 -8.91 -4.49 -23.40
N ALA B 70 -7.85 -5.07 -22.82
CA ALA B 70 -6.68 -5.59 -23.57
C ALA B 70 -6.56 -7.11 -23.42
N GLY B 71 -7.57 -7.79 -22.84
CA GLY B 71 -7.54 -9.23 -22.55
C GLY B 71 -6.36 -9.67 -21.68
N ARG B 72 -6.09 -8.94 -20.59
CA ARG B 72 -5.09 -9.30 -19.55
C ARG B 72 -5.75 -9.30 -18.17
N ILE B 73 -5.37 -10.27 -17.35
CA ILE B 73 -5.68 -10.37 -15.89
C ILE B 73 -4.88 -9.28 -15.17
N PRO B 74 -5.41 -8.61 -14.11
CA PRO B 74 -4.68 -7.55 -13.42
C PRO B 74 -3.28 -7.91 -12.89
N GLY B 75 -3.15 -8.98 -12.11
CA GLY B 75 -1.88 -9.40 -11.47
C GLY B 75 -1.21 -8.28 -10.68
N SER B 76 -1.94 -7.65 -9.74
CA SER B 76 -1.44 -6.52 -8.92
C SER B 76 -2.03 -6.54 -7.49
N PHE B 77 -1.37 -5.81 -6.60
CA PHE B 77 -1.59 -5.85 -5.12
C PHE B 77 -2.74 -4.90 -4.77
N PHE B 78 -2.69 -3.63 -5.24
CA PHE B 78 -3.56 -2.52 -4.77
C PHE B 78 -4.93 -2.54 -5.48
N ARG B 79 -5.90 -3.22 -4.86
CA ARG B 79 -7.35 -3.25 -5.26
C ARG B 79 -7.52 -3.49 -6.77
N ARG B 80 -6.66 -4.34 -7.36
CA ARG B 80 -6.60 -4.69 -8.81
C ARG B 80 -6.54 -3.43 -9.68
N GLU B 81 -5.64 -2.49 -9.32
CA GLU B 81 -5.53 -1.12 -9.87
C GLU B 81 -6.84 -0.35 -9.62
N GLY B 82 -7.22 -0.23 -8.35
CA GLY B 82 -8.44 0.48 -7.89
C GLY B 82 -8.28 1.99 -7.98
N ARG B 83 -7.22 2.54 -7.37
CA ARG B 83 -6.93 4.00 -7.40
C ARG B 83 -6.53 4.40 -8.82
N PRO B 84 -6.87 5.64 -9.27
CA PRO B 84 -6.43 6.10 -10.59
C PRO B 84 -4.93 6.43 -10.55
N SER B 85 -4.17 5.90 -11.51
CA SER B 85 -2.72 6.17 -11.65
C SER B 85 -2.51 7.60 -12.19
N GLU B 86 -1.25 8.03 -12.28
CA GLU B 86 -0.85 9.22 -13.09
C GLU B 86 -1.40 9.10 -14.52
N GLY B 87 -1.18 7.96 -15.18
CA GLY B 87 -1.56 7.71 -16.58
C GLY B 87 -3.04 7.94 -16.86
N GLU B 88 -3.89 7.83 -15.85
CA GLU B 88 -5.36 8.06 -15.96
C GLU B 88 -5.68 9.51 -15.61
N THR B 89 -5.10 10.04 -14.53
CA THR B 89 -5.41 11.39 -13.99
C THR B 89 -5.11 12.45 -15.05
N LEU B 90 -3.98 12.33 -15.75
CA LEU B 90 -3.57 13.25 -16.84
C LEU B 90 -4.63 13.24 -17.96
N ILE B 91 -5.15 12.08 -18.37
CA ILE B 91 -6.16 12.00 -19.46
C ILE B 91 -7.46 12.66 -18.98
N ALA B 92 -7.81 12.54 -17.70
CA ALA B 92 -8.98 13.24 -17.11
C ALA B 92 -8.80 14.75 -17.25
N ARG B 93 -7.59 15.27 -16.98
CA ARG B 93 -7.25 16.71 -17.14
C ARG B 93 -7.37 17.13 -18.61
N LEU B 94 -6.93 16.29 -19.55
CA LEU B 94 -7.02 16.55 -21.01
C LEU B 94 -8.49 16.68 -21.43
N ILE B 95 -9.42 16.00 -20.76
CA ILE B 95 -10.89 16.11 -21.03
C ILE B 95 -11.45 17.35 -20.31
N ASP B 96 -11.00 17.61 -19.07
CA ASP B 96 -11.53 18.70 -18.20
C ASP B 96 -11.21 20.07 -18.82
N ARG B 97 -9.96 20.31 -19.22
CA ARG B 97 -9.42 21.63 -19.63
C ARG B 97 -10.26 22.27 -20.73
N PRO B 98 -10.55 21.60 -21.88
CA PRO B 98 -11.37 22.21 -22.93
C PRO B 98 -12.87 22.34 -22.57
N ILE B 99 -13.39 21.46 -21.71
CA ILE B 99 -14.84 21.38 -21.35
C ILE B 99 -15.19 22.52 -20.39
N ARG B 100 -14.42 22.71 -19.31
CA ARG B 100 -14.78 23.51 -18.11
C ARG B 100 -15.19 24.95 -18.45
N PRO B 101 -14.46 25.71 -19.32
CA PRO B 101 -14.88 27.09 -19.62
C PRO B 101 -16.08 27.21 -20.59
N LEU B 102 -16.52 26.09 -21.17
CA LEU B 102 -17.55 26.07 -22.25
C LEU B 102 -18.96 25.95 -21.66
N PHE B 103 -19.10 25.71 -20.35
CA PHE B 103 -20.39 25.86 -19.62
C PHE B 103 -20.71 27.35 -19.49
N PRO B 104 -22.01 27.75 -19.45
CA PRO B 104 -22.37 29.17 -19.43
C PRO B 104 -22.04 29.82 -18.07
N GLU B 105 -21.83 31.14 -18.08
CA GLU B 105 -21.56 31.94 -16.85
C GLU B 105 -22.75 31.81 -15.90
N GLY B 106 -22.47 31.52 -14.61
CA GLY B 106 -23.47 31.45 -13.53
C GLY B 106 -24.08 30.06 -13.37
N PHE B 107 -23.68 29.09 -14.19
CA PHE B 107 -24.05 27.65 -14.02
C PHE B 107 -23.29 27.11 -12.80
N VAL B 108 -23.99 26.47 -11.88
CA VAL B 108 -23.40 25.96 -10.59
C VAL B 108 -23.96 24.57 -10.24
N ASN B 109 -24.68 23.91 -11.15
CA ASN B 109 -25.19 22.53 -10.95
C ASN B 109 -24.00 21.57 -10.93
N GLU B 110 -24.03 20.55 -10.08
CA GLU B 110 -23.02 19.46 -10.06
C GLU B 110 -23.18 18.60 -11.32
N VAL B 111 -22.07 18.36 -12.02
CA VAL B 111 -22.01 17.50 -13.24
C VAL B 111 -20.86 16.51 -13.08
N GLN B 112 -21.05 15.24 -13.45
CA GLN B 112 -20.00 14.21 -13.38
C GLN B 112 -19.92 13.48 -14.73
N VAL B 113 -18.73 13.44 -15.33
CA VAL B 113 -18.45 12.71 -16.60
C VAL B 113 -17.59 11.50 -16.28
N ILE B 114 -18.05 10.30 -16.59
CA ILE B 114 -17.22 9.06 -16.42
C ILE B 114 -16.94 8.46 -17.81
N ALA B 115 -15.67 8.32 -18.16
CA ALA B 115 -15.19 7.61 -19.38
C ALA B 115 -14.53 6.30 -18.97
N THR B 116 -15.06 5.15 -19.40
CA THR B 116 -14.46 3.81 -19.11
C THR B 116 -14.00 3.17 -20.42
N VAL B 117 -12.71 2.86 -20.56
CA VAL B 117 -12.18 2.18 -21.78
C VAL B 117 -12.60 0.71 -21.75
N VAL B 118 -13.34 0.23 -22.74
CA VAL B 118 -13.88 -1.17 -22.74
C VAL B 118 -13.21 -2.06 -23.79
N SER B 119 -12.53 -1.50 -24.79
CA SER B 119 -11.71 -2.26 -25.79
C SER B 119 -10.53 -1.41 -26.26
N VAL B 120 -9.39 -2.00 -26.60
CA VAL B 120 -8.23 -1.25 -27.20
C VAL B 120 -7.54 -2.11 -28.26
N ASN B 121 -7.51 -1.65 -29.51
CA ASN B 121 -6.45 -2.02 -30.51
C ASN B 121 -5.16 -1.34 -30.06
N PRO B 122 -4.03 -2.04 -29.85
CA PRO B 122 -2.81 -1.41 -29.33
C PRO B 122 -2.26 -0.22 -30.15
N GLN B 123 -2.58 -0.12 -31.44
CA GLN B 123 -2.07 0.96 -32.33
C GLN B 123 -2.91 2.23 -32.19
N VAL B 124 -4.09 2.20 -31.60
CA VAL B 124 -5.02 3.37 -31.50
C VAL B 124 -5.19 3.74 -30.01
N ASN B 125 -4.71 4.93 -29.62
CA ASN B 125 -4.77 5.45 -28.23
C ASN B 125 -6.21 5.82 -27.91
N PRO B 126 -6.78 5.38 -26.76
CA PRO B 126 -8.16 5.75 -26.40
C PRO B 126 -8.40 7.19 -25.92
N ASP B 127 -7.36 8.00 -25.66
CA ASP B 127 -7.53 9.35 -25.02
C ASP B 127 -8.38 10.28 -25.91
N ILE B 128 -8.04 10.44 -27.18
CA ILE B 128 -8.75 11.30 -28.16
C ILE B 128 -10.07 10.63 -28.55
N VAL B 129 -10.26 9.34 -28.29
CA VAL B 129 -11.58 8.65 -28.49
C VAL B 129 -12.46 9.08 -27.31
N ALA B 130 -11.89 9.18 -26.10
CA ALA B 130 -12.60 9.61 -24.87
C ALA B 130 -12.98 11.08 -25.00
N MET B 131 -12.13 11.92 -25.60
CA MET B 131 -12.38 13.38 -25.76
C MET B 131 -13.60 13.63 -26.66
N ILE B 132 -13.72 12.92 -27.80
CA ILE B 132 -14.89 13.09 -28.72
C ILE B 132 -16.12 12.42 -28.09
N GLY B 133 -15.95 11.39 -27.26
CA GLY B 133 -17.03 10.77 -26.47
C GLY B 133 -17.62 11.71 -25.44
N ALA B 134 -16.78 12.44 -24.70
CA ALA B 134 -17.22 13.44 -23.69
C ALA B 134 -18.02 14.53 -24.41
N SER B 135 -17.52 15.00 -25.55
CA SER B 135 -18.20 16.00 -26.42
C SER B 135 -19.60 15.52 -26.78
N ALA B 136 -19.72 14.28 -27.28
CA ALA B 136 -21.01 13.65 -27.64
C ALA B 136 -21.94 13.58 -26.41
N ALA B 137 -21.45 13.06 -25.29
CA ALA B 137 -22.26 12.76 -24.09
C ALA B 137 -22.82 14.06 -23.49
N LEU B 138 -22.02 15.14 -23.41
CA LEU B 138 -22.53 16.47 -22.99
C LEU B 138 -23.58 16.97 -23.99
N SER B 139 -23.32 16.88 -25.30
CA SER B 139 -24.14 17.57 -26.35
C SER B 139 -25.46 16.83 -26.56
N LEU B 140 -25.51 15.52 -26.32
CA LEU B 140 -26.74 14.67 -26.38
C LEU B 140 -27.66 15.00 -25.20
N SER B 141 -27.11 15.32 -24.03
CA SER B 141 -27.88 15.64 -22.80
C SER B 141 -28.61 16.98 -22.98
N GLY B 142 -29.56 17.29 -22.10
CA GLY B 142 -30.24 18.60 -22.07
C GLY B 142 -29.36 19.73 -21.51
N ILE B 143 -28.15 19.41 -21.03
CA ILE B 143 -27.36 20.33 -20.14
C ILE B 143 -26.92 21.54 -20.96
N PRO B 144 -27.04 22.77 -20.42
CA PRO B 144 -26.71 23.99 -21.17
C PRO B 144 -25.18 24.13 -21.37
N PHE B 145 -24.72 23.96 -22.61
CA PHE B 145 -23.29 23.74 -22.98
C PHE B 145 -23.05 24.36 -24.36
N ASN B 146 -22.00 25.18 -24.52
CA ASN B 146 -21.83 26.07 -25.71
C ASN B 146 -21.22 25.28 -26.86
N GLY B 147 -21.97 24.32 -27.41
CA GLY B 147 -21.67 23.63 -28.66
C GLY B 147 -20.64 22.52 -28.49
N PRO B 148 -20.60 21.55 -29.43
CA PRO B 148 -19.67 20.43 -29.34
C PRO B 148 -18.20 20.83 -29.57
N ILE B 149 -17.30 20.04 -29.01
CA ILE B 149 -15.83 20.14 -29.18
C ILE B 149 -15.36 18.96 -30.03
N GLY B 150 -14.40 19.19 -30.92
CA GLY B 150 -13.64 18.12 -31.60
C GLY B 150 -12.42 17.77 -30.77
N ALA B 151 -11.67 16.76 -31.20
CA ALA B 151 -10.29 16.53 -30.74
C ALA B 151 -9.49 15.85 -31.85
N ALA B 152 -8.20 16.19 -31.95
CA ALA B 152 -7.27 15.68 -32.99
C ALA B 152 -5.86 15.58 -32.40
N ARG B 153 -5.09 14.57 -32.82
CA ARG B 153 -3.64 14.50 -32.52
C ARG B 153 -2.89 14.64 -33.84
N VAL B 154 -1.93 15.54 -33.92
CA VAL B 154 -1.12 15.75 -35.16
C VAL B 154 0.31 15.28 -34.88
N GLY B 155 0.89 14.55 -35.83
CA GLY B 155 2.31 14.20 -35.89
C GLY B 155 3.00 14.90 -37.03
N TYR B 156 4.33 14.87 -37.03
CA TYR B 156 5.19 15.48 -38.09
C TYR B 156 6.19 14.43 -38.56
N ILE B 157 6.11 14.03 -39.84
CA ILE B 157 6.95 12.94 -40.43
C ILE B 157 7.38 13.38 -41.83
N ASN B 158 8.68 13.29 -42.14
CA ASN B 158 9.27 13.62 -43.47
C ASN B 158 8.73 14.98 -43.96
N ASP B 159 8.64 15.96 -43.06
CA ASP B 159 8.18 17.35 -43.32
C ASP B 159 6.72 17.41 -43.82
N GLN B 160 5.88 16.44 -43.48
CA GLN B 160 4.41 16.52 -43.68
C GLN B 160 3.68 16.30 -42.35
N TYR B 161 2.62 17.06 -42.11
CA TYR B 161 1.69 16.82 -40.99
C TYR B 161 0.92 15.53 -41.25
N VAL B 162 0.64 14.78 -40.18
CA VAL B 162 -0.16 13.52 -40.22
C VAL B 162 -1.25 13.60 -39.16
N LEU B 163 -2.51 13.39 -39.53
CA LEU B 163 -3.64 13.32 -38.56
C LEU B 163 -3.68 11.95 -37.87
N ASN B 164 -3.89 11.97 -36.55
CA ASN B 164 -4.10 10.79 -35.66
C ASN B 164 -3.14 9.66 -36.00
N PRO B 165 -1.80 9.85 -35.86
CA PRO B 165 -0.86 8.79 -36.16
C PRO B 165 -1.05 7.58 -35.25
N THR B 166 -0.82 6.37 -35.78
CA THR B 166 -0.83 5.13 -34.98
C THR B 166 0.43 5.06 -34.10
N GLN B 167 0.35 4.27 -33.04
CA GLN B 167 1.36 4.24 -31.95
C GLN B 167 2.75 3.85 -32.46
N ASP B 168 2.84 3.25 -33.66
CA ASP B 168 4.10 2.92 -34.36
C ASP B 168 4.62 4.13 -35.17
N GLU B 169 3.76 4.78 -35.94
CA GLU B 169 4.10 6.02 -36.70
C GLU B 169 4.62 7.11 -35.73
N LEU B 170 4.06 7.16 -34.52
CA LEU B 170 4.38 8.19 -33.51
C LEU B 170 5.88 8.15 -33.18
N LYS B 171 6.49 6.96 -33.12
CA LYS B 171 7.92 6.80 -32.72
C LYS B 171 8.85 7.34 -33.81
N GLU B 172 8.41 7.38 -35.07
CA GLU B 172 9.19 7.95 -36.20
C GLU B 172 9.01 9.48 -36.23
N SER B 173 7.92 10.00 -35.68
CA SER B 173 7.54 11.43 -35.76
C SER B 173 8.40 12.31 -34.85
N LYS B 174 8.62 13.57 -35.23
CA LYS B 174 9.39 14.53 -34.39
C LYS B 174 8.43 15.52 -33.72
N LEU B 175 7.15 15.16 -33.59
CA LEU B 175 6.10 15.99 -32.91
C LEU B 175 4.95 15.10 -32.42
N ASP B 176 4.37 15.46 -31.27
CA ASP B 176 3.14 14.85 -30.71
C ASP B 176 2.30 15.97 -30.10
N LEU B 177 1.22 16.38 -30.76
CA LEU B 177 0.46 17.61 -30.40
C LEU B 177 -1.05 17.31 -30.46
N VAL B 178 -1.76 17.52 -29.36
CA VAL B 178 -3.25 17.39 -29.29
C VAL B 178 -3.87 18.79 -29.42
N VAL B 179 -4.95 18.90 -30.18
CA VAL B 179 -5.79 20.13 -30.31
C VAL B 179 -7.23 19.77 -29.94
N ALA B 180 -7.94 20.68 -29.30
CA ALA B 180 -9.39 20.61 -29.09
C ALA B 180 -9.99 22.00 -29.37
N GLY B 181 -11.13 22.05 -30.07
CA GLY B 181 -11.73 23.32 -30.50
C GLY B 181 -13.14 23.15 -31.02
N THR B 182 -13.80 24.27 -31.34
CA THR B 182 -15.23 24.34 -31.74
C THR B 182 -15.29 24.61 -33.26
N GLU B 183 -16.45 24.99 -33.78
CA GLU B 183 -16.58 25.56 -35.16
C GLU B 183 -15.78 26.88 -35.27
N ALA B 184 -15.79 27.68 -34.19
CA ALA B 184 -15.31 29.09 -34.19
C ALA B 184 -13.79 29.17 -33.99
N ALA B 185 -13.24 28.45 -33.01
CA ALA B 185 -11.89 28.74 -32.46
C ALA B 185 -11.30 27.51 -31.74
N VAL B 186 -9.96 27.45 -31.67
CA VAL B 186 -9.17 26.50 -30.82
C VAL B 186 -9.48 26.83 -29.34
N LEU B 187 -9.53 25.81 -28.49
CA LEU B 187 -9.68 25.98 -27.02
C LEU B 187 -8.41 25.51 -26.28
N MET B 188 -7.78 24.42 -26.70
CA MET B 188 -6.67 23.80 -25.92
C MET B 188 -5.63 23.19 -26.87
N VAL B 189 -4.35 23.36 -26.54
CA VAL B 189 -3.20 22.69 -27.24
C VAL B 189 -2.25 22.15 -26.19
N GLU B 190 -1.76 20.93 -26.35
CA GLU B 190 -0.69 20.32 -25.51
C GLU B 190 0.26 19.55 -26.43
N SER B 191 1.59 19.66 -26.24
CA SER B 191 2.57 19.13 -27.21
C SER B 191 3.91 18.74 -26.59
N GLU B 192 4.55 17.74 -27.21
CA GLU B 192 5.99 17.40 -27.16
C GLU B 192 6.58 17.61 -28.57
N ALA B 193 7.77 18.20 -28.68
CA ALA B 193 8.45 18.43 -29.98
C ALA B 193 9.96 18.19 -29.85
N GLN B 194 10.59 17.67 -30.91
CA GLN B 194 12.06 17.49 -30.95
C GLN B 194 12.71 18.77 -31.51
N LEU B 195 12.64 19.88 -30.76
CA LEU B 195 13.21 21.20 -31.10
C LEU B 195 12.73 21.68 -32.48
N LEU B 196 11.41 21.76 -32.67
CA LEU B 196 10.79 22.40 -33.86
C LEU B 196 10.73 23.93 -33.66
N SER B 197 10.70 24.69 -34.76
CA SER B 197 10.50 26.16 -34.78
C SER B 197 9.05 26.50 -34.43
N GLU B 198 8.83 27.72 -33.93
CA GLU B 198 7.49 28.23 -33.49
C GLU B 198 6.50 28.26 -34.67
N ASP B 199 6.99 28.45 -35.90
CA ASP B 199 6.17 28.45 -37.15
C ASP B 199 5.62 27.04 -37.40
N GLN B 200 6.47 26.01 -37.29
CA GLN B 200 6.07 24.58 -37.49
C GLN B 200 5.03 24.18 -36.45
N MET B 201 5.12 24.69 -35.22
CA MET B 201 4.17 24.34 -34.14
C MET B 201 2.78 24.90 -34.47
N LEU B 202 2.68 26.17 -34.90
CA LEU B 202 1.37 26.80 -35.21
C LEU B 202 0.78 26.18 -36.49
N GLY B 203 1.62 25.78 -37.45
CA GLY B 203 1.19 25.01 -38.62
C GLY B 203 0.45 23.75 -38.20
N ALA B 204 0.96 23.03 -37.19
CA ALA B 204 0.35 21.81 -36.63
C ALA B 204 -1.01 22.14 -36.01
N VAL B 205 -1.09 23.24 -35.23
CA VAL B 205 -2.34 23.66 -34.52
C VAL B 205 -3.43 23.99 -35.56
N VAL B 206 -3.08 24.74 -36.61
CA VAL B 206 -4.02 25.14 -37.69
C VAL B 206 -4.50 23.87 -38.41
N PHE B 207 -3.57 23.00 -38.83
CA PHE B 207 -3.86 21.75 -39.59
C PHE B 207 -4.81 20.86 -38.78
N GLY B 208 -4.54 20.70 -37.47
CA GLY B 208 -5.40 19.92 -36.56
C GLY B 208 -6.83 20.47 -36.52
N HIS B 209 -6.95 21.79 -36.39
CA HIS B 209 -8.24 22.50 -36.19
C HIS B 209 -9.08 22.50 -37.47
N GLU B 210 -8.41 22.52 -38.64
CA GLU B 210 -9.05 22.56 -39.98
C GLU B 210 -9.79 21.24 -40.27
N GLN B 211 -9.43 20.12 -39.62
CA GLN B 211 -10.00 18.80 -39.98
C GLN B 211 -10.61 18.05 -38.78
N GLN B 212 -10.49 18.55 -37.55
CA GLN B 212 -11.38 18.14 -36.41
C GLN B 212 -12.82 18.59 -36.69
N GLN B 213 -13.04 19.46 -37.67
CA GLN B 213 -14.40 19.92 -38.07
C GLN B 213 -15.29 18.74 -38.49
N VAL B 214 -14.74 17.66 -39.05
CA VAL B 214 -15.57 16.52 -39.56
C VAL B 214 -16.24 15.82 -38.36
N VAL B 215 -15.62 15.83 -37.19
CA VAL B 215 -16.21 15.32 -35.93
C VAL B 215 -17.41 16.19 -35.57
N ILE B 216 -17.26 17.51 -35.61
CA ILE B 216 -18.35 18.48 -35.28
C ILE B 216 -19.54 18.27 -36.21
N GLN B 217 -19.33 18.05 -37.52
CA GLN B 217 -20.44 17.82 -38.50
C GLN B 217 -21.26 16.60 -38.03
N ASN B 218 -20.60 15.49 -37.72
CA ASN B 218 -21.26 14.21 -37.41
C ASN B 218 -21.94 14.27 -36.03
N ILE B 219 -21.31 14.92 -35.05
CA ILE B 219 -21.88 15.05 -33.67
C ILE B 219 -23.21 15.81 -33.80
N ASN B 220 -23.27 16.87 -34.61
CA ASN B 220 -24.51 17.69 -34.76
C ASN B 220 -25.61 16.88 -35.46
N GLU B 221 -25.26 15.94 -36.34
CA GLU B 221 -26.25 15.06 -37.01
C GLU B 221 -26.88 14.10 -36.00
N LEU B 222 -26.06 13.51 -35.12
CA LEU B 222 -26.54 12.62 -34.03
C LEU B 222 -27.42 13.43 -33.06
N VAL B 223 -27.02 14.65 -32.68
CA VAL B 223 -27.72 15.46 -31.64
C VAL B 223 -29.17 15.75 -32.05
N LYS B 224 -29.45 16.15 -33.29
CA LYS B 224 -30.84 16.45 -33.76
C LYS B 224 -31.61 15.18 -34.13
N GLU B 225 -30.97 14.02 -34.20
CA GLU B 225 -31.62 12.73 -34.53
C GLU B 225 -31.98 11.98 -33.24
N ALA B 226 -31.22 12.16 -32.14
CA ALA B 226 -31.33 11.33 -30.92
C ALA B 226 -31.13 12.13 -29.62
N GLY B 227 -31.06 13.46 -29.66
CA GLY B 227 -30.73 14.29 -28.48
C GLY B 227 -31.95 14.54 -27.61
N LYS B 228 -31.74 14.67 -26.30
CA LYS B 228 -32.81 15.03 -25.32
C LYS B 228 -33.11 16.52 -25.47
N PRO B 229 -34.30 17.01 -25.03
CA PRO B 229 -34.61 18.44 -25.05
C PRO B 229 -33.74 19.24 -24.05
N ARG B 230 -33.38 20.48 -24.41
CA ARG B 230 -32.57 21.41 -23.57
C ARG B 230 -33.31 21.71 -22.27
N TRP B 231 -32.59 21.72 -21.14
CA TRP B 231 -33.05 22.16 -19.79
C TRP B 231 -33.56 23.60 -19.87
N ASP B 232 -34.64 23.93 -19.14
CA ASP B 232 -35.18 25.31 -19.04
C ASP B 232 -34.41 26.07 -17.94
N TRP B 233 -33.11 26.21 -18.15
CA TRP B 233 -32.17 26.86 -17.19
C TRP B 233 -31.90 28.29 -17.65
N GLN B 234 -32.04 29.26 -16.73
CA GLN B 234 -31.79 30.70 -17.00
C GLN B 234 -30.68 31.26 -16.11
N PRO B 235 -29.87 32.24 -16.60
CA PRO B 235 -28.85 32.88 -15.79
C PRO B 235 -29.47 33.59 -14.58
N GLU B 236 -28.81 33.51 -13.42
CA GLU B 236 -29.07 34.31 -12.20
C GLU B 236 -29.06 35.81 -12.56
N PRO B 237 -30.13 36.55 -12.21
CA PRO B 237 -30.26 37.96 -12.60
C PRO B 237 -29.21 38.87 -11.94
N VAL B 238 -29.09 40.12 -12.39
CA VAL B 238 -27.84 40.94 -12.25
C VAL B 238 -27.72 41.43 -10.81
N ASN B 239 -28.83 41.84 -10.16
CA ASN B 239 -28.84 42.57 -8.85
C ASN B 239 -27.99 43.85 -8.97
N GLU B 240 -28.24 44.63 -10.01
CA GLU B 240 -27.37 45.79 -10.40
C GLU B 240 -27.43 46.95 -9.38
N ALA B 241 -28.54 47.17 -8.66
CA ALA B 241 -28.67 48.35 -7.76
C ALA B 241 -27.59 48.30 -6.68
N LEU B 242 -27.34 47.12 -6.12
CA LEU B 242 -26.26 46.93 -5.11
C LEU B 242 -24.91 47.04 -5.81
N ASN B 243 -24.83 46.53 -7.04
CA ASN B 243 -23.60 46.57 -7.90
C ASN B 243 -23.22 48.04 -8.13
N ALA B 244 -24.17 48.85 -8.59
CA ALA B 244 -23.98 50.29 -8.91
C ALA B 244 -23.52 51.05 -7.66
N ARG B 245 -24.20 50.88 -6.53
CA ARG B 245 -23.94 51.68 -5.30
C ARG B 245 -22.51 51.40 -4.81
N VAL B 246 -22.12 50.12 -4.76
CA VAL B 246 -20.77 49.71 -4.25
C VAL B 246 -19.71 50.18 -5.25
N ALA B 247 -19.99 50.14 -6.55
CA ALA B 247 -19.05 50.59 -7.62
C ALA B 247 -18.77 52.08 -7.43
N ALA B 248 -19.82 52.89 -7.23
CA ALA B 248 -19.72 54.35 -7.01
C ALA B 248 -18.86 54.65 -5.77
N LEU B 249 -19.00 53.85 -4.70
CA LEU B 249 -18.27 54.06 -3.43
C LEU B 249 -16.77 53.75 -3.58
N ALA B 250 -16.40 52.79 -4.44
CA ALA B 250 -15.05 52.16 -4.41
C ALA B 250 -14.22 52.49 -5.64
N GLU B 251 -14.79 52.50 -6.85
CA GLU B 251 -14.01 52.50 -8.12
C GLU B 251 -13.02 53.68 -8.14
N ALA B 252 -13.50 54.88 -7.82
CA ALA B 252 -12.73 56.14 -7.81
C ALA B 252 -11.53 56.07 -6.84
N ARG B 253 -11.61 55.24 -5.80
CA ARG B 253 -10.57 55.14 -4.74
C ARG B 253 -9.63 53.97 -5.04
N LEU B 254 -10.16 52.86 -5.55
CA LEU B 254 -9.36 51.69 -6.02
C LEU B 254 -8.45 52.16 -7.17
N SER B 255 -8.98 52.91 -8.14
CA SER B 255 -8.22 53.44 -9.31
C SER B 255 -7.11 54.40 -8.86
N ASP B 256 -7.27 55.06 -7.70
CA ASP B 256 -6.21 55.85 -7.04
C ASP B 256 -5.16 54.90 -6.45
N ALA B 257 -5.58 53.98 -5.57
CA ALA B 257 -4.68 53.05 -4.82
C ALA B 257 -3.76 52.27 -5.78
N TYR B 258 -4.24 51.87 -6.96
CA TYR B 258 -3.37 51.02 -7.83
C TYR B 258 -2.21 51.82 -8.44
N ARG B 259 -2.23 53.15 -8.36
CA ARG B 259 -1.09 53.99 -8.85
C ARG B 259 0.10 53.96 -7.88
N ILE B 260 -0.11 53.53 -6.62
CA ILE B 260 0.92 53.53 -5.54
C ILE B 260 2.03 52.54 -5.89
N THR B 261 3.30 52.94 -5.71
CA THR B 261 4.49 52.18 -6.18
C THR B 261 4.82 51.03 -5.22
N ASP B 262 4.62 51.24 -3.91
CA ASP B 262 4.92 50.22 -2.85
C ASP B 262 3.81 49.16 -2.84
N LYS B 263 4.19 47.89 -3.07
CA LYS B 263 3.34 46.67 -2.90
C LYS B 263 2.55 46.72 -1.59
N GLN B 264 3.22 47.02 -0.46
CA GLN B 264 2.65 46.91 0.90
C GLN B 264 1.67 48.05 1.16
N GLU B 265 2.04 49.31 0.90
CA GLU B 265 1.13 50.47 1.12
C GLU B 265 -0.11 50.35 0.22
N ARG B 266 0.09 49.90 -1.00
CA ARG B 266 -1.07 49.66 -1.86
C ARG B 266 -1.95 48.69 -1.08
N TYR B 267 -1.48 47.49 -0.81
CA TYR B 267 -2.28 46.42 -0.15
C TYR B 267 -3.05 47.03 1.04
N ALA B 268 -2.33 47.75 1.92
CA ALA B 268 -2.88 48.38 3.14
C ALA B 268 -4.02 49.35 2.79
N GLN B 269 -3.79 50.27 1.86
CA GLN B 269 -4.77 51.30 1.43
C GLN B 269 -6.00 50.63 0.82
N VAL B 270 -5.79 49.61 -0.04
CA VAL B 270 -6.90 48.84 -0.69
C VAL B 270 -7.73 48.16 0.40
N ASP B 271 -7.08 47.46 1.34
CA ASP B 271 -7.78 46.71 2.42
C ASP B 271 -8.56 47.68 3.31
N VAL B 272 -8.12 48.92 3.41
CA VAL B 272 -8.95 49.90 4.17
C VAL B 272 -10.11 50.35 3.31
N ILE B 273 -9.88 50.72 2.07
CA ILE B 273 -11.02 51.26 1.31
C ILE B 273 -11.96 50.12 1.33
N LYS B 274 -11.40 48.96 1.20
CA LYS B 274 -12.36 47.89 1.04
C LYS B 274 -13.23 47.82 2.25
N SER B 275 -12.66 47.65 3.42
CA SER B 275 -13.60 47.41 4.55
C SER B 275 -14.49 48.61 4.77
N GLU B 276 -14.09 49.80 4.37
CA GLU B 276 -14.98 50.91 4.74
C GLU B 276 -16.27 50.78 3.98
N THR B 277 -16.20 50.90 2.67
CA THR B 277 -17.49 50.89 1.97
C THR B 277 -18.04 49.51 2.22
N ILE B 278 -17.20 48.64 2.75
CA ILE B 278 -17.86 47.38 3.06
C ILE B 278 -18.86 47.74 4.14
N ALA B 279 -18.37 48.31 5.22
CA ALA B 279 -19.26 48.60 6.36
C ALA B 279 -20.23 49.72 6.09
N THR B 280 -19.79 50.73 5.37
CA THR B 280 -20.68 51.90 5.25
C THR B 280 -22.01 51.49 4.65
N LEU B 281 -22.03 50.60 3.69
CA LEU B 281 -23.36 50.28 3.13
C LEU B 281 -23.96 49.24 4.03
N LEU B 282 -23.16 48.68 4.93
CA LEU B 282 -23.82 47.78 5.89
C LEU B 282 -24.75 48.66 6.74
N ALA B 283 -24.42 49.94 6.80
CA ALA B 283 -25.33 50.84 7.54
C ALA B 283 -26.67 50.90 6.86
N GLU B 284 -26.69 51.02 5.54
CA GLU B 284 -27.99 51.27 4.86
C GLU B 284 -28.93 50.11 5.18
N ASP B 285 -28.43 48.89 5.25
CA ASP B 285 -29.36 47.83 5.65
C ASP B 285 -28.57 46.62 6.09
N GLU B 286 -29.25 45.62 6.63
CA GLU B 286 -28.51 44.38 6.90
C GLU B 286 -28.41 43.66 5.56
N THR B 287 -27.56 44.18 4.67
CA THR B 287 -27.36 43.56 3.34
C THR B 287 -26.40 42.41 3.52
N LEU B 288 -25.91 41.86 2.44
CA LEU B 288 -25.11 40.63 2.60
C LEU B 288 -23.76 40.93 3.20
N ASP B 289 -23.06 39.87 3.59
CA ASP B 289 -21.70 40.03 4.12
C ASP B 289 -20.73 39.72 3.00
N GLU B 290 -19.69 38.96 3.32
CA GLU B 290 -18.66 38.64 2.31
C GLU B 290 -19.35 37.90 1.21
N ASN B 291 -20.48 37.33 1.53
CA ASN B 291 -21.16 36.50 0.52
C ASN B 291 -21.42 37.41 -0.67
N GLU B 292 -21.78 38.65 -0.44
CA GLU B 292 -22.00 39.39 -1.68
C GLU B 292 -21.01 40.53 -1.76
N LEU B 293 -20.79 41.19 -0.64
CA LEU B 293 -19.91 42.35 -0.75
C LEU B 293 -18.59 41.94 -1.39
N GLY B 294 -17.91 41.00 -0.78
CA GLY B 294 -16.57 40.74 -1.30
C GLY B 294 -16.71 40.54 -2.77
N GLU B 295 -17.69 39.76 -3.11
CA GLU B 295 -17.65 39.53 -4.54
C GLU B 295 -17.81 40.84 -5.27
N ILE B 296 -18.80 41.61 -4.90
CA ILE B 296 -18.98 42.75 -5.80
C ILE B 296 -17.71 43.50 -5.71
N LEU B 297 -17.04 43.40 -4.58
CA LEU B 297 -15.82 44.20 -4.65
C LEU B 297 -14.70 43.62 -5.51
N HIS B 298 -14.34 42.36 -5.28
CA HIS B 298 -13.17 41.83 -5.99
C HIS B 298 -13.39 42.12 -7.43
N ALA B 299 -14.60 42.11 -7.83
CA ALA B 299 -14.70 42.31 -9.25
C ALA B 299 -14.27 43.71 -9.56
N ILE B 300 -14.59 44.66 -8.72
CA ILE B 300 -14.22 46.00 -9.15
C ILE B 300 -12.72 45.95 -9.21
N GLU B 301 -12.11 45.26 -8.29
CA GLU B 301 -10.64 45.30 -8.41
C GLU B 301 -10.15 44.70 -9.70
N LYS B 302 -10.69 43.57 -10.05
CA LYS B 302 -10.09 42.98 -11.22
C LYS B 302 -10.38 43.89 -12.38
N ASN B 303 -11.55 44.45 -12.43
CA ASN B 303 -11.71 45.27 -13.62
C ASN B 303 -10.71 46.37 -13.56
N VAL B 304 -10.26 46.75 -12.39
CA VAL B 304 -9.39 47.94 -12.43
C VAL B 304 -8.04 47.61 -13.01
N VAL B 305 -7.48 46.50 -12.60
CA VAL B 305 -6.16 46.09 -13.10
C VAL B 305 -6.37 45.88 -14.57
N ARG B 306 -7.49 45.25 -14.94
CA ARG B 306 -7.73 44.90 -16.37
C ARG B 306 -7.58 46.15 -17.24
N SER B 307 -8.35 47.20 -16.96
CA SER B 307 -8.31 48.45 -17.78
C SER B 307 -6.89 49.03 -17.77
N ARG B 308 -6.26 49.07 -16.59
CA ARG B 308 -4.89 49.64 -16.46
C ARG B 308 -3.93 48.91 -17.43
N VAL B 309 -4.01 47.58 -17.50
CA VAL B 309 -3.07 46.80 -18.36
C VAL B 309 -3.35 47.10 -19.83
N LEU B 310 -4.62 47.10 -20.24
CA LEU B 310 -4.98 47.33 -21.67
C LEU B 310 -4.55 48.74 -22.09
N ALA B 311 -4.74 49.74 -21.22
CA ALA B 311 -4.42 51.14 -21.60
C ALA B 311 -2.92 51.28 -21.89
N GLY B 312 -2.07 50.66 -21.08
CA GLY B 312 -0.60 50.78 -21.26
C GLY B 312 0.06 51.30 -20.00
N GLU B 313 -0.39 50.86 -18.83
CA GLU B 313 0.15 51.38 -17.55
C GLU B 313 0.91 50.26 -16.83
N PRO B 314 2.02 50.55 -16.11
CA PRO B 314 2.77 49.54 -15.37
C PRO B 314 1.87 48.49 -14.68
N ARG B 315 2.27 47.22 -14.73
CA ARG B 315 1.43 46.16 -14.20
C ARG B 315 1.47 46.22 -12.68
N ILE B 316 0.73 45.35 -12.06
CA ILE B 316 0.64 45.45 -10.61
C ILE B 316 2.00 45.37 -9.95
N ASP B 317 3.04 44.86 -10.59
CA ASP B 317 4.31 44.73 -9.80
C ASP B 317 5.37 45.67 -10.27
N GLY B 318 5.05 46.57 -11.14
CA GLY B 318 6.01 47.59 -11.53
C GLY B 318 6.61 47.28 -12.85
N ARG B 319 6.56 46.04 -13.26
CA ARG B 319 7.27 45.69 -14.49
C ARG B 319 6.41 46.12 -15.64
N GLU B 320 6.99 46.26 -16.80
CA GLU B 320 6.20 46.58 -17.99
C GLU B 320 5.59 45.33 -18.64
N LYS B 321 5.44 45.31 -19.93
CA LYS B 321 4.74 44.18 -20.52
C LYS B 321 5.78 43.35 -21.16
N ASP B 322 7.00 43.52 -20.78
CA ASP B 322 8.06 42.61 -21.26
C ASP B 322 9.25 42.73 -20.35
N MET B 323 9.25 42.06 -19.23
CA MET B 323 10.43 42.04 -18.40
C MET B 323 10.30 40.85 -17.52
N ILE B 324 11.06 39.80 -17.72
CA ILE B 324 10.96 38.66 -16.80
C ILE B 324 11.54 39.18 -15.52
N ARG B 325 11.18 38.66 -14.35
CA ARG B 325 11.62 39.29 -13.09
C ARG B 325 13.08 39.04 -12.88
N GLY B 326 13.67 39.42 -11.79
CA GLY B 326 15.10 39.24 -11.48
C GLY B 326 15.43 37.77 -11.27
N LEU B 327 16.59 37.34 -11.78
CA LEU B 327 17.03 35.92 -11.73
C LEU B 327 18.27 35.76 -10.85
N ASP B 328 18.28 34.73 -10.01
CA ASP B 328 19.51 34.24 -9.35
C ASP B 328 19.54 32.71 -9.41
N VAL B 329 20.74 32.16 -9.66
CA VAL B 329 20.96 30.73 -10.00
C VAL B 329 22.21 30.25 -9.28
N ARG B 330 22.11 29.23 -8.43
CA ARG B 330 23.30 28.63 -7.79
C ARG B 330 23.21 27.10 -7.91
N THR B 331 24.37 26.48 -8.11
CA THR B 331 24.49 25.04 -8.44
C THR B 331 25.45 24.38 -7.44
N GLY B 332 25.30 23.07 -7.25
CA GLY B 332 25.99 22.31 -6.20
C GLY B 332 25.53 22.72 -4.81
N VAL B 333 24.28 23.15 -4.67
CA VAL B 333 23.71 23.75 -3.42
C VAL B 333 23.59 22.69 -2.32
N LEU B 334 23.41 21.41 -2.65
CA LEU B 334 23.36 20.32 -1.63
C LEU B 334 24.63 19.47 -1.70
N PRO B 335 25.24 19.12 -0.55
CA PRO B 335 26.34 18.14 -0.54
C PRO B 335 25.80 16.72 -0.75
N ARG B 336 26.62 15.87 -1.37
CA ARG B 336 26.40 14.39 -1.50
C ARG B 336 25.04 14.06 -2.16
N THR B 337 24.66 14.82 -3.20
CA THR B 337 23.65 14.45 -4.22
C THR B 337 24.33 14.47 -5.59
N HIS B 338 23.86 13.67 -6.54
CA HIS B 338 24.57 13.46 -7.82
C HIS B 338 24.64 14.75 -8.65
N GLY B 339 23.65 15.64 -8.57
CA GLY B 339 23.78 17.03 -9.01
C GLY B 339 22.54 17.83 -8.70
N SER B 340 22.68 19.11 -8.35
CA SER B 340 21.59 19.86 -7.67
C SER B 340 21.71 21.36 -7.91
N ALA B 341 20.58 22.06 -7.95
CA ALA B 341 20.55 23.50 -8.30
C ALA B 341 19.33 24.19 -7.69
N LEU B 342 19.49 25.46 -7.33
CA LEU B 342 18.36 26.34 -6.93
C LEU B 342 18.16 27.38 -8.03
N PHE B 343 16.98 27.40 -8.65
CA PHE B 343 16.59 28.41 -9.66
C PHE B 343 15.58 29.36 -9.02
N THR B 344 15.78 30.67 -9.17
CA THR B 344 14.89 31.70 -8.57
C THR B 344 14.50 32.72 -9.63
N ARG B 345 13.21 33.04 -9.71
CA ARG B 345 12.67 34.10 -10.57
C ARG B 345 11.73 34.94 -9.71
N GLY B 346 12.20 36.07 -9.20
CA GLY B 346 11.47 36.91 -8.23
C GLY B 346 11.02 36.12 -7.02
N GLU B 347 9.71 35.95 -6.82
CA GLU B 347 9.14 35.22 -5.66
C GLU B 347 9.09 33.69 -5.88
N THR B 348 9.32 33.19 -7.10
CA THR B 348 9.23 31.73 -7.38
C THR B 348 10.60 31.08 -7.19
N GLN B 349 10.65 29.92 -6.53
CA GLN B 349 11.87 29.10 -6.44
C GLN B 349 11.58 27.62 -6.67
N ALA B 350 12.51 26.95 -7.32
CA ALA B 350 12.55 25.47 -7.38
C ALA B 350 13.92 25.00 -6.92
N LEU B 351 13.98 24.10 -5.95
CA LEU B 351 15.21 23.32 -5.63
C LEU B 351 15.12 22.01 -6.39
N VAL B 352 16.08 21.70 -7.25
CA VAL B 352 16.00 20.53 -8.16
C VAL B 352 17.25 19.67 -7.99
N THR B 353 17.09 18.35 -8.01
CA THR B 353 18.20 17.38 -7.84
C THR B 353 18.06 16.23 -8.84
N ALA B 354 19.18 15.75 -9.32
CA ALA B 354 19.28 14.60 -10.25
C ALA B 354 19.92 13.41 -9.53
N THR B 355 19.54 12.19 -9.91
CA THR B 355 20.06 10.93 -9.32
C THR B 355 20.26 9.93 -10.45
N LEU B 356 21.36 9.19 -10.41
CA LEU B 356 21.74 8.20 -11.45
C LEU B 356 21.50 6.80 -10.86
N GLY B 357 20.78 5.96 -11.61
CA GLY B 357 20.59 4.53 -11.30
C GLY B 357 21.21 3.64 -12.36
N THR B 358 21.41 2.37 -12.03
CA THR B 358 21.81 1.31 -12.99
C THR B 358 20.59 1.00 -13.87
N ALA B 359 20.76 0.26 -14.97
CA ALA B 359 19.66 -0.21 -15.85
C ALA B 359 18.58 -0.95 -15.03
N ARG B 360 18.96 -1.57 -13.91
CA ARG B 360 18.05 -2.36 -13.04
C ARG B 360 17.01 -1.47 -12.37
N ASP B 361 17.25 -0.16 -12.21
CA ASP B 361 16.40 0.78 -11.42
C ASP B 361 15.29 1.41 -12.29
N ALA B 362 15.27 1.15 -13.60
CA ALA B 362 14.27 1.66 -14.57
C ALA B 362 12.87 1.23 -14.15
N GLN B 363 11.90 2.14 -14.30
CA GLN B 363 10.48 1.82 -14.00
C GLN B 363 9.85 1.09 -15.19
N VAL B 364 9.17 -0.03 -14.94
CA VAL B 364 8.50 -0.84 -16.00
C VAL B 364 7.01 -0.92 -15.67
N LEU B 365 6.16 -0.64 -16.66
CA LEU B 365 4.74 -0.26 -16.42
C LEU B 365 3.81 -0.91 -17.44
N ASP B 366 2.65 -1.39 -16.98
CA ASP B 366 1.57 -1.99 -17.79
C ASP B 366 0.58 -0.91 -18.22
N GLU B 367 0.37 -0.72 -19.53
CA GLU B 367 -0.70 0.17 -20.04
C GLU B 367 -1.41 -0.49 -21.22
N LEU B 368 -2.66 -0.12 -21.45
CA LEU B 368 -3.55 -0.79 -22.44
C LEU B 368 -2.97 -0.64 -23.85
N MET B 369 -2.38 0.52 -24.15
CA MET B 369 -1.80 0.82 -25.49
C MET B 369 -0.44 0.13 -25.67
N GLY B 370 0.13 -0.46 -24.62
CA GLY B 370 1.36 -1.29 -24.69
C GLY B 370 2.31 -1.00 -23.55
N GLU B 371 2.88 -2.04 -22.95
CA GLU B 371 3.72 -1.95 -21.71
C GLU B 371 5.01 -1.20 -22.07
N ARG B 372 5.60 -0.49 -21.10
CA ARG B 372 6.71 0.45 -21.40
C ARG B 372 7.74 0.45 -20.26
N THR B 373 8.97 0.81 -20.61
CA THR B 373 10.11 0.98 -19.67
C THR B 373 10.63 2.41 -19.80
N ASP B 374 10.60 3.17 -18.71
CA ASP B 374 11.08 4.58 -18.68
C ASP B 374 12.42 4.66 -17.95
N THR B 375 13.44 5.16 -18.66
CA THR B 375 14.81 5.37 -18.14
C THR B 375 14.96 6.82 -17.66
N PHE B 376 14.03 7.71 -18.00
CA PHE B 376 13.95 9.09 -17.47
C PHE B 376 12.69 9.24 -16.62
N LEU B 377 12.86 9.72 -15.38
CA LEU B 377 11.80 9.81 -14.35
C LEU B 377 11.78 11.23 -13.78
N PHE B 378 10.60 11.84 -13.66
CA PHE B 378 10.44 13.22 -13.14
C PHE B 378 9.40 13.22 -12.02
N HIS B 379 9.71 13.88 -10.90
CA HIS B 379 8.82 14.02 -9.73
C HIS B 379 8.76 15.47 -9.27
N TYR B 380 7.57 15.92 -8.90
CA TYR B 380 7.25 17.34 -8.61
C TYR B 380 6.56 17.39 -7.25
N ASN B 381 7.11 18.16 -6.30
CA ASN B 381 6.56 18.25 -4.91
C ASN B 381 6.26 19.71 -4.58
N PHE B 382 5.09 19.97 -3.99
CA PHE B 382 4.52 21.33 -3.80
C PHE B 382 4.04 21.47 -2.36
N PRO B 383 4.94 21.57 -1.36
CA PRO B 383 4.55 21.53 0.04
C PRO B 383 3.85 22.82 0.43
N PRO B 384 2.94 22.81 1.44
CA PRO B 384 2.06 23.96 1.67
C PRO B 384 2.75 25.29 2.05
N TYR B 385 3.92 25.22 2.69
CA TYR B 385 4.69 26.41 3.12
C TYR B 385 5.12 27.23 1.90
N SER B 386 5.25 26.61 0.73
CA SER B 386 5.63 27.28 -0.52
C SER B 386 4.69 28.46 -0.83
N VAL B 387 3.40 28.36 -0.49
CA VAL B 387 2.40 29.44 -0.77
C VAL B 387 2.10 30.25 0.50
N GLY B 388 2.73 29.90 1.62
CA GLY B 388 2.65 30.67 2.89
C GLY B 388 1.43 30.25 3.68
N GLU B 389 0.97 29.01 3.48
CA GLU B 389 -0.25 28.47 4.18
C GLU B 389 0.09 27.17 4.90
N THR B 390 -0.70 26.85 5.93
CA THR B 390 -0.69 25.54 6.63
C THR B 390 -1.55 24.53 5.85
N GLY B 391 -1.39 23.25 6.12
CA GLY B 391 -2.29 22.18 5.64
C GLY B 391 -1.61 20.82 5.54
N MET B 392 -2.26 19.89 4.82
CA MET B 392 -1.67 18.53 4.65
C MET B 392 -0.33 18.66 3.94
N VAL B 393 0.73 18.06 4.49
CA VAL B 393 2.09 18.16 3.89
C VAL B 393 2.04 17.54 2.49
N GLY B 394 1.33 16.41 2.34
CA GLY B 394 1.18 15.78 1.02
C GLY B 394 -0.27 15.81 0.56
N SER B 395 -0.51 16.35 -0.63
CA SER B 395 -1.90 16.41 -1.20
C SER B 395 -1.81 16.14 -2.71
N PRO B 396 -2.48 15.11 -3.31
CA PRO B 396 -2.29 14.86 -4.74
C PRO B 396 -3.31 15.56 -5.64
N LYS B 397 -2.84 16.33 -6.62
CA LYS B 397 -3.74 17.05 -7.55
C LYS B 397 -3.06 17.22 -8.91
N ARG B 398 -3.83 17.48 -9.97
CA ARG B 398 -3.23 17.76 -11.31
C ARG B 398 -2.41 19.04 -11.21
N ARG B 399 -2.49 19.74 -10.08
CA ARG B 399 -1.67 20.92 -9.83
C ARG B 399 -0.29 20.39 -9.88
N GLU B 400 -0.09 19.15 -9.40
CA GLU B 400 1.24 18.49 -9.39
C GLU B 400 1.40 17.56 -10.59
N ILE B 401 0.37 16.80 -10.99
CA ILE B 401 0.65 15.93 -12.17
C ILE B 401 0.69 16.76 -13.44
N GLY B 402 0.02 17.87 -13.46
CA GLY B 402 0.21 18.72 -14.61
C GLY B 402 1.63 19.10 -14.60
N HIS B 403 2.09 19.76 -13.54
CA HIS B 403 3.47 20.31 -13.54
C HIS B 403 4.52 19.20 -13.57
N GLY B 404 4.17 17.99 -13.15
CA GLY B 404 5.11 16.85 -13.23
C GLY B 404 5.26 16.37 -14.67
N ARG B 405 4.21 16.53 -15.49
CA ARG B 405 4.24 16.05 -16.88
C ARG B 405 4.74 17.15 -17.84
N LEU B 406 4.26 18.39 -17.67
CA LEU B 406 4.77 19.47 -18.52
C LEU B 406 6.24 19.51 -18.41
N ALA B 407 6.77 19.51 -17.19
CA ALA B 407 8.25 19.66 -17.02
C ALA B 407 9.00 18.51 -17.71
N LYS B 408 8.52 17.27 -17.57
CA LYS B 408 9.17 16.07 -18.16
C LYS B 408 9.22 16.23 -19.68
N ARG B 409 8.13 16.65 -20.32
CA ARG B 409 8.05 16.84 -21.81
C ARG B 409 9.08 17.90 -22.24
N GLY B 410 9.27 18.94 -21.42
CA GLY B 410 10.21 20.06 -21.68
C GLY B 410 11.65 19.58 -21.80
N VAL B 411 12.08 18.67 -20.93
CA VAL B 411 13.50 18.21 -20.81
C VAL B 411 13.71 16.95 -21.68
N LEU B 412 12.69 16.09 -21.84
CA LEU B 412 12.83 14.76 -22.51
C LEU B 412 13.44 14.93 -23.92
N ALA B 413 13.13 16.03 -24.61
CA ALA B 413 13.54 16.30 -26.00
C ALA B 413 15.07 16.42 -26.12
N VAL B 414 15.78 16.81 -25.05
CA VAL B 414 17.22 17.20 -25.07
C VAL B 414 18.09 16.15 -24.35
N MET B 415 17.47 15.08 -23.82
CA MET B 415 18.18 14.01 -23.05
C MET B 415 19.10 13.22 -23.99
N PRO B 416 20.23 12.68 -23.47
CA PRO B 416 21.07 11.78 -24.25
C PRO B 416 20.40 10.43 -24.50
N ASP B 417 20.72 9.80 -25.62
CA ASP B 417 20.28 8.43 -26.00
C ASP B 417 21.01 7.41 -25.15
N MET B 418 20.36 6.27 -24.88
CA MET B 418 20.82 5.22 -23.93
C MET B 418 22.17 4.63 -24.33
N ASP B 419 22.53 4.63 -25.62
CA ASP B 419 23.83 4.08 -26.10
C ASP B 419 24.98 5.04 -25.77
N LYS B 420 24.71 6.34 -25.64
CA LYS B 420 25.74 7.34 -25.22
C LYS B 420 25.83 7.36 -23.68
N PHE B 421 24.70 7.21 -22.99
CA PHE B 421 24.61 7.36 -21.52
C PHE B 421 23.84 6.18 -20.94
N PRO B 422 24.54 5.19 -20.33
CA PRO B 422 23.89 3.93 -19.93
C PRO B 422 22.95 4.02 -18.72
N TYR B 423 23.05 5.06 -17.89
CA TYR B 423 22.35 5.16 -16.59
C TYR B 423 20.88 5.55 -16.76
N THR B 424 20.02 5.08 -15.85
CA THR B 424 18.66 5.62 -15.63
C THR B 424 18.82 6.94 -14.86
N VAL B 425 17.97 7.93 -15.10
CA VAL B 425 18.09 9.26 -14.42
C VAL B 425 16.73 9.65 -13.85
N ARG B 426 16.71 10.01 -12.56
CA ARG B 426 15.53 10.58 -11.89
C ARG B 426 15.84 12.04 -11.53
N VAL B 427 14.94 12.97 -11.87
CA VAL B 427 15.04 14.38 -11.39
C VAL B 427 13.84 14.66 -10.50
N VAL B 428 14.07 15.28 -9.35
CA VAL B 428 13.00 15.70 -8.41
C VAL B 428 13.12 17.20 -8.18
N SER B 429 11.99 17.91 -8.30
CA SER B 429 11.92 19.38 -8.07
C SER B 429 10.96 19.69 -6.92
N GLU B 430 11.46 20.32 -5.85
CA GLU B 430 10.60 20.74 -4.72
C GLU B 430 10.48 22.27 -4.73
N ILE B 431 9.25 22.75 -4.79
CA ILE B 431 8.94 24.20 -4.93
C ILE B 431 8.96 24.81 -3.53
N THR B 432 10.11 25.37 -3.16
CA THR B 432 10.36 25.97 -1.82
C THR B 432 9.50 27.23 -1.64
N GLU B 433 9.23 27.97 -2.71
CA GLU B 433 8.21 29.05 -2.67
C GLU B 433 7.62 29.29 -4.07
N SER B 434 6.37 29.74 -4.10
CA SER B 434 5.60 29.84 -5.37
C SER B 434 4.74 31.11 -5.43
N ASN B 435 4.75 31.76 -6.59
CA ASN B 435 3.74 32.76 -6.97
C ASN B 435 3.09 32.25 -8.25
N GLY B 436 2.49 31.05 -8.17
CA GLY B 436 1.60 30.48 -9.21
C GLY B 436 2.32 29.64 -10.27
N SER B 437 3.38 30.17 -10.89
CA SER B 437 3.84 29.78 -12.25
C SER B 437 5.07 28.85 -12.21
N SER B 438 5.15 27.93 -11.24
CA SER B 438 6.41 27.30 -10.80
C SER B 438 6.82 26.05 -11.60
N SER B 439 5.96 25.56 -12.50
CA SER B 439 6.26 24.39 -13.37
C SER B 439 7.48 24.72 -14.26
N MET B 440 7.52 25.91 -14.82
CA MET B 440 8.59 26.33 -15.75
C MET B 440 9.91 26.54 -14.99
N ALA B 441 9.85 26.95 -13.72
CA ALA B 441 11.05 27.08 -12.86
C ALA B 441 11.68 25.69 -12.67
N SER B 442 10.88 24.61 -12.65
CA SER B 442 11.41 23.23 -12.54
C SER B 442 12.10 22.80 -13.84
N VAL B 443 11.63 23.23 -15.01
CA VAL B 443 12.32 22.92 -16.31
C VAL B 443 13.72 23.55 -16.28
N CYS B 444 13.80 24.83 -15.93
CA CYS B 444 15.08 25.58 -15.85
C CYS B 444 16.01 24.93 -14.82
N GLY B 445 15.49 24.62 -13.63
CA GLY B 445 16.24 23.95 -12.54
C GLY B 445 16.71 22.56 -12.94
N ALA B 446 15.90 21.80 -13.68
CA ALA B 446 16.25 20.44 -14.15
C ALA B 446 17.46 20.53 -15.11
N SER B 447 17.45 21.46 -16.05
CA SER B 447 18.55 21.66 -17.03
C SER B 447 19.87 21.93 -16.29
N LEU B 448 19.83 22.74 -15.23
CA LEU B 448 21.00 23.05 -14.36
C LEU B 448 21.44 21.80 -13.61
N ALA B 449 20.51 21.10 -12.96
CA ALA B 449 20.79 19.90 -12.12
C ALA B 449 21.45 18.81 -12.97
N LEU B 450 20.96 18.60 -14.20
CA LEU B 450 21.48 17.57 -15.14
C LEU B 450 22.90 17.95 -15.58
N MET B 451 23.15 19.21 -15.94
CA MET B 451 24.51 19.68 -16.33
C MET B 451 25.48 19.51 -15.15
N ASP B 452 25.05 19.82 -13.93
CA ASP B 452 25.88 19.69 -12.70
C ASP B 452 26.25 18.22 -12.46
N ALA B 453 25.28 17.31 -12.61
CA ALA B 453 25.47 15.84 -12.46
C ALA B 453 26.43 15.31 -13.55
N GLY B 454 26.55 16.02 -14.67
CA GLY B 454 27.43 15.63 -15.79
C GLY B 454 26.72 14.70 -16.76
N VAL B 455 25.40 14.72 -16.80
CA VAL B 455 24.58 14.03 -17.84
C VAL B 455 24.82 14.79 -19.15
N PRO B 456 25.19 14.14 -20.26
CA PRO B 456 25.47 14.86 -21.51
C PRO B 456 24.20 15.28 -22.27
N ILE B 457 23.41 16.18 -21.69
CA ILE B 457 22.21 16.81 -22.34
C ILE B 457 22.69 17.61 -23.55
N LYS B 458 21.98 17.55 -24.66
CA LYS B 458 22.35 18.15 -25.97
C LYS B 458 22.28 19.65 -26.03
N ALA B 459 21.62 20.32 -25.15
CA ALA B 459 21.57 21.78 -24.93
C ALA B 459 20.79 22.10 -23.66
N ALA B 460 20.97 23.31 -23.12
CA ALA B 460 20.19 23.81 -21.96
C ALA B 460 18.75 24.08 -22.39
N VAL B 461 17.78 23.89 -21.48
CA VAL B 461 16.34 24.12 -21.78
C VAL B 461 15.73 24.96 -20.65
N ALA B 462 15.00 26.00 -21.01
CA ALA B 462 14.31 26.93 -20.08
C ALA B 462 12.88 27.16 -20.56
N GLY B 463 12.01 27.70 -19.70
CA GLY B 463 10.57 27.84 -19.97
C GLY B 463 10.03 29.17 -19.49
N ILE B 464 8.96 29.66 -20.11
CA ILE B 464 8.34 30.98 -19.78
C ILE B 464 6.83 30.81 -19.69
N ALA B 465 6.21 31.48 -18.72
CA ALA B 465 4.75 31.50 -18.50
C ALA B 465 4.19 32.82 -19.04
N MET B 466 3.31 32.74 -20.04
CA MET B 466 2.84 33.90 -20.81
C MET B 466 1.32 34.03 -20.66
N GLY B 467 0.82 35.27 -20.85
CA GLY B 467 -0.61 35.59 -20.85
C GLY B 467 -0.91 36.63 -21.91
N LEU B 468 -2.15 36.66 -22.37
CA LEU B 468 -2.62 37.66 -23.37
C LEU B 468 -3.97 38.20 -22.92
N VAL B 469 -4.06 39.53 -22.87
CA VAL B 469 -5.28 40.28 -22.47
C VAL B 469 -5.86 40.89 -23.75
N LYS B 470 -7.15 40.65 -24.01
CA LYS B 470 -7.82 41.18 -25.23
C LYS B 470 -9.17 41.81 -24.83
N GLU B 471 -9.44 42.98 -25.41
CA GLU B 471 -10.70 43.75 -25.20
C GLU B 471 -11.04 44.50 -26.49
N GLY B 472 -12.19 44.18 -27.09
CA GLY B 472 -12.53 44.51 -28.49
C GLY B 472 -11.43 44.03 -29.44
N ASP B 473 -10.89 44.94 -30.24
CA ASP B 473 -9.81 44.64 -31.23
C ASP B 473 -8.44 44.78 -30.57
N ASN B 474 -8.35 45.44 -29.41
CA ASN B 474 -7.08 45.82 -28.75
C ASN B 474 -6.61 44.64 -27.88
N TYR B 475 -5.31 44.35 -27.88
CA TYR B 475 -4.70 43.27 -27.06
C TYR B 475 -3.28 43.65 -26.60
N VAL B 476 -2.80 42.99 -25.54
CA VAL B 476 -1.42 43.22 -25.01
C VAL B 476 -0.87 41.87 -24.49
N VAL B 477 0.42 41.54 -24.73
CA VAL B 477 0.95 40.20 -24.32
C VAL B 477 1.91 40.30 -23.16
N LEU B 478 1.74 39.59 -22.05
CA LEU B 478 2.47 39.71 -20.76
C LEU B 478 3.57 38.65 -20.72
N SER B 479 4.85 39.04 -20.63
CA SER B 479 5.98 38.08 -20.81
C SER B 479 6.25 37.12 -19.65
N ASP B 480 5.79 37.42 -18.44
CA ASP B 480 6.11 36.58 -17.25
C ASP B 480 5.05 36.96 -16.19
N ILE B 481 4.24 36.02 -15.73
CA ILE B 481 2.91 36.37 -15.16
C ILE B 481 2.73 35.78 -13.75
N LEU B 482 2.28 36.59 -12.81
CA LEU B 482 2.17 36.19 -11.42
C LEU B 482 0.93 35.35 -11.09
N GLY B 483 0.88 34.61 -10.00
CA GLY B 483 -0.17 33.70 -9.52
C GLY B 483 -1.48 34.43 -9.23
N ASP B 484 -1.51 35.76 -9.39
CA ASP B 484 -2.73 36.55 -9.06
C ASP B 484 -3.14 37.39 -10.28
N GLU B 485 -2.47 37.22 -11.42
CA GLU B 485 -2.77 38.04 -12.57
C GLU B 485 -3.36 36.99 -13.45
N ASP B 486 -3.81 35.92 -12.86
CA ASP B 486 -4.55 34.84 -13.58
C ASP B 486 -5.80 35.44 -14.25
N HIS B 487 -6.45 36.38 -13.58
CA HIS B 487 -7.72 36.97 -14.06
C HIS B 487 -7.45 37.72 -15.37
N LEU B 488 -6.30 38.39 -15.49
CA LEU B 488 -5.95 39.17 -16.70
C LEU B 488 -5.87 38.25 -17.92
N GLY B 489 -5.31 37.04 -17.76
CA GLY B 489 -5.05 36.16 -18.92
C GLY B 489 -6.34 35.65 -19.56
N ASP B 490 -6.53 35.91 -20.85
CA ASP B 490 -7.67 35.32 -21.63
C ASP B 490 -7.14 34.11 -22.38
N MET B 491 -5.91 34.20 -22.89
CA MET B 491 -5.16 33.05 -23.41
C MET B 491 -3.84 33.05 -22.66
N ASP B 492 -3.46 31.95 -22.02
CA ASP B 492 -2.14 31.85 -21.34
C ASP B 492 -1.47 30.61 -21.92
N PHE B 493 -0.21 30.71 -22.28
CA PHE B 493 0.53 29.63 -22.97
C PHE B 493 1.86 29.47 -22.25
N LYS B 494 2.31 28.24 -22.07
CA LYS B 494 3.62 27.95 -21.45
C LYS B 494 4.50 27.34 -22.54
N VAL B 495 5.68 27.88 -22.79
CA VAL B 495 6.56 27.37 -23.87
C VAL B 495 7.96 27.15 -23.32
N ALA B 496 8.56 26.04 -23.69
CA ALA B 496 9.87 25.61 -23.17
C ALA B 496 10.71 25.12 -24.35
N GLY B 497 12.02 25.37 -24.31
CA GLY B 497 12.94 24.87 -25.34
C GLY B 497 14.36 25.38 -25.16
N SER B 498 15.21 25.04 -26.13
CA SER B 498 16.61 25.51 -26.22
C SER B 498 16.67 26.86 -26.95
N ARG B 499 17.87 27.36 -27.21
CA ARG B 499 18.08 28.62 -27.96
C ARG B 499 17.55 28.48 -29.38
N ASP B 500 17.35 27.25 -29.88
CA ASP B 500 17.07 27.01 -31.33
C ASP B 500 15.98 25.96 -31.56
N GLY B 501 14.86 26.06 -30.81
CA GLY B 501 13.64 25.25 -31.04
C GLY B 501 12.82 25.04 -29.78
N ILE B 502 11.51 24.88 -29.93
CA ILE B 502 10.54 24.55 -28.84
C ILE B 502 10.59 23.04 -28.56
N SER B 503 10.57 22.64 -27.29
CA SER B 503 10.52 21.24 -26.86
C SER B 503 9.12 20.89 -26.32
N ALA B 504 8.42 21.83 -25.69
CA ALA B 504 7.02 21.61 -25.22
C ALA B 504 6.22 22.91 -25.33
N LEU B 505 4.90 22.79 -25.56
CA LEU B 505 3.98 23.94 -25.72
C LEU B 505 2.62 23.55 -25.13
N GLN B 506 2.07 24.40 -24.27
CA GLN B 506 0.73 24.23 -23.68
C GLN B 506 0.00 25.56 -23.82
N MET B 507 -1.28 25.53 -24.20
CA MET B 507 -2.10 26.74 -24.39
C MET B 507 -3.54 26.45 -23.94
N ASP B 508 -4.19 27.44 -23.33
CA ASP B 508 -5.62 27.42 -22.98
C ASP B 508 -6.24 28.77 -23.38
N ILE B 509 -7.29 28.74 -24.20
CA ILE B 509 -7.93 29.96 -24.77
C ILE B 509 -9.36 30.03 -24.26
N LYS B 510 -9.66 30.99 -23.38
CA LYS B 510 -10.97 31.05 -22.67
C LYS B 510 -11.94 31.99 -23.39
N ILE B 511 -11.44 32.82 -24.31
CA ILE B 511 -12.22 33.93 -24.96
C ILE B 511 -12.05 33.80 -26.49
N GLU B 512 -13.15 33.91 -27.24
CA GLU B 512 -13.19 33.67 -28.70
C GLU B 512 -12.56 34.85 -29.46
N GLY B 513 -12.13 34.62 -30.70
CA GLY B 513 -11.64 35.67 -31.62
C GLY B 513 -10.12 35.81 -31.62
N ILE B 514 -9.41 34.82 -31.06
CA ILE B 514 -7.95 34.61 -31.30
C ILE B 514 -7.81 34.16 -32.77
N THR B 515 -6.78 34.65 -33.44
CA THR B 515 -6.44 34.25 -34.85
C THR B 515 -4.95 33.90 -34.93
N LYS B 516 -4.56 33.27 -36.03
CA LYS B 516 -3.18 32.78 -36.27
C LYS B 516 -2.18 33.93 -36.16
N GLU B 517 -2.55 35.14 -36.60
CA GLU B 517 -1.71 36.37 -36.54
C GLU B 517 -1.38 36.69 -35.08
N ILE B 518 -2.37 36.61 -34.18
CA ILE B 518 -2.20 36.94 -32.74
C ILE B 518 -1.31 35.89 -32.09
N MET B 519 -1.52 34.60 -32.42
CA MET B 519 -0.72 33.49 -31.86
C MET B 519 0.73 33.63 -32.34
N GLN B 520 0.93 34.09 -33.59
CA GLN B 520 2.29 34.26 -34.20
C GLN B 520 3.08 35.29 -33.38
N VAL B 521 2.49 36.46 -33.08
CA VAL B 521 3.21 37.55 -32.34
C VAL B 521 3.36 37.15 -30.87
N ALA B 522 2.41 36.38 -30.31
CA ALA B 522 2.44 35.91 -28.90
C ALA B 522 3.65 35.02 -28.69
N LEU B 523 3.86 34.01 -29.56
CA LEU B 523 5.02 33.09 -29.45
C LEU B 523 6.32 33.85 -29.75
N ASN B 524 6.32 34.80 -30.70
CA ASN B 524 7.51 35.60 -31.05
C ASN B 524 7.98 36.42 -29.83
N GLN B 525 7.06 36.92 -28.99
CA GLN B 525 7.48 37.62 -27.76
C GLN B 525 8.04 36.61 -26.76
N ALA B 526 7.36 35.47 -26.60
CA ALA B 526 7.79 34.41 -25.65
C ALA B 526 9.25 34.01 -25.94
N LYS B 527 9.61 33.88 -27.22
CA LYS B 527 10.97 33.51 -27.69
C LYS B 527 12.01 34.50 -27.15
N GLY B 528 11.72 35.81 -27.20
CA GLY B 528 12.62 36.88 -26.69
C GLY B 528 12.93 36.67 -25.22
N ALA B 529 11.90 36.41 -24.41
CA ALA B 529 12.00 36.22 -22.94
C ALA B 529 12.74 34.91 -22.64
N ARG B 530 12.37 33.81 -23.29
CA ARG B 530 13.00 32.48 -23.09
C ARG B 530 14.50 32.55 -23.41
N LEU B 531 14.88 33.30 -24.45
CA LEU B 531 16.29 33.46 -24.89
C LEU B 531 17.07 34.27 -23.86
N HIS B 532 16.43 35.19 -23.12
CA HIS B 532 17.06 35.98 -22.03
C HIS B 532 17.42 35.05 -20.87
N ILE B 533 16.46 34.26 -20.38
CA ILE B 533 16.63 33.34 -19.21
C ILE B 533 17.77 32.36 -19.49
N LEU B 534 17.75 31.76 -20.68
CA LEU B 534 18.74 30.75 -21.12
C LEU B 534 20.14 31.38 -21.18
N GLY B 535 20.25 32.70 -21.38
CA GLY B 535 21.52 33.45 -21.32
C GLY B 535 22.11 33.47 -19.92
N VAL B 536 21.27 33.75 -18.91
CA VAL B 536 21.69 33.88 -17.48
C VAL B 536 22.07 32.48 -16.98
N MET B 537 21.30 31.45 -17.34
CA MET B 537 21.58 30.04 -16.98
C MET B 537 22.94 29.61 -17.55
N GLU B 538 23.25 29.99 -18.79
CA GLU B 538 24.51 29.60 -19.49
C GLU B 538 25.70 30.27 -18.78
N GLN B 539 25.54 31.50 -18.29
CA GLN B 539 26.57 32.26 -17.54
C GLN B 539 26.88 31.54 -16.21
N ALA B 540 25.88 30.93 -15.56
CA ALA B 540 26.07 30.19 -14.29
C ALA B 540 26.82 28.87 -14.55
N ILE B 541 26.45 28.13 -15.59
CA ILE B 541 27.10 26.83 -15.98
C ILE B 541 27.07 26.68 -17.51
N ASN B 542 28.24 26.62 -18.13
CA ASN B 542 28.43 26.71 -19.61
C ASN B 542 28.03 25.40 -20.28
N ALA B 543 28.42 24.26 -19.70
CA ALA B 543 28.30 22.92 -20.31
C ALA B 543 28.31 21.83 -19.25
N PRO B 544 27.76 20.62 -19.52
CA PRO B 544 27.84 19.50 -18.58
C PRO B 544 29.30 19.09 -18.32
N ARG B 545 29.62 18.79 -17.06
CA ARG B 545 30.99 18.45 -16.61
C ARG B 545 31.33 17.00 -17.01
N GLY B 546 32.63 16.71 -17.14
CA GLY B 546 33.16 15.41 -17.60
C GLY B 546 33.08 14.36 -16.50
N ASP B 547 33.36 14.75 -15.26
CA ASP B 547 33.25 13.84 -14.08
C ASP B 547 31.77 13.57 -13.76
N ILE B 548 31.34 12.32 -13.79
CA ILE B 548 30.11 11.90 -13.05
C ILE B 548 30.41 12.06 -11.56
N SER B 549 29.51 12.68 -10.80
CA SER B 549 29.69 12.90 -9.34
C SER B 549 30.43 11.72 -8.69
N GLU B 550 31.48 12.01 -7.92
CA GLU B 550 32.26 10.95 -7.23
C GLU B 550 31.32 9.96 -6.55
N PHE B 551 30.23 10.46 -5.94
CA PHE B 551 29.34 9.55 -5.15
C PHE B 551 28.48 8.70 -6.10
N ALA B 552 28.15 9.23 -7.27
CA ALA B 552 27.32 8.48 -8.25
C ALA B 552 28.11 7.26 -8.73
N PRO B 553 27.45 6.08 -8.92
CA PRO B 553 28.15 4.85 -9.31
C PRO B 553 28.82 5.00 -10.69
N ARG B 554 29.99 4.39 -10.87
CA ARG B 554 30.73 4.50 -12.15
C ARG B 554 30.97 3.10 -12.73
N ILE B 555 30.16 2.71 -13.73
CA ILE B 555 30.35 1.38 -14.39
C ILE B 555 31.70 1.40 -15.13
N HIS B 556 32.52 0.41 -14.87
CA HIS B 556 33.81 0.16 -15.58
C HIS B 556 34.22 -1.30 -15.47
N THR B 557 35.15 -1.70 -16.33
CA THR B 557 35.77 -3.05 -16.32
C THR B 557 37.22 -2.98 -16.83
N ILE B 558 38.06 -3.87 -16.30
CA ILE B 558 39.51 -3.97 -16.64
C ILE B 558 39.83 -5.41 -17.06
N LYS B 559 40.61 -5.58 -18.14
CA LYS B 559 41.04 -6.92 -18.62
C LYS B 559 42.33 -7.34 -17.90
N ILE B 560 42.20 -8.14 -16.84
CA ILE B 560 43.37 -8.80 -16.16
C ILE B 560 43.62 -10.17 -16.82
N ASN B 561 44.79 -10.77 -16.52
CA ASN B 561 45.18 -12.07 -17.14
C ASN B 561 44.09 -13.10 -16.90
N PRO B 562 43.50 -13.71 -17.96
CA PRO B 562 42.39 -14.67 -17.78
C PRO B 562 42.83 -15.89 -16.95
N ASP B 563 44.06 -16.38 -17.17
CA ASP B 563 44.57 -17.55 -16.42
C ASP B 563 44.66 -17.22 -14.93
N LYS B 564 44.95 -15.96 -14.58
CA LYS B 564 45.10 -15.56 -13.15
C LYS B 564 43.75 -15.54 -12.44
N ILE B 565 42.68 -16.00 -13.12
CA ILE B 565 41.33 -16.08 -12.49
C ILE B 565 41.46 -16.72 -11.10
N LYS B 566 42.23 -17.81 -10.97
CA LYS B 566 42.18 -18.75 -9.83
C LYS B 566 42.49 -18.03 -8.51
N ASP B 567 43.56 -17.21 -8.49
CA ASP B 567 43.96 -16.48 -7.24
C ASP B 567 43.10 -15.22 -7.04
N VAL B 568 42.01 -15.00 -7.78
CA VAL B 568 40.94 -14.02 -7.44
C VAL B 568 39.63 -14.75 -7.10
N ILE B 569 39.50 -16.04 -7.43
CA ILE B 569 38.39 -16.91 -6.94
C ILE B 569 38.79 -17.53 -5.58
N GLY B 570 39.81 -18.38 -5.60
CA GLY B 570 40.27 -19.18 -4.43
C GLY B 570 39.36 -20.37 -4.15
N LYS B 571 39.85 -21.36 -3.38
CA LYS B 571 39.04 -22.54 -2.96
C LYS B 571 37.78 -22.07 -2.21
N GLY B 572 36.60 -22.56 -2.63
CA GLY B 572 35.27 -22.14 -2.13
C GLY B 572 35.00 -20.65 -2.27
N GLY B 573 35.67 -19.96 -3.19
CA GLY B 573 35.58 -18.49 -3.34
C GLY B 573 36.23 -17.73 -2.19
N SER B 574 37.22 -18.29 -1.49
CA SER B 574 37.81 -17.70 -0.26
C SER B 574 38.37 -16.30 -0.53
N VAL B 575 39.11 -16.08 -1.62
CA VAL B 575 39.71 -14.72 -1.83
C VAL B 575 38.66 -13.76 -2.43
N ILE B 576 37.57 -14.24 -3.07
CA ILE B 576 36.39 -13.36 -3.35
C ILE B 576 35.84 -12.83 -2.02
N ARG B 577 35.60 -13.73 -1.07
CA ARG B 577 34.98 -13.38 0.24
C ARG B 577 35.91 -12.39 0.96
N ALA B 578 37.21 -12.70 1.05
CA ALA B 578 38.25 -11.83 1.65
C ALA B 578 38.24 -10.45 0.98
N LEU B 579 38.38 -10.36 -0.34
CA LEU B 579 38.41 -9.06 -1.08
C LEU B 579 37.11 -8.29 -0.86
N THR B 580 35.96 -8.91 -1.10
CA THR B 580 34.64 -8.20 -1.06
C THR B 580 34.36 -7.66 0.34
N GLU B 581 34.66 -8.42 1.39
CA GLU B 581 34.35 -8.01 2.79
C GLU B 581 35.34 -6.93 3.26
N GLU B 582 36.65 -7.03 2.98
CA GLU B 582 37.61 -6.01 3.51
C GLU B 582 37.37 -4.67 2.77
N THR B 583 37.30 -4.74 1.44
CA THR B 583 37.35 -3.60 0.52
C THR B 583 35.96 -2.93 0.49
N GLY B 584 34.93 -3.70 0.85
CA GLY B 584 33.52 -3.26 0.84
C GLY B 584 33.06 -3.01 -0.59
N THR B 585 33.74 -3.65 -1.53
CA THR B 585 33.54 -3.47 -2.99
C THR B 585 33.00 -4.77 -3.59
N THR B 586 31.98 -4.68 -4.43
CA THR B 586 31.42 -5.86 -5.13
C THR B 586 32.34 -6.20 -6.30
N ILE B 587 32.79 -7.45 -6.43
CA ILE B 587 33.73 -7.83 -7.53
C ILE B 587 33.18 -9.00 -8.34
N GLU B 588 33.34 -8.95 -9.66
CA GLU B 588 32.98 -10.05 -10.59
C GLU B 588 34.07 -10.22 -11.66
N ILE B 589 34.33 -11.45 -12.08
CA ILE B 589 35.00 -11.70 -13.39
C ILE B 589 33.89 -12.13 -14.36
N GLU B 590 33.73 -11.37 -15.44
CA GLU B 590 32.52 -11.39 -16.31
C GLU B 590 32.76 -12.25 -17.55
N ASP B 591 33.85 -12.00 -18.28
CA ASP B 591 34.13 -12.64 -19.60
C ASP B 591 35.62 -12.55 -19.94
N ASP B 592 36.30 -13.69 -20.16
CA ASP B 592 37.72 -13.77 -20.63
C ASP B 592 38.66 -12.80 -19.88
N GLY B 593 38.61 -12.82 -18.54
CA GLY B 593 39.47 -12.00 -17.66
C GLY B 593 39.02 -10.56 -17.49
N THR B 594 37.89 -10.12 -18.06
CA THR B 594 37.28 -8.81 -17.71
C THR B 594 36.78 -8.82 -16.25
N VAL B 595 37.25 -7.89 -15.42
CA VAL B 595 36.76 -7.72 -14.03
C VAL B 595 35.81 -6.53 -13.97
N LYS B 596 34.59 -6.70 -13.43
CA LYS B 596 33.64 -5.60 -13.13
C LYS B 596 33.65 -5.34 -11.62
N ILE B 597 33.74 -4.08 -11.20
CA ILE B 597 33.93 -3.69 -9.77
C ILE B 597 33.09 -2.43 -9.47
N ALA B 598 32.36 -2.40 -8.35
CA ALA B 598 31.43 -1.29 -7.98
C ALA B 598 31.32 -1.08 -6.45
N ALA B 599 31.12 0.19 -6.06
CA ALA B 599 30.76 0.62 -4.69
C ALA B 599 30.19 2.05 -4.70
N THR B 600 29.77 2.58 -3.55
CA THR B 600 29.37 4.01 -3.43
C THR B 600 30.61 4.89 -3.53
N ASP B 601 31.65 4.56 -2.77
CA ASP B 601 32.85 5.42 -2.64
C ASP B 601 33.87 5.06 -3.71
N GLY B 602 34.58 6.07 -4.21
CA GLY B 602 35.76 5.87 -5.07
C GLY B 602 36.88 5.24 -4.29
N GLU B 603 36.97 5.56 -2.98
CA GLU B 603 38.02 5.03 -2.08
C GLU B 603 37.99 3.51 -2.08
N LYS B 604 36.79 2.93 -1.92
CA LYS B 604 36.60 1.46 -1.82
C LYS B 604 37.02 0.83 -3.15
N ALA B 605 36.58 1.42 -4.26
CA ALA B 605 36.84 0.90 -5.62
C ALA B 605 38.35 0.91 -5.84
N LYS B 606 39.02 2.01 -5.54
CA LYS B 606 40.47 2.13 -5.77
C LYS B 606 41.14 1.08 -4.91
N HIS B 607 40.68 0.93 -3.66
CA HIS B 607 41.28 -0.06 -2.73
C HIS B 607 41.23 -1.43 -3.39
N ALA B 608 40.05 -1.83 -3.86
CA ALA B 608 39.83 -3.17 -4.47
C ALA B 608 40.73 -3.27 -5.71
N ILE B 609 40.67 -2.28 -6.59
CA ILE B 609 41.42 -2.33 -7.88
C ILE B 609 42.90 -2.51 -7.55
N ARG B 610 43.39 -1.69 -6.62
CA ARG B 610 44.82 -1.69 -6.20
C ARG B 610 45.17 -3.08 -5.70
N ARG B 611 44.29 -3.68 -4.88
CA ARG B 611 44.48 -5.03 -4.31
C ARG B 611 44.52 -6.07 -5.45
N ILE B 612 43.62 -6.00 -6.42
CA ILE B 612 43.62 -7.03 -7.51
C ILE B 612 44.78 -6.76 -8.48
N GLU B 613 45.33 -5.55 -8.56
CA GLU B 613 46.47 -5.27 -9.47
C GLU B 613 47.81 -5.69 -8.86
N GLU B 614 47.81 -6.44 -7.75
CA GLU B 614 49.06 -6.87 -7.08
C GLU B 614 49.02 -8.38 -6.85
N ILE B 615 47.96 -8.98 -7.38
CA ILE B 615 47.63 -10.43 -7.44
C ILE B 615 47.61 -10.79 -8.93
N THR B 616 47.07 -9.89 -9.77
CA THR B 616 46.92 -10.03 -11.23
C THR B 616 47.35 -8.72 -11.91
N ALA B 617 47.66 -8.75 -13.21
CA ALA B 617 48.17 -7.59 -13.99
C ALA B 617 49.31 -6.85 -13.23
N GLU B 618 50.12 -7.61 -12.48
CA GLU B 618 50.96 -7.12 -11.35
C GLU B 618 52.39 -6.85 -11.85
N ILE B 619 53.03 -5.85 -11.24
CA ILE B 619 54.39 -5.38 -11.62
C ILE B 619 55.38 -6.37 -10.97
N GLU B 620 55.60 -7.51 -11.62
CA GLU B 620 56.46 -8.61 -11.09
C GLU B 620 57.16 -9.33 -12.27
N VAL B 621 57.68 -8.56 -13.22
CA VAL B 621 58.26 -9.09 -14.50
C VAL B 621 59.60 -9.79 -14.23
N GLY B 622 60.42 -9.32 -13.27
CA GLY B 622 61.76 -9.89 -12.99
C GLY B 622 62.76 -8.91 -12.40
N ARG B 623 62.63 -7.61 -12.65
CA ARG B 623 63.59 -6.56 -12.20
C ARG B 623 63.60 -6.45 -10.67
N VAL B 624 64.68 -5.92 -10.10
CA VAL B 624 64.90 -5.79 -8.63
C VAL B 624 63.87 -4.83 -7.99
N TYR B 625 63.37 -5.16 -6.81
CA TYR B 625 62.35 -4.35 -6.07
C TYR B 625 62.79 -4.07 -4.62
N THR B 626 62.62 -2.83 -4.17
CA THR B 626 62.87 -2.46 -2.75
C THR B 626 61.69 -2.89 -1.89
N GLY B 627 61.90 -3.91 -1.06
CA GLY B 627 60.89 -4.45 -0.12
C GLY B 627 61.16 -4.01 1.32
N LYS B 628 60.10 -3.58 2.01
CA LYS B 628 60.12 -3.44 3.49
C LYS B 628 60.04 -4.84 4.10
N VAL B 629 60.91 -5.20 5.04
CA VAL B 629 60.82 -6.53 5.73
C VAL B 629 59.63 -6.52 6.70
N THR B 630 58.64 -7.38 6.46
CA THR B 630 57.33 -7.38 7.13
C THR B 630 57.39 -8.29 8.37
N ARG B 631 57.88 -9.52 8.20
CA ARG B 631 57.93 -10.58 9.25
C ARG B 631 59.14 -11.47 9.02
N ILE B 632 59.68 -12.07 10.09
CA ILE B 632 60.91 -12.92 10.04
C ILE B 632 60.65 -14.24 10.81
N VAL B 633 61.07 -15.36 10.23
CA VAL B 633 60.89 -16.69 10.88
C VAL B 633 62.12 -17.55 10.55
N ASP B 634 62.16 -18.78 11.04
CA ASP B 634 63.33 -19.66 10.81
C ASP B 634 63.48 -19.94 9.30
N PHE B 635 62.38 -20.21 8.61
CA PHE B 635 62.44 -20.54 7.16
C PHE B 635 62.93 -19.35 6.33
N GLY B 636 62.53 -18.12 6.67
CA GLY B 636 63.06 -16.95 5.94
C GLY B 636 62.37 -15.64 6.29
N ALA B 637 62.78 -14.54 5.65
CA ALA B 637 62.17 -13.21 5.93
C ALA B 637 61.17 -12.87 4.83
N PHE B 638 59.97 -12.46 5.22
CA PHE B 638 58.95 -11.88 4.31
C PHE B 638 59.25 -10.40 4.04
N VAL B 639 59.18 -10.01 2.78
CA VAL B 639 59.37 -8.61 2.30
C VAL B 639 58.15 -8.18 1.49
N ALA B 640 57.87 -6.89 1.46
CA ALA B 640 56.61 -6.37 0.85
C ALA B 640 56.71 -6.34 -0.69
N ILE B 641 56.31 -7.41 -1.41
CA ILE B 641 56.05 -7.22 -2.87
C ILE B 641 54.75 -6.40 -3.05
N GLY B 642 53.81 -6.43 -2.11
CA GLY B 642 52.71 -5.43 -2.02
C GLY B 642 51.36 -5.99 -2.43
N GLY B 643 50.28 -5.33 -1.98
CA GLY B 643 48.88 -5.65 -2.33
C GLY B 643 48.51 -7.09 -1.98
N GLY B 644 48.94 -7.54 -0.79
CA GLY B 644 48.62 -8.87 -0.24
C GLY B 644 49.44 -10.00 -0.83
N LYS B 645 50.44 -9.75 -1.68
CA LYS B 645 51.47 -10.77 -2.04
C LYS B 645 52.80 -10.36 -1.42
N GLU B 646 53.38 -11.27 -0.64
CA GLU B 646 54.63 -11.00 0.13
C GLU B 646 55.77 -11.81 -0.47
N GLY B 647 56.87 -11.15 -0.83
CA GLY B 647 58.07 -11.89 -1.32
C GLY B 647 58.70 -12.63 -0.15
N LEU B 648 59.12 -13.87 -0.31
CA LEU B 648 59.85 -14.61 0.76
C LEU B 648 61.32 -14.71 0.40
N VAL B 649 62.23 -14.13 1.17
CA VAL B 649 63.69 -14.40 1.05
C VAL B 649 63.95 -15.65 1.90
N HIS B 650 64.45 -16.72 1.29
CA HIS B 650 64.77 -17.98 2.01
C HIS B 650 65.91 -17.73 3.00
N ILE B 651 65.91 -18.47 4.12
CA ILE B 651 66.96 -18.37 5.17
C ILE B 651 68.31 -18.49 4.48
N SER B 652 68.36 -19.30 3.43
CA SER B 652 69.61 -19.63 2.72
C SER B 652 70.10 -18.42 1.93
N GLN B 653 69.26 -17.81 1.11
CA GLN B 653 69.71 -16.80 0.11
C GLN B 653 69.66 -15.40 0.72
N ILE B 654 70.20 -15.20 1.92
CA ILE B 654 70.24 -13.83 2.52
C ILE B 654 71.56 -13.16 2.18
N ALA B 655 72.67 -13.66 2.72
CA ALA B 655 74.02 -13.12 2.41
C ALA B 655 74.99 -14.29 2.24
N ASP B 656 74.46 -15.48 1.91
CA ASP B 656 75.28 -16.70 1.72
C ASP B 656 76.04 -17.04 3.01
N LYS B 657 77.29 -17.48 2.90
CA LYS B 657 78.10 -17.87 4.09
C LYS B 657 77.22 -18.65 5.09
N ARG B 658 77.20 -18.22 6.35
CA ARG B 658 76.30 -18.86 7.36
C ARG B 658 75.26 -17.83 7.82
N VAL B 659 73.97 -18.17 7.73
CA VAL B 659 72.88 -17.25 8.17
C VAL B 659 71.79 -18.09 8.83
N GLU B 660 72.13 -19.29 9.32
CA GLU B 660 71.14 -20.21 9.94
C GLU B 660 70.51 -19.56 11.20
N LYS B 661 71.30 -18.76 11.93
CA LYS B 661 70.81 -17.95 13.08
C LYS B 661 70.03 -16.73 12.56
N VAL B 662 68.90 -16.44 13.21
CA VAL B 662 67.83 -15.48 12.75
C VAL B 662 68.35 -14.02 12.80
N THR B 663 69.41 -13.69 13.56
CA THR B 663 69.75 -12.30 13.99
C THR B 663 70.12 -11.39 12.81
N ASP B 664 70.72 -11.89 11.72
CA ASP B 664 71.22 -11.01 10.62
C ASP B 664 70.05 -10.37 9.86
N TYR B 665 70.16 -9.06 9.59
CA TYR B 665 69.09 -8.19 8.98
C TYR B 665 67.76 -8.22 9.77
N LEU B 666 67.78 -8.59 11.05
CA LEU B 666 66.57 -8.62 11.91
C LEU B 666 66.24 -7.19 12.35
N GLN B 667 65.37 -6.50 11.61
CA GLN B 667 64.78 -5.19 12.00
C GLN B 667 63.46 -5.02 11.24
N MET B 668 62.32 -5.20 11.90
CA MET B 668 60.99 -5.05 11.26
C MET B 668 60.84 -3.63 10.69
N GLY B 669 60.33 -3.50 9.46
CA GLY B 669 60.14 -2.19 8.81
C GLY B 669 61.39 -1.61 8.16
N GLN B 670 62.55 -2.27 8.22
CA GLN B 670 63.76 -1.91 7.41
C GLN B 670 63.44 -2.09 5.91
N GLU B 671 63.95 -1.20 5.04
CA GLU B 671 63.82 -1.33 3.56
C GLU B 671 65.10 -1.91 2.96
N VAL B 672 64.96 -2.83 2.00
CA VAL B 672 66.10 -3.49 1.29
C VAL B 672 65.75 -3.78 -0.16
N PRO B 673 66.72 -3.62 -1.11
CA PRO B 673 66.52 -4.03 -2.50
C PRO B 673 66.76 -5.53 -2.74
N VAL B 674 65.76 -6.24 -3.30
CA VAL B 674 65.76 -7.73 -3.41
C VAL B 674 65.26 -8.13 -4.81
N LYS B 675 65.68 -9.28 -5.34
CA LYS B 675 65.23 -9.75 -6.69
C LYS B 675 64.38 -11.03 -6.56
N VAL B 676 63.34 -11.11 -7.39
CA VAL B 676 62.50 -12.32 -7.56
C VAL B 676 63.13 -13.19 -8.66
N LEU B 677 63.43 -14.44 -8.34
CA LEU B 677 64.04 -15.38 -9.33
C LEU B 677 62.95 -16.24 -9.98
N GLU B 678 62.00 -16.76 -9.21
CA GLU B 678 60.86 -17.56 -9.76
C GLU B 678 59.63 -17.53 -8.85
N VAL B 679 58.47 -17.82 -9.42
CA VAL B 679 57.27 -18.28 -8.65
C VAL B 679 57.36 -19.80 -8.57
N ASP B 680 57.32 -20.36 -7.35
CA ASP B 680 57.43 -21.83 -7.17
C ASP B 680 56.11 -22.52 -7.52
N ARG B 681 56.12 -23.85 -7.63
CA ARG B 681 54.87 -24.61 -7.92
C ARG B 681 53.89 -24.41 -6.76
N GLN B 682 54.40 -24.38 -5.53
CA GLN B 682 53.55 -24.14 -4.33
C GLN B 682 52.94 -22.73 -4.42
N GLY B 683 53.62 -21.81 -5.12
CA GLY B 683 53.17 -20.41 -5.19
C GLY B 683 53.92 -19.54 -4.20
N ARG B 684 54.77 -20.16 -3.37
CA ARG B 684 55.62 -19.38 -2.44
C ARG B 684 56.72 -18.72 -3.27
N ILE B 685 56.54 -17.46 -3.68
CA ILE B 685 57.52 -16.78 -4.57
C ILE B 685 58.92 -16.85 -3.94
N ARG B 686 59.98 -17.03 -4.75
CA ARG B 686 61.38 -17.20 -4.29
C ARG B 686 62.20 -15.94 -4.58
N LEU B 687 62.83 -15.39 -3.55
CA LEU B 687 63.59 -14.12 -3.71
C LEU B 687 65.01 -14.30 -3.16
N SER B 688 66.02 -13.82 -3.90
CA SER B 688 67.42 -13.88 -3.40
C SER B 688 67.98 -12.46 -3.31
N ILE B 689 68.48 -12.06 -2.14
CA ILE B 689 69.12 -10.74 -1.99
C ILE B 689 70.48 -10.76 -2.72
N LYS B 690 70.81 -9.68 -3.43
CA LYS B 690 72.10 -9.62 -4.17
C LYS B 690 72.47 -8.14 -4.38
N GLU B 691 72.84 -7.44 -3.31
CA GLU B 691 73.16 -5.99 -3.43
C GLU B 691 74.35 -5.79 -4.38
N ALA B 692 75.29 -6.74 -4.41
CA ALA B 692 76.26 -6.90 -5.52
C ALA B 692 75.69 -7.92 -6.51
N THR B 693 75.57 -7.55 -7.79
CA THR B 693 74.83 -8.35 -8.80
C THR B 693 75.57 -9.66 -9.11
N GLU B 694 74.85 -10.79 -9.00
CA GLU B 694 75.34 -12.14 -9.37
C GLU B 694 74.21 -12.90 -10.09
N GLN B 695 74.50 -13.46 -11.26
CA GLN B 695 73.51 -14.20 -12.10
C GLN B 695 74.22 -15.35 -12.82
N MET C 1 -8.43 -13.84 42.02
CA MET C 1 -9.07 -12.53 41.77
C MET C 1 -9.77 -12.58 40.44
N LEU C 2 -9.04 -12.44 39.37
CA LEU C 2 -9.75 -12.59 38.11
C LEU C 2 -10.31 -14.00 38.14
N ASN C 3 -11.58 -14.18 37.77
CA ASN C 3 -12.23 -15.51 37.80
C ASN C 3 -13.05 -15.73 36.52
N PRO C 4 -12.67 -16.70 35.66
CA PRO C 4 -13.46 -17.00 34.46
C PRO C 4 -14.64 -17.97 34.71
N ILE C 5 -15.83 -17.63 34.20
CA ILE C 5 -17.02 -18.51 34.34
C ILE C 5 -17.13 -19.30 33.05
N VAL C 6 -16.93 -20.61 33.03
CA VAL C 6 -16.90 -21.40 31.77
C VAL C 6 -18.01 -22.42 31.69
N ARG C 7 -18.65 -22.54 30.52
CA ARG C 7 -19.73 -23.54 30.30
C ARG C 7 -19.36 -24.28 29.02
N LYS C 8 -19.00 -25.57 29.12
CA LYS C 8 -18.53 -26.22 27.93
C LYS C 8 -19.56 -27.21 27.55
N PHE C 9 -20.13 -27.08 26.36
CA PHE C 9 -21.13 -28.06 25.88
C PHE C 9 -20.51 -28.91 24.79
N GLN C 10 -21.35 -29.55 23.99
CA GLN C 10 -20.81 -30.34 22.87
C GLN C 10 -21.59 -29.97 21.63
N TYR C 11 -21.14 -30.21 20.40
CA TYR C 11 -21.83 -29.66 19.21
C TYR C 11 -21.20 -30.30 17.97
N GLY C 12 -21.89 -31.29 17.39
CA GLY C 12 -21.52 -31.92 16.12
C GLY C 12 -20.11 -32.48 16.09
N GLN C 13 -19.75 -33.30 17.09
CA GLN C 13 -18.43 -33.96 17.24
C GLN C 13 -17.35 -32.97 17.70
N HIS C 14 -17.66 -31.69 17.93
CA HIS C 14 -16.69 -30.72 18.52
C HIS C 14 -17.11 -30.36 19.94
N THR C 15 -16.19 -30.26 20.88
CA THR C 15 -16.44 -29.59 22.18
C THR C 15 -16.37 -28.06 21.98
N VAL C 16 -17.24 -27.29 22.58
CA VAL C 16 -17.26 -25.84 22.38
C VAL C 16 -17.13 -25.38 23.78
N THR C 17 -16.56 -24.17 23.97
CA THR C 17 -16.27 -23.63 25.32
C THR C 17 -16.49 -22.12 25.33
N LEU C 18 -17.24 -21.62 26.30
CA LEU C 18 -17.54 -20.18 26.48
C LEU C 18 -16.89 -19.72 27.78
N GLU C 19 -16.12 -18.62 27.72
CA GLU C 19 -15.43 -18.03 28.88
C GLU C 19 -15.76 -16.52 28.97
N THR C 20 -15.90 -15.99 30.18
CA THR C 20 -16.35 -14.60 30.43
C THR C 20 -15.60 -14.03 31.65
N GLY C 21 -15.69 -12.71 31.85
CA GLY C 21 -15.27 -12.06 33.09
C GLY C 21 -13.77 -11.84 33.15
N MET C 22 -12.95 -12.70 32.54
CA MET C 22 -11.47 -12.74 32.73
C MET C 22 -10.80 -11.52 32.09
N MET C 23 -11.26 -11.08 30.92
CA MET C 23 -10.51 -10.11 30.06
C MET C 23 -11.45 -9.18 29.30
N ALA C 24 -10.93 -7.99 28.95
CA ALA C 24 -11.70 -6.82 28.44
C ALA C 24 -12.90 -6.52 29.34
N ARG C 25 -12.72 -6.63 30.67
CA ARG C 25 -13.77 -6.43 31.70
C ARG C 25 -14.37 -5.01 31.66
N GLN C 26 -13.75 -4.07 30.93
CA GLN C 26 -14.23 -2.67 30.82
C GLN C 26 -15.14 -2.49 29.59
N ALA C 27 -15.21 -3.46 28.67
CA ALA C 27 -16.22 -3.51 27.59
C ALA C 27 -17.57 -3.89 28.19
N THR C 28 -18.67 -3.58 27.50
CA THR C 28 -20.06 -3.84 27.97
C THR C 28 -20.23 -5.35 28.21
N ALA C 29 -19.71 -6.19 27.31
CA ALA C 29 -19.56 -7.64 27.52
C ALA C 29 -18.47 -8.19 26.57
N ALA C 30 -17.77 -9.24 27.00
CA ALA C 30 -16.65 -9.85 26.24
C ALA C 30 -16.65 -11.36 26.47
N VAL C 31 -16.49 -12.12 25.39
CA VAL C 31 -16.58 -13.61 25.42
C VAL C 31 -15.44 -14.20 24.59
N MET C 32 -14.74 -15.18 25.15
CA MET C 32 -13.76 -15.98 24.39
C MET C 32 -14.44 -17.30 24.04
N VAL C 33 -14.71 -17.53 22.76
CA VAL C 33 -15.38 -18.78 22.31
C VAL C 33 -14.33 -19.65 21.64
N SER C 34 -14.26 -20.92 22.00
CA SER C 34 -13.38 -21.86 21.27
C SER C 34 -14.08 -23.17 20.98
N MET C 35 -13.81 -23.72 19.79
CA MET C 35 -14.39 -25.02 19.37
C MET C 35 -13.19 -25.85 18.94
N ASP C 36 -12.82 -26.91 19.67
CA ASP C 36 -11.59 -27.61 19.35
C ASP C 36 -10.58 -26.54 19.62
N ASP C 37 -9.61 -26.30 18.73
CA ASP C 37 -8.53 -25.33 19.02
C ASP C 37 -8.84 -23.96 18.41
N THR C 38 -9.83 -23.89 17.52
CA THR C 38 -10.18 -22.61 16.84
C THR C 38 -10.81 -21.71 17.89
N ALA C 39 -10.30 -20.49 18.07
CA ALA C 39 -10.74 -19.60 19.16
C ALA C 39 -10.89 -18.16 18.64
N VAL C 40 -11.92 -17.46 19.08
CA VAL C 40 -12.23 -16.09 18.61
C VAL C 40 -12.71 -15.29 19.81
N PHE C 41 -12.18 -14.09 19.98
CA PHE C 41 -12.48 -13.21 21.11
C PHE C 41 -13.45 -12.13 20.62
N VAL C 42 -14.66 -12.08 21.18
CA VAL C 42 -15.75 -11.23 20.65
C VAL C 42 -16.24 -10.31 21.77
N THR C 43 -16.36 -9.02 21.47
CA THR C 43 -16.63 -7.96 22.49
C THR C 43 -17.67 -6.99 21.93
N VAL C 44 -18.57 -6.54 22.79
CA VAL C 44 -19.64 -5.55 22.45
C VAL C 44 -19.39 -4.28 23.28
N VAL C 45 -19.53 -3.13 22.63
CA VAL C 45 -19.67 -1.81 23.32
C VAL C 45 -20.90 -1.13 22.73
N GLY C 46 -21.77 -0.60 23.58
CA GLY C 46 -22.92 0.23 23.19
C GLY C 46 -23.06 1.39 24.15
N GLN C 47 -23.27 2.62 23.65
CA GLN C 47 -23.30 3.83 24.51
C GLN C 47 -24.75 4.06 24.99
N LYS C 48 -24.93 4.36 26.28
CA LYS C 48 -26.26 4.40 26.94
C LYS C 48 -27.03 5.65 26.51
N LYS C 49 -26.33 6.77 26.27
CA LYS C 49 -26.97 8.06 25.90
C LYS C 49 -27.15 8.14 24.38
N ALA C 50 -28.39 7.97 23.90
CA ALA C 50 -28.77 8.05 22.48
C ALA C 50 -28.59 9.48 21.99
N LYS C 51 -27.84 9.70 20.90
CA LYS C 51 -27.57 11.04 20.30
C LYS C 51 -28.89 11.73 20.01
N PRO C 52 -29.13 12.97 20.53
CA PRO C 52 -30.46 13.60 20.43
C PRO C 52 -31.01 13.83 19.01
N GLY C 53 -30.13 14.02 18.02
CA GLY C 53 -30.50 14.26 16.61
C GLY C 53 -30.86 12.96 15.90
N GLN C 54 -30.42 11.80 16.41
CA GLN C 54 -30.28 10.55 15.61
C GLN C 54 -31.65 9.94 15.28
N ASP C 55 -31.73 9.28 14.12
CA ASP C 55 -33.02 8.78 13.55
C ASP C 55 -32.84 7.45 12.80
N PHE C 56 -31.67 6.79 12.87
CA PHE C 56 -31.45 5.42 12.33
C PHE C 56 -30.64 4.65 13.38
N PHE C 57 -30.42 3.34 13.20
CA PHE C 57 -29.59 2.51 14.11
C PHE C 57 -28.17 2.35 13.57
N PRO C 58 -27.13 2.98 14.18
CA PRO C 58 -25.74 2.81 13.76
C PRO C 58 -25.06 1.61 14.43
N LEU C 59 -25.35 0.42 13.88
CA LEU C 59 -24.65 -0.85 14.22
C LEU C 59 -23.44 -1.03 13.29
N THR C 60 -22.27 -1.28 13.89
CA THR C 60 -21.01 -1.61 13.16
C THR C 60 -20.48 -2.96 13.65
N VAL C 61 -20.13 -3.85 12.73
CA VAL C 61 -19.51 -5.17 13.07
C VAL C 61 -18.17 -5.28 12.33
N ASN C 62 -17.10 -5.59 13.06
CA ASN C 62 -15.71 -5.70 12.52
C ASN C 62 -15.22 -7.11 12.83
N TYR C 63 -14.77 -7.83 11.82
CA TYR C 63 -14.19 -9.19 11.97
C TYR C 63 -12.76 -9.14 11.45
N GLN C 64 -11.78 -9.49 12.29
CA GLN C 64 -10.34 -9.39 11.90
C GLN C 64 -9.62 -10.70 12.20
N GLU C 65 -8.74 -11.12 11.30
CA GLU C 65 -7.97 -12.38 11.39
C GLU C 65 -6.48 -12.09 11.64
N ARG C 66 -6.05 -12.18 12.90
CA ARG C 66 -4.63 -12.02 13.30
C ARG C 66 -3.83 -13.20 12.73
N THR C 67 -2.69 -12.94 12.08
CA THR C 67 -1.87 -14.01 11.44
C THR C 67 -1.17 -14.87 12.49
N TYR C 68 -0.97 -14.35 13.71
CA TYR C 68 -0.30 -15.10 14.80
C TYR C 68 -1.20 -16.27 15.23
N ALA C 69 -2.50 -16.21 14.93
CA ALA C 69 -3.49 -17.27 15.18
C ALA C 69 -3.16 -18.56 14.41
N ALA C 70 -2.34 -18.51 13.36
CA ALA C 70 -1.88 -19.70 12.61
C ALA C 70 -0.36 -19.90 12.75
N GLY C 71 0.31 -19.14 13.64
CA GLY C 71 1.78 -19.17 13.81
C GLY C 71 2.55 -18.87 12.53
N ARG C 72 2.15 -17.83 11.79
CA ARG C 72 2.89 -17.30 10.63
C ARG C 72 3.14 -15.80 10.79
N ILE C 73 4.33 -15.37 10.38
CA ILE C 73 4.75 -13.94 10.24
C ILE C 73 3.98 -13.35 9.06
N PRO C 74 3.55 -12.07 9.07
CA PRO C 74 2.78 -11.47 7.97
C PRO C 74 3.43 -11.55 6.59
N GLY C 75 4.67 -11.08 6.42
CA GLY C 75 5.39 -11.03 5.13
C GLY C 75 4.59 -10.32 4.04
N SER C 76 4.12 -9.09 4.30
CA SER C 76 3.31 -8.27 3.36
C SER C 76 3.61 -6.77 3.47
N PHE C 77 3.22 -6.04 2.43
CA PHE C 77 3.59 -4.61 2.18
C PHE C 77 2.62 -3.70 2.95
N PHE C 78 1.31 -3.91 2.80
CA PHE C 78 0.24 -2.96 3.25
C PHE C 78 -0.08 -3.13 4.75
N ARG C 79 0.61 -2.37 5.60
CA ARG C 79 0.36 -2.23 7.07
C ARG C 79 0.19 -3.60 7.74
N ARG C 80 0.96 -4.61 7.30
CA ARG C 80 0.95 -6.02 7.76
C ARG C 80 -0.48 -6.59 7.73
N GLU C 81 -1.17 -6.40 6.60
CA GLU C 81 -2.62 -6.68 6.39
C GLU C 81 -3.46 -5.84 7.38
N GLY C 82 -3.29 -4.51 7.30
CA GLY C 82 -4.01 -3.53 8.15
C GLY C 82 -5.47 -3.38 7.73
N ARG C 83 -5.71 -3.09 6.45
CA ARG C 83 -7.09 -2.93 5.91
C ARG C 83 -7.78 -4.30 5.89
N PRO C 84 -9.12 -4.35 6.10
CA PRO C 84 -9.84 -5.62 6.01
C PRO C 84 -9.96 -6.04 4.54
N SER C 85 -9.59 -7.28 4.25
CA SER C 85 -9.72 -7.88 2.89
C SER C 85 -11.21 -8.17 2.57
N GLU C 86 -11.48 -8.61 1.35
CA GLU C 86 -12.79 -9.26 1.00
C GLU C 86 -13.10 -10.40 1.97
N GLY C 87 -12.13 -11.29 2.19
CA GLY C 87 -12.29 -12.50 3.03
C GLY C 87 -12.76 -12.20 4.44
N GLU C 88 -12.50 -10.99 4.96
CA GLU C 88 -12.93 -10.54 6.31
C GLU C 88 -14.28 -9.82 6.21
N THR C 89 -14.44 -8.92 5.23
CA THR C 89 -15.65 -8.07 5.08
C THR C 89 -16.90 -8.94 4.92
N LEU C 90 -16.81 -10.00 4.11
CA LEU C 90 -17.93 -10.97 3.89
C LEU C 90 -18.32 -11.63 5.23
N ILE C 91 -17.37 -12.04 6.06
CA ILE C 91 -17.68 -12.70 7.36
C ILE C 91 -18.36 -11.69 8.29
N ALA C 92 -17.96 -10.41 8.24
CA ALA C 92 -18.63 -9.33 9.01
C ALA C 92 -20.10 -9.23 8.58
N ARG C 93 -20.38 -9.30 7.27
CA ARG C 93 -21.77 -9.28 6.71
C ARG C 93 -22.55 -10.50 7.20
N LEU C 94 -21.92 -11.69 7.26
CA LEU C 94 -22.56 -12.94 7.74
C LEU C 94 -22.96 -12.79 9.21
N ILE C 95 -22.25 -11.98 10.00
CA ILE C 95 -22.60 -11.70 11.43
C ILE C 95 -23.68 -10.60 11.48
N ASP C 96 -23.57 -9.58 10.64
CA ASP C 96 -24.46 -8.38 10.62
C ASP C 96 -25.90 -8.80 10.27
N ARG C 97 -26.06 -9.55 9.16
CA ARG C 97 -27.39 -9.85 8.54
C ARG C 97 -28.37 -10.45 9.54
N PRO C 98 -28.05 -11.53 10.30
CA PRO C 98 -29.00 -12.09 11.27
C PRO C 98 -29.21 -11.21 12.51
N ILE C 99 -28.21 -10.42 12.91
CA ILE C 99 -28.23 -9.59 14.16
C ILE C 99 -29.12 -8.36 13.96
N ARG C 100 -28.93 -7.61 12.87
CA ARG C 100 -29.45 -6.23 12.67
C ARG C 100 -30.96 -6.12 12.87
N PRO C 101 -31.83 -7.02 12.33
CA PRO C 101 -33.28 -6.88 12.53
C PRO C 101 -33.77 -7.33 13.92
N LEU C 102 -32.91 -7.93 14.74
CA LEU C 102 -33.28 -8.56 16.03
C LEU C 102 -33.19 -7.55 17.18
N PHE C 103 -32.66 -6.35 16.95
CA PHE C 103 -32.77 -5.21 17.89
C PHE C 103 -34.20 -4.68 17.86
N PRO C 104 -34.74 -4.12 18.97
CA PRO C 104 -36.14 -3.69 19.01
C PRO C 104 -36.39 -2.44 18.16
N GLU C 105 -37.63 -2.25 17.71
CA GLU C 105 -38.06 -1.07 16.91
C GLU C 105 -37.83 0.20 17.75
N GLY C 106 -37.21 1.21 17.15
CA GLY C 106 -36.99 2.54 17.76
C GLY C 106 -35.68 2.64 18.54
N PHE C 107 -34.91 1.55 18.62
CA PHE C 107 -33.54 1.56 19.19
C PHE C 107 -32.62 2.30 18.21
N VAL C 108 -31.85 3.28 18.70
CA VAL C 108 -30.98 4.16 17.86
C VAL C 108 -29.61 4.40 18.54
N ASN C 109 -29.30 3.69 19.62
CA ASN C 109 -27.99 3.78 20.31
C ASN C 109 -26.92 3.19 19.38
N GLU C 110 -25.73 3.78 19.36
CA GLU C 110 -24.55 3.25 18.63
C GLU C 110 -24.06 1.97 19.33
N VAL C 111 -23.87 0.90 18.57
CA VAL C 111 -23.35 -0.42 19.07
C VAL C 111 -22.21 -0.85 18.14
N GLN C 112 -21.12 -1.37 18.69
CA GLN C 112 -19.97 -1.89 17.89
C GLN C 112 -19.59 -3.28 18.39
N VAL C 113 -19.56 -4.25 17.48
CA VAL C 113 -19.15 -5.66 17.75
C VAL C 113 -17.80 -5.90 17.09
N ILE C 114 -16.77 -6.26 17.85
CA ILE C 114 -15.44 -6.64 17.27
C ILE C 114 -15.18 -8.11 17.57
N ALA C 115 -14.98 -8.92 16.52
CA ALA C 115 -14.55 -10.33 16.60
C ALA C 115 -13.10 -10.44 16.12
N THR C 116 -12.17 -10.88 16.97
CA THR C 116 -10.74 -11.08 16.59
C THR C 116 -10.39 -12.57 16.69
N VAL C 117 -9.97 -13.20 15.60
CA VAL C 117 -9.57 -14.64 15.62
C VAL C 117 -8.19 -14.76 16.28
N VAL C 118 -8.07 -15.49 17.39
CA VAL C 118 -6.79 -15.58 18.17
C VAL C 118 -6.10 -16.94 18.04
N SER C 119 -6.82 -17.99 17.62
CA SER C 119 -6.24 -19.34 17.31
C SER C 119 -7.03 -20.02 16.20
N VAL C 120 -6.41 -20.84 15.35
CA VAL C 120 -7.15 -21.66 14.32
C VAL C 120 -6.49 -23.03 14.19
N ASN C 121 -7.24 -24.10 14.45
CA ASN C 121 -7.01 -25.45 13.85
C ASN C 121 -7.40 -25.36 12.37
N PRO C 122 -6.53 -25.70 11.40
CA PRO C 122 -6.87 -25.52 9.98
C PRO C 122 -8.14 -26.24 9.49
N GLN C 123 -8.60 -27.30 10.17
CA GLN C 123 -9.79 -28.09 9.76
C GLN C 123 -11.09 -27.42 10.24
N VAL C 124 -11.05 -26.45 11.16
CA VAL C 124 -12.26 -25.82 11.75
C VAL C 124 -12.27 -24.33 11.39
N ASN C 125 -13.25 -23.90 10.59
CA ASN C 125 -13.41 -22.51 10.10
C ASN C 125 -13.87 -21.64 11.26
N PRO C 126 -13.22 -20.47 11.52
CA PRO C 126 -13.65 -19.59 12.62
C PRO C 126 -14.95 -18.78 12.40
N ASP C 127 -15.54 -18.75 11.20
CA ASP C 127 -16.69 -17.84 10.89
C ASP C 127 -17.92 -18.17 11.77
N ILE C 128 -18.33 -19.44 11.82
CA ILE C 128 -19.50 -19.91 12.62
C ILE C 128 -19.11 -19.93 14.10
N VAL C 129 -17.83 -19.89 14.46
CA VAL C 129 -17.39 -19.74 15.87
C VAL C 129 -17.60 -18.28 16.24
N ALA C 130 -17.33 -17.35 15.32
CA ALA C 130 -17.52 -15.88 15.50
C ALA C 130 -19.02 -15.59 15.61
N MET C 131 -19.87 -16.27 14.84
CA MET C 131 -21.34 -16.04 14.83
C MET C 131 -21.95 -16.41 16.19
N ILE C 132 -21.58 -17.54 16.80
CA ILE C 132 -22.10 -17.93 18.15
C ILE C 132 -21.46 -17.05 19.23
N GLY C 133 -20.23 -16.56 19.01
CA GLY C 133 -19.56 -15.58 19.89
C GLY C 133 -20.29 -14.25 19.93
N ALA C 134 -20.70 -13.72 18.78
CA ALA C 134 -21.47 -12.45 18.68
C ALA C 134 -22.79 -12.62 19.43
N SER C 135 -23.47 -13.75 19.23
CA SER C 135 -24.72 -14.11 19.92
C SER C 135 -24.53 -14.06 21.44
N ALA C 136 -23.47 -14.70 21.95
CA ALA C 136 -23.10 -14.70 23.39
C ALA C 136 -22.85 -13.28 23.88
N ALA C 137 -22.01 -12.51 23.17
CA ALA C 137 -21.52 -11.18 23.62
C ALA C 137 -22.69 -10.20 23.69
N LEU C 138 -23.61 -10.19 22.71
CA LEU C 138 -24.85 -9.36 22.79
C LEU C 138 -25.71 -9.83 23.98
N SER C 139 -25.92 -11.13 24.16
CA SER C 139 -26.93 -11.67 25.10
C SER C 139 -26.44 -11.55 26.55
N LEU C 140 -25.12 -11.56 26.79
CA LEU C 140 -24.48 -11.35 28.12
C LEU C 140 -24.61 -9.89 28.54
N SER C 141 -24.55 -8.94 27.60
CA SER C 141 -24.65 -7.49 27.87
C SER C 141 -26.07 -7.14 28.34
N GLY C 142 -26.27 -5.94 28.88
CA GLY C 142 -27.60 -5.42 29.24
C GLY C 142 -28.43 -5.00 28.03
N ILE C 143 -27.87 -5.03 26.82
CA ILE C 143 -28.43 -4.32 25.63
C ILE C 143 -29.74 -4.99 25.24
N PRO C 144 -30.81 -4.21 24.93
CA PRO C 144 -32.13 -4.79 24.61
C PRO C 144 -32.12 -5.46 23.23
N PHE C 145 -32.22 -6.80 23.22
CA PHE C 145 -31.93 -7.68 22.06
C PHE C 145 -32.84 -8.91 22.14
N ASN C 146 -33.53 -9.26 21.05
CA ASN C 146 -34.67 -10.23 21.09
C ASN C 146 -34.13 -11.67 21.04
N GLY C 147 -33.42 -12.08 22.09
CA GLY C 147 -33.03 -13.47 22.35
C GLY C 147 -31.80 -13.90 21.55
N PRO C 148 -31.11 -14.96 22.00
CA PRO C 148 -29.89 -15.41 21.33
C PRO C 148 -30.15 -16.05 19.96
N ILE C 149 -29.14 -16.02 19.10
CA ILE C 149 -29.11 -16.67 17.76
C ILE C 149 -28.12 -17.85 17.83
N GLY C 150 -28.46 -18.95 17.17
CA GLY C 150 -27.51 -20.04 16.88
C GLY C 150 -26.81 -19.77 15.56
N ALA C 151 -25.86 -20.63 15.19
CA ALA C 151 -25.36 -20.74 13.81
C ALA C 151 -24.88 -22.16 13.55
N ALA C 152 -25.07 -22.64 12.33
CA ALA C 152 -24.73 -24.01 11.87
C ALA C 152 -24.32 -23.99 10.41
N ARG C 153 -23.37 -24.82 10.02
CA ARG C 153 -23.05 -25.07 8.60
C ARG C 153 -23.41 -26.51 8.28
N VAL C 154 -24.19 -26.75 7.23
CA VAL C 154 -24.59 -28.13 6.82
C VAL C 154 -23.90 -28.46 5.50
N GLY C 155 -23.36 -29.68 5.41
CA GLY C 155 -22.86 -30.29 4.17
C GLY C 155 -23.75 -31.45 3.74
N TYR C 156 -23.57 -31.92 2.51
CA TYR C 156 -24.31 -33.07 1.93
C TYR C 156 -23.29 -34.05 1.35
N ILE C 157 -23.23 -35.27 1.90
CA ILE C 157 -22.23 -36.32 1.53
C ILE C 157 -22.96 -37.67 1.47
N ASN C 158 -22.79 -38.43 0.38
CA ASN C 158 -23.37 -39.79 0.18
C ASN C 158 -24.85 -39.79 0.56
N ASP C 159 -25.59 -38.73 0.18
CA ASP C 159 -27.06 -38.54 0.41
C ASP C 159 -27.41 -38.49 1.91
N GLN C 160 -26.49 -38.06 2.77
CA GLN C 160 -26.80 -37.73 4.18
C GLN C 160 -26.34 -36.30 4.49
N TYR C 161 -27.13 -35.56 5.25
CA TYR C 161 -26.74 -34.24 5.81
C TYR C 161 -25.67 -34.47 6.88
N VAL C 162 -24.71 -33.54 6.95
CA VAL C 162 -23.61 -33.54 7.96
C VAL C 162 -23.55 -32.16 8.61
N LEU C 163 -23.58 -32.11 9.94
CA LEU C 163 -23.42 -30.84 10.71
C LEU C 163 -21.94 -30.46 10.80
N ASN C 164 -21.64 -29.17 10.58
CA ASN C 164 -20.32 -28.51 10.73
C ASN C 164 -19.19 -29.39 10.17
N PRO C 165 -19.19 -29.68 8.84
CA PRO C 165 -18.13 -30.50 8.26
C PRO C 165 -16.76 -29.83 8.41
N THR C 166 -15.71 -30.63 8.60
CA THR C 166 -14.31 -30.13 8.60
C THR C 166 -13.88 -29.77 7.18
N GLN C 167 -12.86 -28.92 7.06
CA GLN C 167 -12.44 -28.28 5.80
C GLN C 167 -12.02 -29.32 4.75
N ASP C 168 -11.74 -30.56 5.16
CA ASP C 168 -11.44 -31.71 4.26
C ASP C 168 -12.74 -32.40 3.79
N GLU C 169 -13.66 -32.68 4.71
CA GLU C 169 -15.01 -33.25 4.38
C GLU C 169 -15.74 -32.33 3.39
N LEU C 170 -15.55 -31.02 3.52
CA LEU C 170 -16.26 -30.00 2.70
C LEU C 170 -15.96 -30.23 1.21
N LYS C 171 -14.72 -30.63 0.85
CA LYS C 171 -14.29 -30.78 -0.56
C LYS C 171 -14.97 -31.99 -1.19
N GLU C 172 -15.37 -33.00 -0.40
CA GLU C 172 -16.12 -34.19 -0.88
C GLU C 172 -17.61 -33.87 -1.01
N SER C 173 -18.11 -32.87 -0.27
CA SER C 173 -19.55 -32.54 -0.18
C SER C 173 -20.05 -31.83 -1.44
N LYS C 174 -21.34 -32.02 -1.77
CA LYS C 174 -21.96 -31.33 -2.95
C LYS C 174 -22.86 -30.18 -2.45
N LEU C 175 -22.64 -29.69 -1.23
CA LEU C 175 -23.39 -28.53 -0.63
C LEU C 175 -22.55 -27.85 0.46
N ASP C 176 -22.69 -26.54 0.57
CA ASP C 176 -22.11 -25.71 1.67
C ASP C 176 -23.13 -24.63 2.04
N LEU C 177 -23.83 -24.79 3.16
CA LEU C 177 -25.00 -23.95 3.52
C LEU C 177 -24.92 -23.55 4.99
N VAL C 178 -24.93 -22.25 5.27
CA VAL C 178 -24.96 -21.69 6.66
C VAL C 178 -26.42 -21.32 6.99
N VAL C 179 -26.84 -21.62 8.22
CA VAL C 179 -28.16 -21.21 8.79
C VAL C 179 -27.89 -20.44 10.08
N ALA C 180 -28.70 -19.43 10.36
CA ALA C 180 -28.76 -18.73 11.67
C ALA C 180 -30.22 -18.52 12.03
N GLY C 181 -30.60 -18.75 13.29
CA GLY C 181 -32.00 -18.68 13.74
C GLY C 181 -32.14 -18.70 15.25
N THR C 182 -33.37 -18.56 15.73
CA THR C 182 -33.71 -18.42 17.17
C THR C 182 -34.34 -19.73 17.65
N GLU C 183 -35.00 -19.73 18.82
CA GLU C 183 -35.90 -20.84 19.24
C GLU C 183 -37.09 -20.94 18.29
N ALA C 184 -37.60 -19.81 17.79
CA ALA C 184 -38.89 -19.70 17.08
C ALA C 184 -38.74 -20.03 15.58
N ALA C 185 -37.73 -19.47 14.91
CA ALA C 185 -37.70 -19.38 13.42
C ALA C 185 -36.27 -19.16 12.89
N VAL C 186 -36.04 -19.57 11.63
CA VAL C 186 -34.82 -19.25 10.83
C VAL C 186 -34.81 -17.73 10.59
N LEU C 187 -33.62 -17.12 10.57
CA LEU C 187 -33.42 -15.69 10.22
C LEU C 187 -32.64 -15.55 8.91
N MET C 188 -31.63 -16.38 8.66
CA MET C 188 -30.69 -16.16 7.51
C MET C 188 -30.21 -17.51 6.97
N VAL C 189 -30.15 -17.63 5.63
CA VAL C 189 -29.55 -18.80 4.92
C VAL C 189 -28.65 -18.26 3.80
N GLU C 190 -27.45 -18.82 3.65
CA GLU C 190 -26.53 -18.54 2.51
C GLU C 190 -25.90 -19.87 2.07
N SER C 191 -25.81 -20.13 0.76
CA SER C 191 -25.42 -21.47 0.25
C SER C 191 -24.72 -21.45 -1.11
N GLU C 192 -23.84 -22.43 -1.31
CA GLU C 192 -23.33 -22.96 -2.60
C GLU C 192 -23.81 -24.41 -2.76
N ALA C 193 -24.26 -24.82 -3.94
CA ALA C 193 -24.72 -26.20 -4.21
C ALA C 193 -24.28 -26.65 -5.61
N GLN C 194 -23.97 -27.94 -5.76
CA GLN C 194 -23.62 -28.54 -7.08
C GLN C 194 -24.92 -29.01 -7.76
N LEU C 195 -25.80 -28.10 -8.14
CA LEU C 195 -27.09 -28.35 -8.84
C LEU C 195 -27.95 -29.36 -8.05
N LEU C 196 -28.23 -29.05 -6.79
CA LEU C 196 -29.23 -29.79 -5.96
C LEU C 196 -30.65 -29.30 -6.26
N SER C 197 -31.65 -30.16 -6.05
CA SER C 197 -33.10 -29.82 -6.15
C SER C 197 -33.52 -28.92 -4.98
N GLU C 198 -34.59 -28.14 -5.18
CA GLU C 198 -35.13 -27.18 -4.17
C GLU C 198 -35.57 -27.91 -2.89
N ASP C 199 -36.00 -29.18 -3.00
CA ASP C 199 -36.41 -30.03 -1.85
C ASP C 199 -35.18 -30.34 -0.97
N GLN C 200 -34.07 -30.74 -1.59
CA GLN C 200 -32.80 -31.06 -0.89
C GLN C 200 -32.28 -29.82 -0.15
N MET C 201 -32.45 -28.63 -0.73
CA MET C 201 -31.96 -27.36 -0.11
C MET C 201 -32.74 -27.08 1.18
N LEU C 202 -34.07 -27.19 1.15
CA LEU C 202 -34.92 -26.90 2.34
C LEU C 202 -34.73 -27.99 3.41
N GLY C 203 -34.48 -29.24 3.00
CA GLY C 203 -34.07 -30.32 3.92
C GLY C 203 -32.85 -29.91 4.73
N ALA C 204 -31.86 -29.30 4.08
CA ALA C 204 -30.61 -28.81 4.72
C ALA C 204 -30.95 -27.70 5.73
N VAL C 205 -31.80 -26.75 5.35
CA VAL C 205 -32.18 -25.59 6.20
C VAL C 205 -32.89 -26.09 7.46
N VAL C 206 -33.84 -27.02 7.32
CA VAL C 206 -34.60 -27.62 8.45
C VAL C 206 -33.62 -28.35 9.38
N PHE C 207 -32.78 -29.23 8.82
CA PHE C 207 -31.80 -30.07 9.56
C PHE C 207 -30.86 -29.18 10.37
N GLY C 208 -30.34 -28.11 9.74
CA GLY C 208 -29.47 -27.11 10.42
C GLY C 208 -30.16 -26.47 11.63
N HIS C 209 -31.42 -26.05 11.43
CA HIS C 209 -32.20 -25.28 12.43
C HIS C 209 -32.62 -26.18 13.61
N GLU C 210 -32.85 -27.46 13.35
CA GLU C 210 -33.30 -28.47 14.34
C GLU C 210 -32.20 -28.72 15.39
N GLN C 211 -30.92 -28.47 15.07
CA GLN C 211 -29.80 -28.86 15.97
C GLN C 211 -28.86 -27.70 16.32
N GLN C 212 -29.02 -26.51 15.72
CA GLN C 212 -28.44 -25.24 16.28
C GLN C 212 -29.12 -24.90 17.62
N GLN C 213 -30.23 -25.55 17.96
CA GLN C 213 -30.95 -25.36 19.25
C GLN C 213 -30.02 -25.66 20.44
N VAL C 214 -29.05 -26.58 20.32
CA VAL C 214 -28.19 -26.98 21.48
C VAL C 214 -27.29 -25.78 21.86
N VAL C 215 -26.94 -24.93 20.91
CA VAL C 215 -26.20 -23.65 21.17
C VAL C 215 -27.10 -22.74 22.01
N ILE C 216 -28.36 -22.57 21.62
CA ILE C 216 -29.34 -21.71 22.33
C ILE C 216 -29.52 -22.18 23.78
N GLN C 217 -29.61 -23.49 24.03
CA GLN C 217 -29.75 -24.05 25.41
C GLN C 217 -28.57 -23.58 26.27
N ASN C 218 -27.35 -23.73 25.78
CA ASN C 218 -26.12 -23.46 26.56
C ASN C 218 -25.91 -21.95 26.74
N ILE C 219 -26.21 -21.15 25.72
CA ILE C 219 -26.07 -19.66 25.79
C ILE C 219 -26.99 -19.17 26.92
N ASN C 220 -28.22 -19.68 27.01
CA ASN C 220 -29.19 -19.23 28.05
C ASN C 220 -28.72 -19.64 29.45
N GLU C 221 -28.01 -20.77 29.59
CA GLU C 221 -27.45 -21.20 30.90
C GLU C 221 -26.35 -20.23 31.35
N LEU C 222 -25.45 -19.83 30.44
CA LEU C 222 -24.39 -18.83 30.72
C LEU C 222 -25.03 -17.49 31.07
N VAL C 223 -26.06 -17.04 30.34
CA VAL C 223 -26.66 -15.69 30.50
C VAL C 223 -27.22 -15.50 31.93
N LYS C 224 -27.94 -16.46 32.50
CA LYS C 224 -28.52 -16.35 33.87
C LYS C 224 -27.49 -16.66 34.96
N GLU C 225 -26.31 -17.17 34.61
CA GLU C 225 -25.23 -17.51 35.58
C GLU C 225 -24.24 -16.34 35.65
N ALA C 226 -24.04 -15.56 34.57
CA ALA C 226 -22.95 -14.57 34.45
C ALA C 226 -23.37 -13.28 33.71
N GLY C 227 -24.64 -13.09 33.39
CA GLY C 227 -25.11 -11.96 32.55
C GLY C 227 -25.29 -10.69 33.36
N LYS C 228 -25.06 -9.54 32.75
CA LYS C 228 -25.29 -8.19 33.37
C LYS C 228 -26.79 -7.94 33.39
N PRO C 229 -27.30 -7.03 34.25
CA PRO C 229 -28.72 -6.67 34.26
C PRO C 229 -29.13 -5.89 32.99
N ARG C 230 -30.36 -6.12 32.52
CA ARG C 230 -30.96 -5.45 31.33
C ARG C 230 -31.01 -3.93 31.55
N TRP C 231 -30.65 -3.14 30.52
CA TRP C 231 -30.79 -1.66 30.45
C TRP C 231 -32.25 -1.27 30.66
N ASP C 232 -32.52 -0.17 31.36
CA ASP C 232 -33.88 0.40 31.57
C ASP C 232 -34.25 1.27 30.36
N TRP C 233 -34.27 0.65 29.19
CA TRP C 233 -34.55 1.33 27.89
C TRP C 233 -36.00 1.10 27.49
N GLN C 234 -36.72 2.17 27.14
CA GLN C 234 -38.14 2.12 26.71
C GLN C 234 -38.33 2.65 25.29
N PRO C 235 -39.28 2.12 24.50
CA PRO C 235 -39.58 2.63 23.17
C PRO C 235 -40.04 4.09 23.23
N GLU C 236 -39.59 4.91 22.26
CA GLU C 236 -40.10 6.27 21.97
C GLU C 236 -41.61 6.23 21.78
N PRO C 237 -42.37 7.06 22.52
CA PRO C 237 -43.84 7.02 22.49
C PRO C 237 -44.41 7.45 21.11
N VAL C 238 -45.72 7.24 20.90
CA VAL C 238 -46.32 7.08 19.54
C VAL C 238 -46.42 8.46 18.87
N ASN C 239 -46.78 9.52 19.62
CA ASN C 239 -47.15 10.86 19.09
C ASN C 239 -48.32 10.72 18.08
N GLU C 240 -49.37 10.00 18.47
CA GLU C 240 -50.46 9.55 17.57
C GLU C 240 -51.32 10.74 17.07
N ALA C 241 -51.49 11.82 17.83
CA ALA C 241 -52.41 12.93 17.45
C ALA C 241 -51.97 13.53 16.10
N LEU C 242 -50.67 13.73 15.93
CA LEU C 242 -50.09 14.25 14.66
C LEU C 242 -50.21 13.15 13.60
N ASN C 243 -50.03 11.89 14.01
CA ASN C 243 -50.13 10.70 13.13
C ASN C 243 -51.55 10.63 12.55
N ALA C 244 -52.56 10.69 13.41
CA ALA C 244 -53.99 10.61 13.05
C ALA C 244 -54.37 11.75 12.09
N ARG C 245 -54.00 12.99 12.40
CA ARG C 245 -54.42 14.18 11.61
C ARG C 245 -53.86 14.07 10.19
N VAL C 246 -52.58 13.73 10.06
CA VAL C 246 -51.89 13.65 8.74
C VAL C 246 -52.47 12.46 7.96
N ALA C 247 -52.78 11.35 8.65
CA ALA C 247 -53.37 10.15 8.01
C ALA C 247 -54.72 10.51 7.39
N ALA C 248 -55.58 11.21 8.15
CA ALA C 248 -56.92 11.66 7.71
C ALA C 248 -56.79 12.56 6.46
N LEU C 249 -55.77 13.42 6.42
CA LEU C 249 -55.56 14.39 5.30
C LEU C 249 -55.12 13.66 4.01
N ALA C 250 -54.37 12.56 4.12
CA ALA C 250 -53.59 12.00 2.99
C ALA C 250 -54.11 10.63 2.53
N GLU C 251 -54.50 9.74 3.43
CA GLU C 251 -54.73 8.29 3.11
C GLU C 251 -55.74 8.16 1.96
N ALA C 252 -56.87 8.84 2.06
CA ALA C 252 -57.99 8.84 1.10
C ALA C 252 -57.53 9.30 -0.30
N ARG C 253 -56.49 10.12 -0.39
CA ARG C 253 -56.00 10.71 -1.67
C ARG C 253 -54.83 9.88 -2.22
N LEU C 254 -53.96 9.37 -1.36
CA LEU C 254 -52.86 8.44 -1.72
C LEU C 254 -53.48 7.17 -2.29
N SER C 255 -54.51 6.59 -1.65
CA SER C 255 -55.21 5.36 -2.10
C SER C 255 -55.90 5.58 -3.45
N ASP C 256 -56.26 6.83 -3.79
CA ASP C 256 -56.72 7.21 -5.15
C ASP C 256 -55.53 7.21 -6.12
N ALA C 257 -54.48 7.97 -5.82
CA ALA C 257 -53.30 8.17 -6.69
C ALA C 257 -52.68 6.82 -7.11
N TYR C 258 -52.64 5.83 -6.22
CA TYR C 258 -51.96 4.55 -6.56
C TYR C 258 -52.74 3.73 -7.60
N ARG C 259 -53.98 4.09 -7.90
CA ARG C 259 -54.77 3.40 -8.98
C ARG C 259 -54.35 3.88 -10.38
N ILE C 260 -53.66 5.01 -10.49
CA ILE C 260 -53.26 5.66 -11.77
C ILE C 260 -52.26 4.75 -12.51
N THR C 261 -52.44 4.56 -13.82
CA THR C 261 -51.69 3.56 -14.63
C THR C 261 -50.30 4.11 -15.01
N ASP C 262 -50.20 5.41 -15.27
CA ASP C 262 -48.92 6.08 -15.68
C ASP C 262 -48.04 6.26 -14.44
N LYS C 263 -46.82 5.68 -14.47
CA LYS C 263 -45.72 5.90 -13.49
C LYS C 263 -45.53 7.39 -13.18
N GLN C 264 -45.47 8.24 -14.22
CA GLN C 264 -45.08 9.67 -14.08
C GLN C 264 -46.24 10.47 -13.48
N GLU C 265 -47.46 10.34 -13.99
CA GLU C 265 -48.64 11.09 -13.44
C GLU C 265 -48.88 10.67 -11.99
N ARG C 266 -48.75 9.39 -11.70
CA ARG C 266 -48.87 8.97 -10.31
C ARG C 266 -47.84 9.80 -9.54
N TYR C 267 -46.57 9.65 -9.82
CA TYR C 267 -45.47 10.34 -9.07
C TYR C 267 -45.85 11.81 -8.85
N ALA C 268 -46.23 12.50 -9.93
CA ALA C 268 -46.59 13.94 -9.94
C ALA C 268 -47.75 14.20 -8.95
N GLN C 269 -48.85 13.44 -9.06
CA GLN C 269 -50.07 13.60 -8.22
C GLN C 269 -49.72 13.32 -6.75
N VAL C 270 -48.94 12.28 -6.47
CA VAL C 270 -48.50 11.91 -5.09
C VAL C 270 -47.66 13.07 -4.52
N ASP C 271 -46.68 13.58 -5.28
CA ASP C 271 -45.77 14.66 -4.83
C ASP C 271 -46.59 15.94 -4.57
N VAL C 272 -47.69 16.12 -5.25
CA VAL C 272 -48.54 17.28 -4.91
C VAL C 272 -49.33 17.00 -3.65
N ILE C 273 -49.97 15.85 -3.56
CA ILE C 273 -50.81 15.66 -2.37
C ILE C 273 -49.82 15.78 -1.27
N LYS C 274 -48.67 15.23 -1.52
CA LYS C 274 -47.80 15.22 -0.36
C LYS C 274 -47.54 16.62 0.08
N SER C 275 -47.02 17.47 -0.78
CA SER C 275 -46.62 18.78 -0.22
C SER C 275 -47.83 19.53 0.31
N GLU C 276 -49.02 19.25 -0.18
CA GLU C 276 -50.10 20.11 0.31
C GLU C 276 -50.33 19.85 1.77
N THR C 277 -50.76 18.65 2.09
CA THR C 277 -51.07 18.45 3.50
C THR C 277 -49.76 18.60 4.21
N ILE C 278 -48.69 18.62 3.46
CA ILE C 278 -47.47 18.89 4.22
C ILE C 278 -47.68 20.30 4.73
N ALA C 279 -47.89 21.23 3.83
CA ALA C 279 -47.99 22.64 4.25
C ALA C 279 -49.26 22.95 5.01
N THR C 280 -50.35 22.33 4.63
CA THR C 280 -51.61 22.76 5.25
C THR C 280 -51.53 22.60 6.76
N LEU C 281 -50.92 21.55 7.26
CA LEU C 281 -50.91 21.43 8.72
C LEU C 281 -49.76 22.27 9.21
N LEU C 282 -48.91 22.70 8.31
CA LEU C 282 -47.87 23.64 8.80
C LEU C 282 -48.63 24.91 9.21
N ALA C 283 -49.80 25.12 8.64
CA ALA C 283 -50.58 26.28 9.07
C ALA C 283 -50.98 26.13 10.53
N GLU C 284 -51.43 24.95 10.92
CA GLU C 284 -51.99 24.83 12.30
C GLU C 284 -50.92 25.22 13.29
N ASP C 285 -49.66 24.87 13.05
CA ASP C 285 -48.66 25.36 14.01
C ASP C 285 -47.29 25.26 13.37
N GLU C 286 -46.27 25.79 14.03
CA GLU C 286 -44.91 25.54 13.50
C GLU C 286 -44.56 24.14 13.98
N THR C 287 -45.17 23.13 13.36
CA THR C 287 -44.92 21.72 13.74
C THR C 287 -43.66 21.27 13.02
N LEU C 288 -43.42 19.97 13.00
CA LEU C 288 -42.12 19.52 12.47
C LEU C 288 -42.04 19.70 10.97
N ASP C 289 -40.84 19.59 10.44
CA ASP C 289 -40.66 19.65 8.97
C ASP C 289 -40.55 18.23 8.47
N GLU C 290 -39.61 17.99 7.57
CA GLU C 290 -39.43 16.65 6.99
C GLU C 290 -39.10 15.72 8.13
N ASN C 291 -38.61 16.30 9.19
CA ASN C 291 -38.16 15.46 10.30
C ASN C 291 -39.36 14.64 10.73
N GLU C 292 -40.54 15.23 10.76
CA GLU C 292 -41.61 14.31 11.17
C GLU C 292 -42.64 14.25 10.07
N LEU C 293 -42.80 15.32 9.32
CA LEU C 293 -43.85 15.14 8.31
C LEU C 293 -43.45 14.02 7.36
N GLY C 294 -42.31 14.14 6.71
CA GLY C 294 -42.02 13.15 5.69
C GLY C 294 -42.22 11.83 6.32
N GLU C 295 -41.68 11.70 7.49
CA GLU C 295 -41.81 10.32 7.94
C GLU C 295 -43.27 9.97 8.06
N ILE C 296 -44.03 10.79 8.71
CA ILE C 296 -45.38 10.26 8.93
C ILE C 296 -45.93 10.05 7.57
N LEU C 297 -45.46 10.82 6.63
CA LEU C 297 -46.10 10.51 5.35
C LEU C 297 -45.62 9.20 4.69
N HIS C 298 -44.31 9.04 4.53
CA HIS C 298 -43.84 7.88 3.77
C HIS C 298 -44.49 6.69 4.36
N ALA C 299 -44.73 6.76 5.62
CA ALA C 299 -45.30 5.52 6.12
C ALA C 299 -46.67 5.36 5.52
N ILE C 300 -47.40 6.42 5.39
CA ILE C 300 -48.76 6.16 4.90
C ILE C 300 -48.55 5.58 3.54
N GLU C 301 -47.58 6.06 2.83
CA GLU C 301 -47.47 5.46 1.50
C GLU C 301 -47.15 3.98 1.55
N LYS C 302 -46.22 3.64 2.39
CA LYS C 302 -45.88 2.23 2.31
C LYS C 302 -47.07 1.45 2.76
N ASN C 303 -47.77 1.92 3.75
CA ASN C 303 -48.86 1.03 4.11
C ASN C 303 -49.79 0.96 2.94
N VAL C 304 -49.80 1.95 2.09
CA VAL C 304 -50.85 1.84 1.06
C VAL C 304 -50.51 0.77 0.05
N VAL C 305 -49.28 0.74 -0.39
CA VAL C 305 -48.86 -0.26 -1.37
C VAL C 305 -49.04 -1.58 -0.68
N ARG C 306 -48.82 -1.65 0.60
CA ARG C 306 -48.86 -3.00 1.15
C ARG C 306 -50.26 -3.51 1.05
N SER C 307 -51.16 -2.65 1.52
CA SER C 307 -52.60 -3.02 1.57
C SER C 307 -53.05 -3.47 0.18
N ARG C 308 -52.49 -2.89 -0.88
CA ARG C 308 -53.01 -3.39 -2.14
C ARG C 308 -52.44 -4.77 -2.39
N VAL C 309 -51.19 -5.05 -2.06
CA VAL C 309 -50.65 -6.37 -2.49
C VAL C 309 -51.32 -7.51 -1.78
N LEU C 310 -51.56 -7.40 -0.49
CA LEU C 310 -52.12 -8.60 0.14
C LEU C 310 -53.46 -8.84 -0.48
N ALA C 311 -54.23 -7.82 -0.75
CA ALA C 311 -55.58 -8.16 -1.23
C ALA C 311 -55.49 -8.90 -2.54
N GLY C 312 -54.66 -8.38 -3.42
CA GLY C 312 -54.63 -8.99 -4.76
C GLY C 312 -54.79 -8.03 -5.93
N GLU C 313 -54.15 -6.89 -5.91
CA GLU C 313 -54.36 -6.04 -7.07
C GLU C 313 -53.00 -5.73 -7.65
N PRO C 314 -52.88 -5.18 -8.85
CA PRO C 314 -51.60 -5.03 -9.42
C PRO C 314 -50.57 -4.36 -8.52
N ARG C 315 -49.33 -4.47 -8.91
CA ARG C 315 -48.27 -3.89 -8.09
C ARG C 315 -47.95 -2.51 -8.61
N ILE C 316 -47.05 -1.85 -7.95
CA ILE C 316 -46.80 -0.46 -8.34
C ILE C 316 -46.39 -0.36 -9.79
N ASP C 317 -45.93 -1.39 -10.46
CA ASP C 317 -45.47 -1.14 -11.86
C ASP C 317 -46.35 -1.77 -12.89
N GLY C 318 -47.47 -2.27 -12.49
CA GLY C 318 -48.43 -2.78 -13.47
C GLY C 318 -48.38 -4.25 -13.55
N ARG C 319 -47.31 -4.90 -13.10
CA ARG C 319 -47.32 -6.38 -13.24
C ARG C 319 -48.14 -7.05 -12.13
N GLU C 320 -48.29 -8.37 -12.20
CA GLU C 320 -49.01 -9.15 -11.18
C GLU C 320 -48.10 -9.80 -10.15
N LYS C 321 -48.49 -10.96 -9.62
CA LYS C 321 -47.67 -11.54 -8.52
C LYS C 321 -46.63 -12.44 -9.16
N ASP C 322 -46.72 -12.69 -10.46
CA ASP C 322 -45.85 -13.69 -11.09
C ASP C 322 -45.61 -13.27 -12.51
N MET C 323 -44.71 -12.34 -12.73
CA MET C 323 -44.35 -12.03 -14.09
C MET C 323 -43.01 -11.40 -14.01
N ILE C 324 -41.96 -12.04 -14.45
CA ILE C 324 -40.66 -11.36 -14.40
C ILE C 324 -40.78 -10.28 -15.44
N ARG C 325 -40.03 -9.18 -15.37
CA ARG C 325 -40.25 -8.04 -16.27
C ARG C 325 -39.70 -8.44 -17.58
N GLY C 326 -39.63 -7.61 -18.58
CA GLY C 326 -39.22 -8.12 -19.91
C GLY C 326 -37.74 -8.25 -20.05
N LEU C 327 -37.23 -9.19 -20.83
CA LEU C 327 -35.80 -9.36 -20.81
C LEU C 327 -35.31 -9.21 -22.21
N ASP C 328 -34.06 -8.75 -22.41
CA ASP C 328 -33.43 -8.61 -23.74
C ASP C 328 -31.94 -8.92 -23.56
N VAL C 329 -31.40 -9.90 -24.29
CA VAL C 329 -30.02 -10.32 -24.09
C VAL C 329 -29.24 -10.15 -25.36
N ARG C 330 -28.08 -9.53 -25.42
CA ARG C 330 -27.37 -9.45 -26.68
C ARG C 330 -25.98 -9.97 -26.45
N THR C 331 -25.23 -10.46 -27.41
CA THR C 331 -23.82 -10.87 -27.15
C THR C 331 -22.77 -10.25 -28.11
N GLY C 332 -21.46 -10.33 -27.88
CA GLY C 332 -20.38 -9.75 -28.70
C GLY C 332 -20.49 -8.24 -28.78
N VAL C 333 -21.03 -7.59 -27.75
CA VAL C 333 -21.37 -6.14 -27.72
C VAL C 333 -20.08 -5.29 -27.75
N LEU C 334 -18.96 -5.77 -27.23
CA LEU C 334 -17.66 -5.04 -27.28
C LEU C 334 -16.71 -5.70 -28.27
N PRO C 335 -16.00 -4.93 -29.13
CA PRO C 335 -14.94 -5.50 -29.95
C PRO C 335 -13.68 -5.77 -29.10
N ARG C 336 -12.92 -6.81 -29.50
CA ARG C 336 -11.57 -7.13 -28.97
C ARG C 336 -11.57 -7.32 -27.43
N THR C 337 -12.61 -8.00 -26.92
CA THR C 337 -12.63 -8.65 -25.58
C THR C 337 -12.91 -10.14 -25.78
N HIS C 338 -12.33 -11.00 -24.93
CA HIS C 338 -12.49 -12.47 -25.09
C HIS C 338 -13.96 -12.80 -25.36
N GLY C 339 -14.85 -12.41 -24.46
CA GLY C 339 -16.30 -12.59 -24.72
C GLY C 339 -17.13 -11.72 -23.82
N SER C 340 -18.25 -11.19 -24.31
CA SER C 340 -18.94 -10.05 -23.67
C SER C 340 -20.43 -10.02 -23.98
N ALA C 341 -21.25 -9.52 -23.07
CA ALA C 341 -22.72 -9.55 -23.21
C ALA C 341 -23.37 -8.43 -22.41
N LEU C 342 -24.49 -7.91 -22.91
CA LEU C 342 -25.37 -6.98 -22.17
C LEU C 342 -26.67 -7.73 -21.84
N PHE C 343 -26.98 -7.88 -20.56
CA PHE C 343 -28.26 -8.46 -20.08
C PHE C 343 -29.13 -7.34 -19.53
N THR C 344 -30.40 -7.29 -19.94
CA THR C 344 -31.35 -6.24 -19.51
C THR C 344 -32.65 -6.87 -19.00
N ARG C 345 -32.96 -6.60 -17.74
CA ARG C 345 -34.19 -7.17 -17.11
C ARG C 345 -35.00 -5.98 -16.62
N GLY C 346 -35.95 -5.51 -17.42
CA GLY C 346 -36.65 -4.33 -16.98
C GLY C 346 -35.80 -3.17 -17.09
N GLU C 347 -35.30 -2.66 -15.96
CA GLU C 347 -34.42 -1.46 -15.97
C GLU C 347 -33.16 -1.83 -15.20
N THR C 348 -32.75 -3.11 -15.26
CA THR C 348 -31.61 -3.51 -14.44
C THR C 348 -30.58 -4.03 -15.39
N GLN C 349 -29.65 -3.23 -15.83
CA GLN C 349 -28.70 -3.73 -16.84
C GLN C 349 -27.37 -4.13 -16.21
N ALA C 350 -26.77 -5.18 -16.74
CA ALA C 350 -25.35 -5.53 -16.45
C ALA C 350 -24.62 -5.68 -17.79
N LEU C 351 -23.49 -5.00 -17.96
CA LEU C 351 -22.53 -5.28 -19.05
C LEU C 351 -21.46 -6.19 -18.46
N VAL C 352 -21.27 -7.38 -19.03
CA VAL C 352 -20.38 -8.42 -18.45
C VAL C 352 -19.35 -8.86 -19.49
N THR C 353 -18.11 -9.08 -19.07
CA THR C 353 -17.00 -9.50 -19.96
C THR C 353 -16.18 -10.59 -19.30
N ALA C 354 -15.69 -11.53 -20.09
CA ALA C 354 -14.81 -12.64 -19.67
C ALA C 354 -13.41 -12.42 -20.25
N THR C 355 -12.38 -12.87 -19.53
CA THR C 355 -10.96 -12.76 -19.96
C THR C 355 -10.25 -14.06 -19.59
N LEU C 356 -9.40 -14.56 -20.48
CA LEU C 356 -8.66 -15.82 -20.32
C LEU C 356 -7.20 -15.48 -19.99
N GLY C 357 -6.66 -16.07 -18.93
CA GLY C 357 -5.23 -16.00 -18.56
C GLY C 357 -4.57 -17.36 -18.63
N THR C 358 -3.24 -17.38 -18.67
CA THR C 358 -2.43 -18.61 -18.53
C THR C 358 -2.49 -19.05 -17.06
N ALA C 359 -2.02 -20.25 -16.73
CA ALA C 359 -1.93 -20.77 -15.35
C ALA C 359 -1.15 -19.79 -14.44
N ARG C 360 -0.23 -19.01 -15.03
CA ARG C 360 0.65 -18.06 -14.29
C ARG C 360 -0.18 -16.90 -13.72
N ASP C 361 -1.36 -16.59 -14.25
CA ASP C 361 -2.17 -15.38 -13.90
C ASP C 361 -3.12 -15.66 -12.71
N ALA C 362 -3.21 -16.91 -12.23
CA ALA C 362 -4.06 -17.35 -11.10
C ALA C 362 -3.71 -16.56 -9.84
N GLN C 363 -4.73 -16.18 -9.08
CA GLN C 363 -4.52 -15.47 -7.79
C GLN C 363 -4.21 -16.49 -6.68
N VAL C 364 -3.15 -16.24 -5.91
CA VAL C 364 -2.72 -17.15 -4.80
C VAL C 364 -2.74 -16.32 -3.50
N LEU C 365 -3.35 -16.89 -2.45
CA LEU C 365 -3.82 -16.10 -1.28
C LEU C 365 -3.57 -16.84 0.03
N ASP C 366 -3.14 -16.11 1.04
CA ASP C 366 -2.89 -16.59 2.43
C ASP C 366 -4.16 -16.43 3.27
N GLU C 367 -4.69 -17.52 3.83
CA GLU C 367 -5.81 -17.44 4.81
C GLU C 367 -5.56 -18.41 5.97
N LEU C 368 -6.11 -18.10 7.13
CA LEU C 368 -5.82 -18.83 8.41
C LEU C 368 -6.25 -20.29 8.27
N MET C 369 -7.37 -20.55 7.58
CA MET C 369 -7.92 -21.93 7.40
C MET C 369 -7.14 -22.70 6.33
N GLY C 370 -6.23 -22.05 5.60
CA GLY C 370 -5.31 -22.70 4.64
C GLY C 370 -5.20 -21.93 3.34
N GLU C 371 -3.97 -21.78 2.83
CA GLU C 371 -3.66 -20.93 1.65
C GLU C 371 -4.30 -21.55 0.41
N ARG C 372 -4.68 -20.74 -0.58
CA ARG C 372 -5.51 -21.21 -1.72
C ARG C 372 -5.12 -20.53 -3.02
N THR C 373 -5.39 -21.20 -4.13
CA THR C 373 -5.18 -20.71 -5.51
C THR C 373 -6.53 -20.74 -6.24
N ASP C 374 -6.99 -19.58 -6.70
CA ASP C 374 -8.27 -19.43 -7.43
C ASP C 374 -8.02 -19.23 -8.93
N THR C 375 -8.54 -20.14 -9.75
CA THR C 375 -8.45 -20.09 -11.22
C THR C 375 -9.70 -19.42 -11.80
N PHE C 376 -10.76 -19.24 -11.00
CA PHE C 376 -11.97 -18.46 -11.37
C PHE C 376 -12.04 -17.20 -10.49
N LEU C 377 -12.17 -16.04 -11.12
CA LEU C 377 -12.13 -14.71 -10.49
C LEU C 377 -13.36 -13.91 -10.94
N PHE C 378 -14.06 -13.26 -9.99
CA PHE C 378 -15.27 -12.46 -10.27
C PHE C 378 -15.13 -11.07 -9.66
N HIS C 379 -15.44 -10.03 -10.43
CA HIS C 379 -15.39 -8.61 -9.98
C HIS C 379 -16.68 -7.89 -10.37
N TYR C 380 -17.16 -7.05 -9.46
CA TYR C 380 -18.49 -6.40 -9.54
C TYR C 380 -18.28 -4.90 -9.34
N ASN C 381 -18.71 -4.07 -10.30
CA ASN C 381 -18.52 -2.58 -10.24
C ASN C 381 -19.88 -1.89 -10.34
N PHE C 382 -20.13 -0.89 -9.49
CA PHE C 382 -21.46 -0.27 -9.29
C PHE C 382 -21.29 1.25 -9.31
N PRO C 383 -21.02 1.87 -10.49
CA PRO C 383 -20.68 3.29 -10.56
C PRO C 383 -21.91 4.15 -10.27
N PRO C 384 -21.77 5.39 -9.75
CA PRO C 384 -22.91 6.13 -9.22
C PRO C 384 -24.00 6.49 -10.25
N TYR C 385 -23.63 6.66 -11.53
CA TYR C 385 -24.59 7.02 -12.61
C TYR C 385 -25.64 5.90 -12.80
N SER C 386 -25.30 4.67 -12.43
CA SER C 386 -26.22 3.51 -12.51
C SER C 386 -27.53 3.79 -11.79
N VAL C 387 -27.52 4.52 -10.67
CA VAL C 387 -28.74 4.82 -9.87
C VAL C 387 -29.24 6.26 -10.15
N GLY C 388 -28.56 7.00 -11.02
CA GLY C 388 -28.98 8.33 -11.48
C GLY C 388 -28.53 9.42 -10.51
N GLU C 389 -27.44 9.14 -9.77
CA GLU C 389 -26.90 10.10 -8.76
C GLU C 389 -25.43 10.39 -9.04
N THR C 390 -24.96 11.55 -8.56
CA THR C 390 -23.52 11.94 -8.53
C THR C 390 -22.87 11.32 -7.29
N GLY C 391 -21.54 11.26 -7.27
CA GLY C 391 -20.74 10.93 -6.07
C GLY C 391 -19.37 10.34 -6.40
N MET C 392 -18.83 9.45 -5.59
CA MET C 392 -17.45 9.04 -5.90
C MET C 392 -17.46 7.69 -6.48
N VAL C 393 -16.42 7.38 -7.24
CA VAL C 393 -16.36 6.10 -7.96
C VAL C 393 -15.17 5.46 -7.35
N GLY C 394 -15.28 4.21 -6.95
CA GLY C 394 -14.19 3.52 -6.23
C GLY C 394 -14.68 3.12 -4.87
N SER C 395 -15.95 3.42 -4.60
CA SER C 395 -16.55 3.09 -3.29
C SER C 395 -17.17 1.72 -3.42
N PRO C 396 -16.62 0.64 -2.78
CA PRO C 396 -17.21 -0.68 -2.81
C PRO C 396 -17.99 -0.81 -1.50
N LYS C 397 -19.29 -0.62 -1.54
CA LYS C 397 -20.05 -0.89 -0.31
C LYS C 397 -20.19 -2.42 -0.35
N ARG C 398 -20.42 -3.19 0.74
CA ARG C 398 -20.48 -4.68 0.66
C ARG C 398 -21.64 -5.04 -0.22
N ARG C 399 -22.42 -4.01 -0.57
CA ARG C 399 -23.43 -4.27 -1.60
C ARG C 399 -22.54 -4.84 -2.70
N GLU C 400 -21.39 -4.21 -2.98
CA GLU C 400 -20.42 -4.75 -3.98
C GLU C 400 -19.86 -6.11 -3.54
N ILE C 401 -19.39 -6.29 -2.29
CA ILE C 401 -18.82 -7.63 -2.01
C ILE C 401 -19.93 -8.65 -1.83
N GLY C 402 -21.08 -8.22 -1.41
CA GLY C 402 -22.16 -9.17 -1.39
C GLY C 402 -22.36 -9.59 -2.81
N HIS C 403 -22.37 -8.68 -3.73
CA HIS C 403 -22.69 -9.15 -5.07
C HIS C 403 -21.62 -10.05 -5.57
N GLY C 404 -20.37 -9.58 -5.42
CA GLY C 404 -19.22 -10.35 -5.95
C GLY C 404 -19.25 -11.78 -5.49
N ARG C 405 -19.65 -12.00 -4.24
CA ARG C 405 -19.69 -13.38 -3.68
C ARG C 405 -20.95 -14.10 -4.19
N LEU C 406 -22.12 -13.46 -4.15
CA LEU C 406 -23.31 -14.21 -4.57
C LEU C 406 -23.14 -14.61 -5.98
N ALA C 407 -22.77 -13.67 -6.86
CA ALA C 407 -22.69 -13.99 -8.31
C ALA C 407 -21.67 -15.11 -8.57
N LYS C 408 -20.50 -15.07 -7.92
CA LYS C 408 -19.42 -16.07 -8.09
C LYS C 408 -19.94 -17.45 -7.70
N ARG C 409 -20.65 -17.58 -6.57
CA ARG C 409 -21.20 -18.87 -6.08
C ARG C 409 -22.21 -19.42 -7.11
N GLY C 410 -22.98 -18.54 -7.75
CA GLY C 410 -23.99 -18.89 -8.76
C GLY C 410 -23.40 -19.59 -9.97
N VAL C 411 -22.26 -19.12 -10.45
CA VAL C 411 -21.61 -19.59 -11.71
C VAL C 411 -20.59 -20.70 -11.40
N LEU C 412 -19.93 -20.67 -10.23
CA LEU C 412 -18.80 -21.59 -9.89
C LEU C 412 -19.24 -23.06 -10.04
N ALA C 413 -20.51 -23.37 -9.77
CA ALA C 413 -21.07 -24.74 -9.77
C ALA C 413 -21.03 -25.36 -11.18
N VAL C 414 -21.05 -24.54 -12.24
CA VAL C 414 -21.26 -25.00 -13.64
C VAL C 414 -19.96 -24.84 -14.47
N MET C 415 -18.87 -24.34 -13.85
CA MET C 415 -17.57 -24.10 -14.53
C MET C 415 -16.93 -25.42 -14.94
N PRO C 416 -16.15 -25.45 -16.04
CA PRO C 416 -15.37 -26.63 -16.41
C PRO C 416 -14.23 -26.89 -15.43
N ASP C 417 -13.86 -28.16 -15.26
CA ASP C 417 -12.70 -28.61 -14.46
C ASP C 417 -11.40 -28.28 -15.20
N MET C 418 -10.32 -28.03 -14.47
CA MET C 418 -9.01 -27.52 -14.97
C MET C 418 -8.39 -28.48 -16.00
N ASP C 419 -8.67 -29.78 -15.92
CA ASP C 419 -8.10 -30.78 -16.87
C ASP C 419 -8.81 -30.70 -18.23
N LYS C 420 -10.06 -30.23 -18.28
CA LYS C 420 -10.78 -30.01 -19.56
C LYS C 420 -10.41 -28.64 -20.13
N PHE C 421 -10.24 -27.63 -19.28
CA PHE C 421 -10.02 -26.22 -19.68
C PHE C 421 -8.83 -25.65 -18.91
N PRO C 422 -7.64 -25.53 -19.55
CA PRO C 422 -6.41 -25.19 -18.83
C PRO C 422 -6.30 -23.73 -18.34
N TYR C 423 -7.09 -22.81 -18.91
CA TYR C 423 -6.94 -21.34 -18.67
C TYR C 423 -7.55 -20.91 -17.33
N THR C 424 -6.97 -19.87 -16.71
CA THR C 424 -7.61 -19.08 -15.63
C THR C 424 -8.66 -18.17 -16.29
N VAL C 425 -9.78 -17.92 -15.62
CA VAL C 425 -10.86 -17.08 -16.20
C VAL C 425 -11.25 -15.99 -15.20
N ARG C 426 -11.28 -14.75 -15.65
CA ARG C 426 -11.81 -13.60 -14.87
C ARG C 426 -13.09 -13.09 -15.56
N VAL C 427 -14.17 -12.91 -14.80
CA VAL C 427 -15.39 -12.24 -15.33
C VAL C 427 -15.58 -10.95 -14.54
N VAL C 428 -15.87 -9.84 -15.24
CA VAL C 428 -16.17 -8.54 -14.62
C VAL C 428 -17.54 -8.06 -15.10
N SER C 429 -18.38 -7.65 -14.16
CA SER C 429 -19.75 -7.14 -14.45
C SER C 429 -19.87 -5.69 -13.98
N GLU C 430 -20.15 -4.76 -14.90
CA GLU C 430 -20.38 -3.33 -14.54
C GLU C 430 -21.86 -3.01 -14.73
N ILE C 431 -22.49 -2.54 -13.66
CA ILE C 431 -23.96 -2.28 -13.60
C ILE C 431 -24.20 -0.89 -14.19
N THR C 432 -24.50 -0.83 -15.48
CA THR C 432 -24.71 0.42 -16.25
C THR C 432 -25.97 1.12 -15.76
N GLU C 433 -26.99 0.39 -15.31
CA GLU C 433 -28.15 0.99 -14.59
C GLU C 433 -28.79 -0.04 -13.67
N SER C 434 -29.42 0.43 -12.59
CA SER C 434 -29.93 -0.54 -11.58
C SER C 434 -31.25 -0.10 -10.94
N ASN C 435 -32.40 -0.43 -11.53
CA ASN C 435 -33.70 -0.19 -10.86
C ASN C 435 -34.17 -1.58 -10.42
N GLY C 436 -33.96 -1.93 -9.15
CA GLY C 436 -34.21 -3.34 -8.76
C GLY C 436 -32.90 -4.08 -8.53
N SER C 437 -32.96 -5.35 -8.11
CA SER C 437 -31.72 -6.11 -7.78
C SER C 437 -30.87 -6.29 -9.04
N SER C 438 -29.55 -6.13 -8.92
CA SER C 438 -28.66 -6.21 -10.11
C SER C 438 -27.64 -7.35 -9.96
N SER C 439 -27.51 -7.91 -8.76
CA SER C 439 -26.57 -9.05 -8.53
C SER C 439 -26.96 -10.22 -9.45
N MET C 440 -28.24 -10.52 -9.54
CA MET C 440 -28.75 -11.67 -10.34
C MET C 440 -28.60 -11.38 -11.84
N ALA C 441 -28.68 -10.12 -12.27
CA ALA C 441 -28.44 -9.73 -13.68
C ALA C 441 -26.99 -10.04 -14.04
N SER C 442 -26.05 -9.96 -13.09
CA SER C 442 -24.62 -10.30 -13.35
C SER C 442 -24.45 -11.82 -13.50
N VAL C 443 -25.21 -12.66 -12.79
CA VAL C 443 -25.15 -14.14 -12.95
C VAL C 443 -25.58 -14.48 -14.39
N CYS C 444 -26.71 -13.94 -14.83
CA CYS C 444 -27.26 -14.17 -16.20
C CYS C 444 -26.26 -13.68 -17.25
N GLY C 445 -25.74 -12.46 -17.08
CA GLY C 445 -24.73 -11.85 -17.97
C GLY C 445 -23.44 -12.65 -18.02
N ALA C 446 -23.00 -13.20 -16.88
CA ALA C 446 -21.77 -14.02 -16.80
C ALA C 446 -21.93 -15.29 -17.63
N SER C 447 -23.07 -15.98 -17.51
CA SER C 447 -23.37 -17.22 -18.28
C SER C 447 -23.28 -16.94 -19.78
N LEU C 448 -23.81 -15.80 -20.24
CA LEU C 448 -23.76 -15.35 -21.66
C LEU C 448 -22.30 -15.07 -22.06
N ALA C 449 -21.58 -14.27 -21.25
CA ALA C 449 -20.19 -13.83 -21.53
C ALA C 449 -19.27 -15.06 -21.67
N LEU C 450 -19.44 -16.05 -20.79
CA LEU C 450 -18.61 -17.30 -20.79
C LEU C 450 -18.91 -18.13 -22.03
N MET C 451 -20.19 -18.30 -22.40
CA MET C 451 -20.57 -19.04 -23.64
C MET C 451 -19.99 -18.34 -24.88
N ASP C 452 -20.04 -16.99 -24.91
CA ASP C 452 -19.51 -16.19 -26.04
C ASP C 452 -17.99 -16.39 -26.17
N ALA C 453 -17.28 -16.36 -25.04
CA ALA C 453 -15.80 -16.57 -24.98
C ALA C 453 -15.44 -18.00 -25.42
N GLY C 454 -16.40 -18.94 -25.33
CA GLY C 454 -16.20 -20.35 -25.72
C GLY C 454 -15.62 -21.18 -24.58
N VAL C 455 -15.82 -20.74 -23.33
CA VAL C 455 -15.51 -21.54 -22.11
C VAL C 455 -16.54 -22.68 -22.08
N PRO C 456 -16.14 -23.97 -21.95
CA PRO C 456 -17.13 -25.06 -21.96
C PRO C 456 -17.87 -25.23 -20.62
N ILE C 457 -18.68 -24.24 -20.25
CA ILE C 457 -19.58 -24.30 -19.06
C ILE C 457 -20.61 -25.43 -19.29
N LYS C 458 -20.91 -26.21 -18.27
CA LYS C 458 -21.76 -27.42 -18.34
C LYS C 458 -23.23 -27.16 -18.53
N ALA C 459 -23.72 -25.99 -18.33
CA ALA C 459 -25.09 -25.49 -18.65
C ALA C 459 -25.17 -23.99 -18.38
N ALA C 460 -26.17 -23.32 -18.95
CA ALA C 460 -26.47 -21.89 -18.69
C ALA C 460 -27.00 -21.73 -17.27
N VAL C 461 -26.71 -20.59 -16.62
CA VAL C 461 -27.19 -20.32 -15.23
C VAL C 461 -27.78 -18.91 -15.17
N ALA C 462 -28.96 -18.78 -14.60
CA ALA C 462 -29.71 -17.52 -14.43
C ALA C 462 -30.23 -17.41 -13.00
N GLY C 463 -30.63 -16.22 -12.57
CA GLY C 463 -31.01 -15.93 -11.16
C GLY C 463 -32.24 -15.05 -11.08
N ILE C 464 -32.99 -15.16 -9.98
CA ILE C 464 -34.24 -14.37 -9.77
C ILE C 464 -34.24 -13.79 -8.35
N ALA C 465 -34.72 -12.55 -8.22
CA ALA C 465 -34.86 -11.84 -6.93
C ALA C 465 -36.34 -11.89 -6.50
N MET C 466 -36.61 -12.51 -5.36
CA MET C 466 -37.98 -12.84 -4.91
C MET C 466 -38.25 -12.13 -3.58
N GLY C 467 -39.54 -11.90 -3.30
CA GLY C 467 -40.03 -11.34 -2.03
C GLY C 467 -41.33 -12.00 -1.63
N LEU C 468 -41.63 -11.98 -0.34
CA LEU C 468 -42.89 -12.55 0.21
C LEU C 468 -43.47 -11.55 1.21
N VAL C 469 -44.74 -11.22 1.02
CA VAL C 469 -45.51 -10.28 1.88
C VAL C 469 -46.47 -11.13 2.70
N LYS C 470 -46.47 -10.97 4.02
CA LYS C 470 -47.36 -11.75 4.91
C LYS C 470 -48.03 -10.80 5.92
N GLU C 471 -49.34 -11.00 6.13
CA GLU C 471 -50.17 -10.22 7.08
C GLU C 471 -51.26 -11.14 7.65
N GLY C 472 -51.24 -11.35 8.98
CA GLY C 472 -51.94 -12.46 9.65
C GLY C 472 -51.58 -13.79 9.02
N ASP C 473 -52.60 -14.55 8.60
CA ASP C 473 -52.42 -15.89 7.96
C ASP C 473 -52.24 -15.74 6.45
N ASN C 474 -52.57 -14.58 5.88
CA ASN C 474 -52.60 -14.33 4.41
C ASN C 474 -51.20 -13.93 3.93
N TYR C 475 -50.76 -14.45 2.78
CA TYR C 475 -49.45 -14.12 2.18
C TYR C 475 -49.52 -14.12 0.65
N VAL C 476 -48.57 -13.43 -0.01
CA VAL C 476 -48.50 -13.39 -1.51
C VAL C 476 -47.01 -13.37 -1.90
N VAL C 477 -46.59 -14.10 -2.96
CA VAL C 477 -45.14 -14.16 -3.32
C VAL C 477 -44.82 -13.41 -4.59
N LEU C 478 -43.90 -12.48 -4.64
CA LEU C 478 -43.59 -11.52 -5.74
C LEU C 478 -42.44 -12.09 -6.57
N SER C 479 -42.63 -12.22 -7.89
CA SER C 479 -41.61 -12.84 -8.78
C SER C 479 -40.37 -11.95 -8.97
N ASP C 480 -40.56 -10.71 -9.42
CA ASP C 480 -39.41 -9.81 -9.68
C ASP C 480 -39.58 -8.56 -8.81
N ILE C 481 -38.68 -8.35 -7.85
CA ILE C 481 -38.86 -7.22 -6.88
C ILE C 481 -38.04 -6.00 -7.30
N LEU C 482 -38.64 -4.81 -7.25
CA LEU C 482 -37.93 -3.58 -7.53
C LEU C 482 -37.17 -2.97 -6.35
N GLY C 483 -36.19 -2.10 -6.60
CA GLY C 483 -35.34 -1.46 -5.60
C GLY C 483 -36.12 -0.60 -4.61
N ASP C 484 -37.43 -0.43 -4.79
CA ASP C 484 -38.28 0.32 -3.82
C ASP C 484 -39.57 -0.44 -3.50
N GLU C 485 -39.52 -1.75 -3.72
CA GLU C 485 -40.61 -2.60 -3.20
C GLU C 485 -39.92 -3.32 -2.02
N ASP C 486 -38.73 -2.83 -1.61
CA ASP C 486 -37.97 -3.43 -0.49
C ASP C 486 -38.87 -3.51 0.76
N HIS C 487 -39.68 -2.47 0.97
CA HIS C 487 -40.53 -2.36 2.18
C HIS C 487 -41.54 -3.52 2.20
N LEU C 488 -42.07 -3.89 1.02
CA LEU C 488 -43.08 -4.97 0.92
C LEU C 488 -42.49 -6.30 1.41
N GLY C 489 -41.23 -6.59 1.08
CA GLY C 489 -40.63 -7.90 1.37
C GLY C 489 -40.46 -8.14 2.87
N ASP C 490 -41.04 -9.21 3.41
CA ASP C 490 -40.82 -9.64 4.82
C ASP C 490 -39.78 -10.75 4.80
N MET C 491 -39.86 -11.63 3.81
CA MET C 491 -38.78 -12.59 3.49
C MET C 491 -38.43 -12.35 2.03
N ASP C 492 -37.17 -12.12 1.70
CA ASP C 492 -36.74 -11.97 0.28
C ASP C 492 -35.61 -12.98 0.08
N PHE C 493 -35.65 -13.74 -0.98
CA PHE C 493 -34.69 -14.83 -1.25
C PHE C 493 -34.20 -14.67 -2.69
N LYS C 494 -32.91 -14.89 -2.91
CA LYS C 494 -32.32 -14.85 -4.27
C LYS C 494 -31.91 -16.26 -4.62
N VAL C 495 -32.34 -16.80 -5.75
CA VAL C 495 -32.02 -18.20 -6.13
C VAL C 495 -31.51 -18.23 -7.56
N ALA C 496 -30.45 -18.99 -7.79
CA ALA C 496 -29.75 -19.05 -9.08
C ALA C 496 -29.46 -20.52 -9.39
N GLY C 497 -29.55 -20.90 -10.67
CA GLY C 497 -29.20 -22.26 -11.11
C GLY C 497 -29.49 -22.50 -12.58
N SER C 498 -29.31 -23.74 -13.00
CA SER C 498 -29.61 -24.22 -14.37
C SER C 498 -31.07 -24.65 -14.46
N ARG C 499 -31.46 -25.21 -15.60
CA ARG C 499 -32.84 -25.72 -15.81
C ARG C 499 -33.12 -26.88 -14.85
N ASP C 500 -32.09 -27.50 -14.26
CA ASP C 500 -32.26 -28.78 -13.51
C ASP C 500 -31.44 -28.81 -12.21
N GLY C 501 -31.48 -27.72 -11.43
CA GLY C 501 -30.91 -27.66 -10.06
C GLY C 501 -30.48 -26.26 -9.65
N ILE C 502 -30.53 -25.96 -8.35
CA ILE C 502 -30.07 -24.69 -7.72
C ILE C 502 -28.54 -24.75 -7.56
N SER C 503 -27.84 -23.65 -7.85
CA SER C 503 -26.39 -23.50 -7.66
C SER C 503 -26.10 -22.60 -6.47
N ALA C 504 -26.92 -21.59 -6.19
CA ALA C 504 -26.76 -20.72 -4.99
C ALA C 504 -28.14 -20.28 -4.47
N LEU C 505 -28.23 -20.06 -3.15
CA LEU C 505 -29.48 -19.66 -2.47
C LEU C 505 -29.14 -18.72 -1.32
N GLN C 506 -29.80 -17.58 -1.24
CA GLN C 506 -29.65 -16.60 -0.16
C GLN C 506 -31.06 -16.23 0.31
N MET C 507 -31.28 -16.13 1.62
CA MET C 507 -32.59 -15.78 2.21
C MET C 507 -32.37 -14.92 3.46
N ASP C 508 -33.24 -13.94 3.67
CA ASP C 508 -33.31 -13.13 4.91
C ASP C 508 -34.79 -13.01 5.33
N ILE C 509 -35.09 -13.41 6.58
CA ILE C 509 -36.48 -13.47 7.10
C ILE C 509 -36.60 -12.49 8.26
N LYS C 510 -37.33 -11.40 8.08
CA LYS C 510 -37.37 -10.27 9.06
C LYS C 510 -38.57 -10.42 10.00
N ILE C 511 -39.54 -11.27 9.66
CA ILE C 511 -40.85 -11.39 10.37
C ILE C 511 -41.10 -12.87 10.70
N GLU C 512 -41.52 -13.15 11.94
CA GLU C 512 -41.66 -14.52 12.48
C GLU C 512 -42.91 -15.20 11.89
N GLY C 513 -42.95 -16.54 11.93
CA GLY C 513 -44.12 -17.35 11.55
C GLY C 513 -44.07 -17.85 10.11
N ILE C 514 -42.91 -17.78 9.48
CA ILE C 514 -42.59 -18.55 8.24
C ILE C 514 -42.50 -20.03 8.65
N THR C 515 -43.02 -20.91 7.82
CA THR C 515 -42.94 -22.39 8.01
C THR C 515 -42.44 -23.06 6.72
N LYS C 516 -42.07 -24.33 6.83
CA LYS C 516 -41.49 -25.13 5.71
C LYS C 516 -42.45 -25.15 4.52
N GLU C 517 -43.76 -25.19 4.77
CA GLU C 517 -44.83 -25.19 3.72
C GLU C 517 -44.73 -23.90 2.90
N ILE C 518 -44.55 -22.75 3.56
CA ILE C 518 -44.49 -21.42 2.88
C ILE C 518 -43.20 -21.34 2.06
N MET C 519 -42.08 -21.81 2.61
CA MET C 519 -40.76 -21.80 1.91
C MET C 519 -40.85 -22.72 0.68
N GLN C 520 -41.57 -23.85 0.79
CA GLN C 520 -41.74 -24.84 -0.31
C GLN C 520 -42.41 -24.16 -1.50
N VAL C 521 -43.54 -23.46 -1.28
CA VAL C 521 -44.31 -22.82 -2.40
C VAL C 521 -43.54 -21.60 -2.91
N ALA C 522 -42.79 -20.91 -2.05
CA ALA C 522 -41.98 -19.72 -2.42
C ALA C 522 -40.91 -20.12 -3.45
N LEU C 523 -40.14 -21.18 -3.16
CA LEU C 523 -39.09 -21.68 -4.09
C LEU C 523 -39.73 -22.26 -5.36
N ASN C 524 -40.89 -22.94 -5.25
CA ASN C 524 -41.61 -23.52 -6.42
C ASN C 524 -42.03 -22.41 -7.39
N GLN C 525 -42.40 -21.22 -6.89
CA GLN C 525 -42.73 -20.09 -7.80
C GLN C 525 -41.44 -19.55 -8.42
N ALA C 526 -40.38 -19.41 -7.63
CA ALA C 526 -39.07 -18.89 -8.12
C ALA C 526 -38.58 -19.75 -9.30
N LYS C 527 -38.73 -21.07 -9.21
CA LYS C 527 -38.34 -22.06 -10.25
C LYS C 527 -39.03 -21.73 -11.58
N GLY C 528 -40.33 -21.42 -11.56
CA GLY C 528 -41.11 -21.06 -12.76
C GLY C 528 -40.52 -19.85 -13.47
N ALA C 529 -40.18 -18.80 -12.72
CA ALA C 529 -39.62 -17.53 -13.23
C ALA C 529 -38.21 -17.76 -13.75
N ARG C 530 -37.36 -18.45 -12.98
CA ARG C 530 -35.95 -18.74 -13.37
C ARG C 530 -35.93 -19.53 -14.68
N LEU C 531 -36.84 -20.49 -14.85
CA LEU C 531 -36.94 -21.35 -16.06
C LEU C 531 -37.37 -20.52 -17.27
N HIS C 532 -38.14 -19.44 -17.08
CA HIS C 532 -38.56 -18.50 -18.17
C HIS C 532 -37.32 -17.75 -18.68
N ILE C 533 -36.56 -17.12 -17.78
CA ILE C 533 -35.37 -16.27 -18.13
C ILE C 533 -34.37 -17.13 -18.91
N LEU C 534 -34.08 -18.33 -18.40
CA LEU C 534 -33.10 -19.27 -18.98
C LEU C 534 -33.55 -19.69 -20.38
N GLY C 535 -34.85 -19.66 -20.68
CA GLY C 535 -35.41 -19.90 -22.03
C GLY C 535 -35.01 -18.81 -23.02
N VAL C 536 -35.13 -17.54 -22.61
CA VAL C 536 -34.85 -16.36 -23.48
C VAL C 536 -33.33 -16.29 -23.71
N MET C 537 -32.52 -16.56 -22.67
CA MET C 537 -31.04 -16.60 -22.76
C MET C 537 -30.61 -17.69 -23.77
N GLU C 538 -31.24 -18.86 -23.74
CA GLU C 538 -30.89 -20.01 -24.62
C GLU C 538 -31.22 -19.64 -26.08
N GLN C 539 -32.29 -18.90 -26.32
CA GLN C 539 -32.70 -18.42 -27.67
C GLN C 539 -31.65 -17.46 -28.22
N ALA C 540 -31.02 -16.63 -27.38
CA ALA C 540 -29.97 -15.67 -27.80
C ALA C 540 -28.68 -16.43 -28.17
N ILE C 541 -28.27 -17.41 -27.34
CA ILE C 541 -27.04 -18.24 -27.57
C ILE C 541 -27.28 -19.66 -27.03
N ASN C 542 -27.23 -20.65 -27.92
CA ASN C 542 -27.68 -22.04 -27.66
C ASN C 542 -26.62 -22.77 -26.81
N ALA C 543 -25.34 -22.60 -27.14
CA ALA C 543 -24.21 -23.38 -26.56
C ALA C 543 -22.90 -22.62 -26.69
N PRO C 544 -21.98 -22.90 -25.71
CA PRO C 544 -20.66 -22.35 -25.72
C PRO C 544 -20.21 -22.43 -27.17
N ARG C 545 -19.63 -21.33 -27.61
CA ARG C 545 -19.25 -21.22 -28.99
C ARG C 545 -18.09 -22.15 -29.15
N GLY C 546 -17.57 -22.32 -30.34
CA GLY C 546 -16.57 -23.38 -30.51
C GLY C 546 -15.10 -23.04 -30.30
N ASP C 547 -14.75 -21.75 -30.26
CA ASP C 547 -13.30 -21.49 -30.24
C ASP C 547 -12.91 -20.34 -29.32
N ILE C 548 -11.62 -20.05 -29.30
CA ILE C 548 -11.10 -18.92 -28.48
C ILE C 548 -11.48 -17.63 -29.21
N SER C 549 -11.38 -16.47 -28.55
CA SER C 549 -11.82 -15.19 -29.16
C SER C 549 -10.99 -14.90 -30.42
N GLU C 550 -9.82 -15.55 -30.57
CA GLU C 550 -8.89 -15.30 -31.70
C GLU C 550 -8.16 -14.00 -31.34
N PHE C 551 -8.61 -13.33 -30.29
CA PHE C 551 -7.83 -12.19 -29.75
C PHE C 551 -7.43 -12.80 -28.42
N ALA C 552 -7.55 -14.13 -28.30
CA ALA C 552 -7.39 -14.81 -26.99
C ALA C 552 -6.44 -16.01 -27.03
N PRO C 553 -5.71 -16.31 -25.93
CA PRO C 553 -4.72 -17.37 -25.84
C PRO C 553 -5.01 -18.75 -26.43
N ARG C 554 -3.96 -19.39 -26.97
CA ARG C 554 -4.07 -20.77 -27.52
C ARG C 554 -2.87 -21.56 -26.98
N ILE C 555 -3.11 -22.68 -26.29
CA ILE C 555 -1.99 -23.40 -25.62
C ILE C 555 -1.51 -24.50 -26.57
N HIS C 556 -0.21 -24.52 -26.81
CA HIS C 556 0.52 -25.52 -27.65
C HIS C 556 1.53 -26.26 -26.77
N THR C 557 1.90 -27.48 -27.15
CA THR C 557 2.87 -28.30 -26.38
C THR C 557 3.80 -29.06 -27.33
N ILE C 558 5.11 -28.99 -27.09
CA ILE C 558 6.13 -29.83 -27.79
C ILE C 558 7.05 -30.33 -26.68
N LYS C 559 7.73 -31.46 -26.85
CA LYS C 559 8.71 -31.97 -25.85
C LYS C 559 10.09 -31.90 -26.49
N ILE C 560 11.08 -31.52 -25.69
CA ILE C 560 12.47 -31.21 -26.12
C ILE C 560 13.42 -32.10 -25.30
N ASN C 561 14.59 -32.43 -25.87
CA ASN C 561 15.57 -33.35 -25.22
C ASN C 561 16.03 -32.78 -23.86
N PRO C 562 15.79 -33.51 -22.72
CA PRO C 562 15.98 -32.96 -21.38
C PRO C 562 17.40 -32.50 -21.01
N ASP C 563 18.46 -32.99 -21.69
CA ASP C 563 19.87 -32.52 -21.53
C ASP C 563 19.99 -30.99 -21.72
N LYS C 564 19.08 -30.40 -22.49
CA LYS C 564 19.09 -28.95 -22.83
C LYS C 564 18.12 -28.16 -21.95
N ILE C 565 17.50 -28.71 -20.89
CA ILE C 565 16.29 -28.13 -20.25
C ILE C 565 16.57 -26.74 -19.64
N LYS C 566 17.75 -26.54 -19.06
CA LYS C 566 18.18 -25.26 -18.45
C LYS C 566 18.38 -24.17 -19.51
N ASP C 567 18.45 -24.47 -20.81
CA ASP C 567 18.64 -23.47 -21.90
C ASP C 567 17.43 -22.51 -22.04
N VAL C 568 16.27 -22.87 -21.47
CA VAL C 568 15.08 -21.97 -21.49
C VAL C 568 15.13 -21.09 -20.25
N ILE C 569 15.31 -21.71 -19.08
CA ILE C 569 15.36 -20.95 -17.79
C ILE C 569 16.55 -20.00 -17.80
N GLY C 570 17.71 -20.46 -18.28
CA GLY C 570 18.92 -19.62 -18.30
C GLY C 570 19.47 -19.40 -16.90
N LYS C 571 20.28 -18.36 -16.70
CA LYS C 571 20.78 -18.03 -15.34
C LYS C 571 20.10 -16.74 -14.88
N GLY C 572 19.38 -16.80 -13.75
CA GLY C 572 18.66 -15.62 -13.24
C GLY C 572 17.41 -15.33 -14.05
N GLY C 573 16.99 -16.27 -14.90
CA GLY C 573 15.81 -16.07 -15.77
C GLY C 573 16.13 -15.14 -16.93
N SER C 574 17.40 -14.88 -17.19
CA SER C 574 17.79 -13.93 -18.27
C SER C 574 17.35 -14.44 -19.64
N VAL C 575 17.56 -15.73 -19.91
CA VAL C 575 17.13 -16.32 -21.22
C VAL C 575 15.61 -16.27 -21.33
N ILE C 576 14.88 -16.58 -20.25
CA ILE C 576 13.40 -16.46 -20.27
C ILE C 576 13.06 -15.05 -20.75
N ARG C 577 13.67 -14.03 -20.14
CA ARG C 577 13.36 -12.62 -20.49
C ARG C 577 13.54 -12.42 -21.99
N ALA C 578 14.68 -12.83 -22.54
CA ALA C 578 14.98 -12.76 -23.99
C ALA C 578 13.89 -13.48 -24.82
N LEU C 579 13.62 -14.77 -24.54
CA LEU C 579 12.60 -15.57 -25.27
C LEU C 579 11.22 -14.90 -25.18
N THR C 580 10.77 -14.56 -23.99
CA THR C 580 9.39 -14.06 -23.78
C THR C 580 9.20 -12.71 -24.47
N GLU C 581 10.14 -11.76 -24.33
CA GLU C 581 9.99 -10.41 -24.96
C GLU C 581 10.15 -10.51 -26.50
N GLU C 582 10.94 -11.43 -27.03
CA GLU C 582 11.07 -11.65 -28.50
C GLU C 582 9.95 -12.54 -29.05
N THR C 583 8.87 -12.87 -28.31
CA THR C 583 7.81 -13.80 -28.78
C THR C 583 6.39 -13.42 -28.32
N GLY C 584 6.24 -12.71 -27.20
CA GLY C 584 4.95 -12.44 -26.56
C GLY C 584 4.33 -13.73 -26.05
N THR C 585 5.17 -14.76 -25.89
CA THR C 585 4.80 -16.10 -25.43
C THR C 585 5.49 -16.44 -24.11
N THR C 586 4.77 -16.76 -23.03
CA THR C 586 5.47 -17.28 -21.81
C THR C 586 5.77 -18.76 -22.07
N ILE C 587 6.99 -19.20 -21.83
CA ILE C 587 7.45 -20.59 -22.12
C ILE C 587 7.51 -21.36 -20.78
N GLU C 588 6.74 -22.44 -20.65
CA GLU C 588 6.69 -23.25 -19.39
C GLU C 588 6.93 -24.76 -19.57
N ILE C 589 7.98 -25.32 -18.99
CA ILE C 589 8.18 -26.81 -19.00
C ILE C 589 7.02 -27.42 -18.22
N GLU C 590 6.64 -26.80 -17.09
CA GLU C 590 5.50 -27.20 -16.22
C GLU C 590 5.74 -28.56 -15.53
N ASP C 591 6.97 -29.09 -15.54
CA ASP C 591 7.50 -30.22 -14.74
C ASP C 591 7.08 -31.63 -15.19
N ASP C 592 6.46 -31.81 -16.36
CA ASP C 592 6.30 -33.15 -17.02
C ASP C 592 7.25 -33.28 -18.23
N GLY C 593 8.13 -32.30 -18.40
CA GLY C 593 9.17 -32.31 -19.43
C GLY C 593 8.73 -31.80 -20.79
N THR C 594 7.47 -31.38 -20.98
CA THR C 594 6.98 -30.91 -22.31
C THR C 594 6.89 -29.38 -22.28
N VAL C 595 7.58 -28.68 -23.16
CA VAL C 595 7.59 -27.19 -23.18
C VAL C 595 6.19 -26.69 -23.56
N LYS C 596 5.48 -26.12 -22.59
CA LYS C 596 4.12 -25.55 -22.79
C LYS C 596 4.28 -24.10 -23.27
N ILE C 597 3.67 -23.79 -24.40
CA ILE C 597 3.73 -22.41 -24.98
C ILE C 597 2.30 -21.90 -25.17
N ALA C 598 2.04 -20.68 -24.70
CA ALA C 598 0.71 -20.04 -24.79
C ALA C 598 0.81 -18.55 -25.11
N ALA C 599 -0.12 -18.06 -25.95
CA ALA C 599 -0.25 -16.65 -26.39
C ALA C 599 -1.60 -16.41 -27.05
N THR C 600 -2.08 -15.16 -27.02
CA THR C 600 -3.35 -14.63 -27.59
C THR C 600 -3.65 -15.12 -29.01
N ASP C 601 -2.55 -15.28 -29.77
CA ASP C 601 -2.47 -15.56 -31.22
C ASP C 601 -1.71 -16.86 -31.49
N GLY C 602 -2.07 -17.53 -32.58
CA GLY C 602 -1.31 -18.67 -33.13
C GLY C 602 0.03 -18.22 -33.63
N GLU C 603 0.11 -16.99 -34.16
CA GLU C 603 1.35 -16.39 -34.70
C GLU C 603 2.44 -16.39 -33.63
N LYS C 604 2.11 -15.93 -32.43
CA LYS C 604 3.07 -15.80 -31.31
C LYS C 604 3.55 -17.20 -30.92
N ALA C 605 2.63 -18.15 -30.81
CA ALA C 605 2.93 -19.53 -30.38
C ALA C 605 3.88 -20.15 -31.40
N LYS C 606 3.57 -20.02 -32.69
CA LYS C 606 4.40 -20.62 -33.74
C LYS C 606 5.77 -19.96 -33.66
N HIS C 607 5.80 -18.65 -33.47
CA HIS C 607 7.08 -17.90 -33.41
C HIS C 607 7.93 -18.52 -32.31
N ALA C 608 7.37 -18.67 -31.11
CA ALA C 608 8.09 -19.20 -29.94
C ALA C 608 8.55 -20.63 -30.25
N ILE C 609 7.63 -21.48 -30.71
CA ILE C 609 7.94 -22.90 -30.95
C ILE C 609 9.10 -22.97 -31.94
N ARG C 610 8.98 -22.21 -33.04
CA ARG C 610 9.99 -22.18 -34.12
C ARG C 610 11.33 -21.76 -33.52
N ARG C 611 11.32 -20.73 -32.67
CA ARG C 611 12.55 -20.18 -32.05
C ARG C 611 13.20 -21.26 -31.15
N ILE C 612 12.44 -21.92 -30.30
CA ILE C 612 13.07 -22.89 -29.33
C ILE C 612 13.51 -24.16 -30.07
N GLU C 613 12.85 -24.55 -31.16
CA GLU C 613 13.32 -25.74 -31.93
C GLU C 613 14.60 -25.36 -32.68
N GLU C 614 14.84 -24.10 -33.04
CA GLU C 614 16.16 -23.68 -33.56
C GLU C 614 17.14 -23.69 -32.38
N ILE C 615 16.77 -23.20 -31.20
CA ILE C 615 17.76 -23.06 -30.08
C ILE C 615 18.28 -24.46 -29.69
N THR C 616 17.40 -25.44 -29.74
CA THR C 616 17.65 -26.86 -29.34
C THR C 616 17.96 -27.79 -30.54
N ALA C 617 18.22 -27.27 -31.73
CA ALA C 617 18.24 -28.05 -33.00
C ALA C 617 19.31 -29.13 -33.04
N GLU C 618 20.37 -29.05 -32.23
CA GLU C 618 21.51 -30.01 -32.26
C GLU C 618 21.13 -31.33 -31.57
N ILE C 619 20.25 -32.10 -32.21
CA ILE C 619 19.71 -33.40 -31.69
C ILE C 619 20.87 -34.42 -31.63
N GLU C 620 21.63 -34.53 -32.71
CA GLU C 620 22.81 -35.44 -32.79
C GLU C 620 24.07 -34.69 -32.33
N VAL C 621 25.25 -35.25 -32.58
CA VAL C 621 26.58 -34.66 -32.20
C VAL C 621 26.66 -33.21 -32.75
N GLY C 622 26.25 -32.98 -34.02
CA GLY C 622 26.20 -31.65 -34.64
C GLY C 622 26.20 -31.69 -36.17
N ARG C 623 26.68 -30.61 -36.81
CA ARG C 623 26.88 -30.56 -38.29
C ARG C 623 28.32 -30.24 -38.62
N VAL C 624 28.81 -30.76 -39.76
CA VAL C 624 30.14 -30.37 -40.31
C VAL C 624 29.99 -29.05 -41.08
N TYR C 625 30.98 -28.15 -40.93
CA TYR C 625 31.12 -26.91 -41.73
C TYR C 625 32.60 -26.65 -42.04
N THR C 626 32.87 -25.84 -43.06
CA THR C 626 34.24 -25.30 -43.33
C THR C 626 34.54 -24.06 -42.46
N GLY C 627 35.81 -23.95 -42.06
CA GLY C 627 36.36 -22.79 -41.33
C GLY C 627 37.85 -22.66 -41.55
N LYS C 628 38.47 -21.59 -41.05
CA LYS C 628 39.94 -21.38 -41.14
C LYS C 628 40.46 -20.84 -39.81
N VAL C 629 41.72 -21.12 -39.48
CA VAL C 629 42.34 -20.66 -38.20
C VAL C 629 42.53 -19.14 -38.17
N THR C 630 42.12 -18.55 -37.07
CA THR C 630 42.38 -17.14 -36.66
C THR C 630 43.65 -17.09 -35.79
N ARG C 631 43.85 -18.09 -34.90
CA ARG C 631 45.06 -18.31 -34.08
C ARG C 631 45.36 -19.81 -34.00
N ILE C 632 46.62 -20.19 -33.80
CA ILE C 632 46.99 -21.63 -33.66
C ILE C 632 48.15 -21.78 -32.67
N VAL C 633 48.00 -22.72 -31.72
CA VAL C 633 49.01 -23.03 -30.67
C VAL C 633 49.07 -24.55 -30.43
N ASP C 634 50.09 -25.01 -29.69
CA ASP C 634 50.32 -26.46 -29.45
C ASP C 634 49.29 -27.04 -28.46
N PHE C 635 48.31 -26.26 -28.01
CA PHE C 635 47.13 -26.72 -27.22
C PHE C 635 45.89 -26.86 -28.14
N GLY C 636 45.79 -26.06 -29.19
CA GLY C 636 44.68 -26.14 -30.14
C GLY C 636 44.64 -25.03 -31.19
N ALA C 637 43.70 -25.17 -32.13
CA ALA C 637 43.63 -24.33 -33.35
C ALA C 637 42.27 -23.62 -33.42
N PHE C 638 42.26 -22.28 -33.35
CA PHE C 638 41.03 -21.47 -33.17
C PHE C 638 40.44 -21.13 -34.54
N VAL C 639 39.52 -21.98 -35.02
CA VAL C 639 38.91 -21.87 -36.38
C VAL C 639 37.63 -21.03 -36.37
N ALA C 640 37.41 -20.26 -37.41
CA ALA C 640 36.10 -19.62 -37.67
C ALA C 640 35.13 -20.63 -38.32
N ILE C 641 34.48 -21.49 -37.54
CA ILE C 641 33.48 -22.44 -38.07
C ILE C 641 32.22 -21.65 -38.47
N GLY C 642 31.97 -20.46 -37.91
CA GLY C 642 30.91 -19.55 -38.37
C GLY C 642 30.18 -18.86 -37.24
N GLY C 643 29.24 -17.99 -37.59
CA GLY C 643 28.47 -17.11 -36.67
C GLY C 643 29.36 -16.28 -35.76
N GLY C 644 30.52 -15.83 -36.27
CA GLY C 644 31.52 -15.03 -35.54
C GLY C 644 31.97 -15.64 -34.22
N LYS C 645 32.13 -16.96 -34.15
CA LYS C 645 32.65 -17.61 -32.92
C LYS C 645 33.88 -18.44 -33.32
N GLU C 646 35.00 -18.24 -32.63
CA GLU C 646 36.22 -19.07 -32.79
C GLU C 646 36.02 -20.41 -32.08
N GLY C 647 36.40 -21.53 -32.70
CA GLY C 647 36.28 -22.87 -32.12
C GLY C 647 37.63 -23.53 -31.90
N LEU C 648 37.86 -24.15 -30.75
CA LEU C 648 39.19 -24.74 -30.43
C LEU C 648 39.33 -26.18 -30.94
N VAL C 649 40.15 -26.42 -31.97
CA VAL C 649 40.45 -27.84 -32.35
C VAL C 649 41.40 -28.30 -31.26
N HIS C 650 41.01 -29.29 -30.44
CA HIS C 650 41.90 -29.81 -29.37
C HIS C 650 43.15 -30.42 -30.03
N ILE C 651 44.34 -30.20 -29.47
CA ILE C 651 45.61 -30.77 -30.00
C ILE C 651 45.39 -32.26 -30.24
N SER C 652 44.46 -32.88 -29.52
CA SER C 652 44.21 -34.34 -29.67
C SER C 652 43.66 -34.65 -31.05
N GLN C 653 42.69 -33.85 -31.52
CA GLN C 653 42.03 -34.11 -32.83
C GLN C 653 42.66 -33.24 -33.93
N ILE C 654 43.74 -32.52 -33.61
CA ILE C 654 44.32 -31.58 -34.63
C ILE C 654 44.79 -32.38 -35.86
N ALA C 655 45.44 -33.53 -35.65
CA ALA C 655 45.84 -34.39 -36.79
C ALA C 655 45.33 -35.82 -36.54
N ASP C 656 44.28 -35.96 -35.72
CA ASP C 656 43.69 -37.29 -35.39
C ASP C 656 44.74 -38.20 -34.73
N LYS C 657 44.84 -39.46 -35.16
CA LYS C 657 45.76 -40.42 -34.49
C LYS C 657 47.22 -39.97 -34.65
N ARG C 658 47.62 -39.55 -35.86
CA ARG C 658 49.01 -39.08 -36.10
C ARG C 658 49.09 -37.58 -35.80
N VAL C 659 48.99 -37.19 -34.52
CA VAL C 659 48.96 -35.74 -34.16
C VAL C 659 50.39 -35.23 -33.96
N GLU C 660 51.10 -35.74 -32.93
CA GLU C 660 52.46 -35.22 -32.59
C GLU C 660 52.43 -33.69 -32.55
N LYS C 661 53.41 -33.05 -33.20
CA LYS C 661 53.46 -31.56 -33.24
C LYS C 661 52.27 -31.02 -34.03
N VAL C 662 51.68 -29.92 -33.57
CA VAL C 662 50.53 -29.29 -34.29
C VAL C 662 51.01 -28.88 -35.68
N THR C 663 52.31 -28.66 -35.86
CA THR C 663 52.85 -28.16 -37.15
C THR C 663 52.38 -28.99 -38.35
N ASP C 664 51.90 -30.21 -38.13
CA ASP C 664 51.44 -31.12 -39.20
C ASP C 664 50.33 -30.39 -39.96
N TYR C 665 49.22 -30.07 -39.27
CA TYR C 665 48.02 -29.44 -39.89
C TYR C 665 48.06 -27.92 -39.68
N LEU C 666 49.01 -27.45 -38.86
CA LEU C 666 49.14 -26.00 -38.55
C LEU C 666 49.27 -25.19 -39.84
N GLN C 667 48.27 -24.37 -40.15
CA GLN C 667 48.42 -23.44 -41.30
C GLN C 667 47.47 -22.27 -41.06
N MET C 668 47.97 -21.09 -40.72
CA MET C 668 47.03 -19.99 -40.37
C MET C 668 46.18 -19.64 -41.60
N GLY C 669 44.85 -19.62 -41.44
CA GLY C 669 43.94 -19.32 -42.56
C GLY C 669 43.69 -20.55 -43.44
N GLN C 670 44.28 -21.69 -43.08
CA GLN C 670 44.10 -22.94 -43.89
C GLN C 670 42.63 -23.31 -43.81
N GLU C 671 41.91 -23.24 -44.93
CA GLU C 671 40.51 -23.64 -44.71
C GLU C 671 40.43 -25.18 -44.57
N VAL C 672 39.60 -25.64 -43.64
CA VAL C 672 39.35 -27.08 -43.36
C VAL C 672 37.90 -27.26 -42.94
N PRO C 673 37.28 -28.42 -43.24
CA PRO C 673 36.02 -28.82 -42.59
C PRO C 673 36.19 -29.39 -41.18
N VAL C 674 35.25 -29.07 -40.30
CA VAL C 674 35.25 -29.40 -38.85
C VAL C 674 33.81 -29.69 -38.38
N LYS C 675 33.63 -30.58 -37.41
CA LYS C 675 32.32 -30.91 -36.79
C LYS C 675 32.37 -30.56 -35.30
N VAL C 676 31.34 -29.94 -34.75
CA VAL C 676 31.37 -29.47 -33.33
C VAL C 676 30.93 -30.63 -32.44
N LEU C 677 31.78 -31.08 -31.52
CA LEU C 677 31.37 -32.11 -30.54
C LEU C 677 30.48 -31.49 -29.44
N GLU C 678 30.93 -30.43 -28.79
CA GLU C 678 30.24 -29.87 -27.59
C GLU C 678 30.68 -28.44 -27.26
N VAL C 679 29.80 -27.69 -26.58
CA VAL C 679 30.18 -26.45 -25.86
C VAL C 679 30.60 -26.85 -24.45
N ASP C 680 31.79 -26.46 -24.03
CA ASP C 680 32.45 -26.90 -22.77
C ASP C 680 32.19 -25.87 -21.65
N ARG C 681 32.82 -26.03 -20.48
CA ARG C 681 32.84 -25.01 -19.38
C ARG C 681 33.59 -23.73 -19.82
N GLN C 682 33.21 -22.60 -19.21
CA GLN C 682 33.82 -21.24 -19.34
C GLN C 682 33.84 -20.74 -20.81
N GLY C 683 32.92 -21.24 -21.65
CA GLY C 683 32.55 -20.61 -22.93
C GLY C 683 33.32 -21.12 -24.14
N ARG C 684 34.28 -22.06 -23.96
CA ARG C 684 35.05 -22.63 -25.11
C ARG C 684 34.22 -23.71 -25.83
N ILE C 685 34.41 -23.84 -27.14
CA ILE C 685 33.70 -24.84 -27.98
C ILE C 685 34.72 -25.84 -28.55
N ARG C 686 34.43 -27.13 -28.42
CA ARG C 686 35.40 -28.23 -28.72
C ARG C 686 34.94 -29.02 -29.95
N LEU C 687 35.86 -29.25 -30.88
CA LEU C 687 35.58 -29.69 -32.27
C LEU C 687 36.44 -30.91 -32.65
N SER C 688 35.99 -31.76 -33.58
CA SER C 688 36.79 -32.90 -34.10
C SER C 688 36.86 -32.84 -35.63
N ILE C 689 37.95 -33.30 -36.23
CA ILE C 689 38.10 -33.24 -37.73
C ILE C 689 38.08 -34.66 -38.31
N LYS C 690 36.89 -35.23 -38.43
CA LYS C 690 36.67 -36.55 -39.06
C LYS C 690 36.40 -36.33 -40.56
N GLU C 691 37.45 -36.37 -41.39
CA GLU C 691 37.29 -36.28 -42.86
C GLU C 691 36.45 -37.46 -43.36
N ALA C 692 36.75 -38.66 -42.87
CA ALA C 692 35.94 -39.88 -43.10
C ALA C 692 34.68 -39.74 -42.25
N THR C 693 33.56 -40.32 -42.69
CA THR C 693 32.31 -40.36 -41.86
C THR C 693 32.62 -41.04 -40.51
N GLU C 694 32.37 -40.35 -39.41
CA GLU C 694 32.72 -40.82 -38.04
C GLU C 694 31.96 -40.00 -37.01
N GLN C 695 31.05 -40.62 -36.26
CA GLN C 695 30.24 -39.95 -35.20
C GLN C 695 30.36 -40.75 -33.89
#